data_1BO0
# 
_entry.id   1BO0 
# 
_audit_conform.dict_name       mmcif_pdbx.dic 
_audit_conform.dict_version    5.397 
_audit_conform.dict_location   http://mmcif.pdb.org/dictionaries/ascii/mmcif_pdbx.dic 
# 
loop_
_database_2.database_id 
_database_2.database_code 
_database_2.pdbx_database_accession 
_database_2.pdbx_DOI 
PDB   1BO0         pdb_00001bo0 10.2210/pdb1bo0/pdb 
RCSB  RCSB008202   ?            ?                   
WWPDB D_1000008202 ?            ?                   
# 
loop_
_pdbx_audit_revision_history.ordinal 
_pdbx_audit_revision_history.data_content_type 
_pdbx_audit_revision_history.major_revision 
_pdbx_audit_revision_history.minor_revision 
_pdbx_audit_revision_history.revision_date 
1 'Structure model' 1 0 1999-10-10 
2 'Structure model' 1 1 2008-04-27 
3 'Structure model' 1 2 2011-07-13 
4 'Structure model' 1 3 2022-02-16 
5 'Structure model' 1 4 2024-10-30 
# 
_pdbx_audit_revision_details.ordinal             1 
_pdbx_audit_revision_details.revision_ordinal    1 
_pdbx_audit_revision_details.data_content_type   'Structure model' 
_pdbx_audit_revision_details.provider            repository 
_pdbx_audit_revision_details.type                'Initial release' 
_pdbx_audit_revision_details.description         ? 
_pdbx_audit_revision_details.details             ? 
# 
loop_
_pdbx_audit_revision_group.ordinal 
_pdbx_audit_revision_group.revision_ordinal 
_pdbx_audit_revision_group.data_content_type 
_pdbx_audit_revision_group.group 
1 2 'Structure model' 'Version format compliance' 
2 3 'Structure model' 'Version format compliance' 
3 4 'Structure model' 'Database references'       
4 4 'Structure model' 'Derived calculations'      
5 5 'Structure model' 'Data collection'           
6 5 'Structure model' 'Structure summary'         
# 
loop_
_pdbx_audit_revision_category.ordinal 
_pdbx_audit_revision_category.revision_ordinal 
_pdbx_audit_revision_category.data_content_type 
_pdbx_audit_revision_category.category 
1 4 'Structure model' database_2                
2 4 'Structure model' pdbx_struct_assembly      
3 4 'Structure model' pdbx_struct_oper_list     
4 5 'Structure model' chem_comp_atom            
5 5 'Structure model' chem_comp_bond            
6 5 'Structure model' pdbx_entry_details        
7 5 'Structure model' pdbx_modification_feature 
# 
loop_
_pdbx_audit_revision_item.ordinal 
_pdbx_audit_revision_item.revision_ordinal 
_pdbx_audit_revision_item.data_content_type 
_pdbx_audit_revision_item.item 
1 4 'Structure model' '_database_2.pdbx_DOI'                
2 4 'Structure model' '_database_2.pdbx_database_accession' 
# 
_pdbx_database_status.status_code                     REL 
_pdbx_database_status.entry_id                        1BO0 
_pdbx_database_status.recvd_initial_deposition_date   1998-08-10 
_pdbx_database_status.deposit_site                    BNL 
_pdbx_database_status.process_site                    RCSB 
_pdbx_database_status.status_code_mr                  REL 
_pdbx_database_status.SG_entry                        . 
_pdbx_database_status.pdb_format_compatible           Y 
_pdbx_database_status.status_code_sf                  ? 
_pdbx_database_status.status_code_cs                  ? 
_pdbx_database_status.status_code_nmr_data            ? 
_pdbx_database_status.methods_development_category    ? 
# 
loop_
_audit_author.name 
_audit_author.pdbx_ordinal 
'Kwon, D.'    1 
'Lee, D.'     2 
'Sykes, B.D.' 3 
'Kim, K.-S.'  4 
# 
_citation.id                        primary 
_citation.title                     'Structural characterization of a monomeric chemokine: monocyte chemoattractant protein-3.' 
_citation.journal_abbrev            'FEBS Lett.' 
_citation.journal_volume            395 
_citation.page_first                277 
_citation.page_last                 282 
_citation.year                      1996 
_citation.journal_id_ASTM           FEBLAL 
_citation.country                   NE 
_citation.journal_id_ISSN           0014-5793 
_citation.journal_id_CSD            0165 
_citation.book_publisher            ? 
_citation.pdbx_database_id_PubMed   8898111 
_citation.pdbx_database_id_DOI      '10.1016/0014-5793(96)01024-1' 
# 
loop_
_citation_author.citation_id 
_citation_author.name 
_citation_author.ordinal 
_citation_author.identifier_ORCID 
primary 'Kim, K.S.'       1 ? 
primary 'Rajarathnam, K.' 2 ? 
primary 'Clark-Lewis, I.' 3 ? 
primary 'Sykes, B.D.'     4 ? 
# 
_entity.id                         1 
_entity.type                       polymer 
_entity.src_method                 man 
_entity.pdbx_description           'PROTEIN (MONOCYTE CHEMOATTRACTANT PROTEIN-3)' 
_entity.formula_weight             8974.482 
_entity.pdbx_number_of_molecules   1 
_entity.pdbx_ec                    ? 
_entity.pdbx_mutation              ? 
_entity.pdbx_fragment              ? 
_entity.details                    ? 
# 
_entity_name_com.entity_id   1 
_entity_name_com.name        MCP-3 
# 
_entity_poly.entity_id                      1 
_entity_poly.type                           'polypeptide(L)' 
_entity_poly.nstd_linkage                   no 
_entity_poly.nstd_monomer                   no 
_entity_poly.pdbx_seq_one_letter_code       QPVGINTSTTCCYRFINKKIPKQRLESYRRTTSSHCPREAVIFKTKLDKEICADPTQKWVQDFMKHLDKKTQTPKL 
_entity_poly.pdbx_seq_one_letter_code_can   QPVGINTSTTCCYRFINKKIPKQRLESYRRTTSSHCPREAVIFKTKLDKEICADPTQKWVQDFMKHLDKKTQTPKL 
_entity_poly.pdbx_strand_id                 A 
_entity_poly.pdbx_target_identifier         ? 
# 
loop_
_entity_poly_seq.entity_id 
_entity_poly_seq.num 
_entity_poly_seq.mon_id 
_entity_poly_seq.hetero 
1 1  GLN n 
1 2  PRO n 
1 3  VAL n 
1 4  GLY n 
1 5  ILE n 
1 6  ASN n 
1 7  THR n 
1 8  SER n 
1 9  THR n 
1 10 THR n 
1 11 CYS n 
1 12 CYS n 
1 13 TYR n 
1 14 ARG n 
1 15 PHE n 
1 16 ILE n 
1 17 ASN n 
1 18 LYS n 
1 19 LYS n 
1 20 ILE n 
1 21 PRO n 
1 22 LYS n 
1 23 GLN n 
1 24 ARG n 
1 25 LEU n 
1 26 GLU n 
1 27 SER n 
1 28 TYR n 
1 29 ARG n 
1 30 ARG n 
1 31 THR n 
1 32 THR n 
1 33 SER n 
1 34 SER n 
1 35 HIS n 
1 36 CYS n 
1 37 PRO n 
1 38 ARG n 
1 39 GLU n 
1 40 ALA n 
1 41 VAL n 
1 42 ILE n 
1 43 PHE n 
1 44 LYS n 
1 45 THR n 
1 46 LYS n 
1 47 LEU n 
1 48 ASP n 
1 49 LYS n 
1 50 GLU n 
1 51 ILE n 
1 52 CYS n 
1 53 ALA n 
1 54 ASP n 
1 55 PRO n 
1 56 THR n 
1 57 GLN n 
1 58 LYS n 
1 59 TRP n 
1 60 VAL n 
1 61 GLN n 
1 62 ASP n 
1 63 PHE n 
1 64 MET n 
1 65 LYS n 
1 66 HIS n 
1 67 LEU n 
1 68 ASP n 
1 69 LYS n 
1 70 LYS n 
1 71 THR n 
1 72 GLN n 
1 73 THR n 
1 74 PRO n 
1 75 LYS n 
1 76 LEU n 
# 
_entity_src_gen.entity_id                          1 
_entity_src_gen.pdbx_src_id                        1 
_entity_src_gen.pdbx_alt_source_flag               sample 
_entity_src_gen.pdbx_seq_type                      ? 
_entity_src_gen.pdbx_beg_seq_num                   ? 
_entity_src_gen.pdbx_end_seq_num                   ? 
_entity_src_gen.gene_src_common_name               human 
_entity_src_gen.gene_src_genus                     Homo 
_entity_src_gen.pdbx_gene_src_gene                 ? 
_entity_src_gen.gene_src_species                   ? 
_entity_src_gen.gene_src_strain                    ? 
_entity_src_gen.gene_src_tissue                    ? 
_entity_src_gen.gene_src_tissue_fraction           ? 
_entity_src_gen.gene_src_details                   ? 
_entity_src_gen.pdbx_gene_src_fragment             ? 
_entity_src_gen.pdbx_gene_src_scientific_name      'Homo sapiens' 
_entity_src_gen.pdbx_gene_src_ncbi_taxonomy_id     9606 
_entity_src_gen.pdbx_gene_src_variant              ? 
_entity_src_gen.pdbx_gene_src_cell_line            ? 
_entity_src_gen.pdbx_gene_src_atcc                 ? 
_entity_src_gen.pdbx_gene_src_organ                ? 
_entity_src_gen.pdbx_gene_src_organelle            ? 
_entity_src_gen.pdbx_gene_src_cell                 ? 
_entity_src_gen.pdbx_gene_src_cellular_location    ? 
_entity_src_gen.host_org_common_name               ? 
_entity_src_gen.pdbx_host_org_scientific_name      'Escherichia coli BL21(DE3)' 
_entity_src_gen.pdbx_host_org_ncbi_taxonomy_id     469008 
_entity_src_gen.host_org_genus                     Escherichia 
_entity_src_gen.pdbx_host_org_gene                 ? 
_entity_src_gen.pdbx_host_org_organ                ? 
_entity_src_gen.host_org_species                   'Escherichia coli' 
_entity_src_gen.pdbx_host_org_tissue               ? 
_entity_src_gen.pdbx_host_org_tissue_fraction      ? 
_entity_src_gen.pdbx_host_org_strain               'BL21 (DE3)' 
_entity_src_gen.pdbx_host_org_variant              ? 
_entity_src_gen.pdbx_host_org_cell_line            ? 
_entity_src_gen.pdbx_host_org_atcc                 ? 
_entity_src_gen.pdbx_host_org_culture_collection   ? 
_entity_src_gen.pdbx_host_org_cell                 ? 
_entity_src_gen.pdbx_host_org_organelle            ? 
_entity_src_gen.pdbx_host_org_cellular_location    CYTOPLASM 
_entity_src_gen.pdbx_host_org_vector_type          ? 
_entity_src_gen.pdbx_host_org_vector               ? 
_entity_src_gen.host_org_details                   ? 
_entity_src_gen.expression_system_id               ? 
_entity_src_gen.plasmid_name                       PET15B 
_entity_src_gen.plasmid_details                    ? 
_entity_src_gen.pdbx_description                   ? 
# 
loop_
_chem_comp.id 
_chem_comp.type 
_chem_comp.mon_nstd_flag 
_chem_comp.name 
_chem_comp.pdbx_synonyms 
_chem_comp.formula 
_chem_comp.formula_weight 
ALA 'L-peptide linking' y ALANINE         ? 'C3 H7 N O2'     89.093  
ARG 'L-peptide linking' y ARGININE        ? 'C6 H15 N4 O2 1' 175.209 
ASN 'L-peptide linking' y ASPARAGINE      ? 'C4 H8 N2 O3'    132.118 
ASP 'L-peptide linking' y 'ASPARTIC ACID' ? 'C4 H7 N O4'     133.103 
CYS 'L-peptide linking' y CYSTEINE        ? 'C3 H7 N O2 S'   121.158 
GLN 'L-peptide linking' y GLUTAMINE       ? 'C5 H10 N2 O3'   146.144 
GLU 'L-peptide linking' y 'GLUTAMIC ACID' ? 'C5 H9 N O4'     147.129 
GLY 'peptide linking'   y GLYCINE         ? 'C2 H5 N O2'     75.067  
HIS 'L-peptide linking' y HISTIDINE       ? 'C6 H10 N3 O2 1' 156.162 
ILE 'L-peptide linking' y ISOLEUCINE      ? 'C6 H13 N O2'    131.173 
LEU 'L-peptide linking' y LEUCINE         ? 'C6 H13 N O2'    131.173 
LYS 'L-peptide linking' y LYSINE          ? 'C6 H15 N2 O2 1' 147.195 
MET 'L-peptide linking' y METHIONINE      ? 'C5 H11 N O2 S'  149.211 
PHE 'L-peptide linking' y PHENYLALANINE   ? 'C9 H11 N O2'    165.189 
PRO 'L-peptide linking' y PROLINE         ? 'C5 H9 N O2'     115.130 
SER 'L-peptide linking' y SERINE          ? 'C3 H7 N O3'     105.093 
THR 'L-peptide linking' y THREONINE       ? 'C4 H9 N O3'     119.119 
TRP 'L-peptide linking' y TRYPTOPHAN      ? 'C11 H12 N2 O2'  204.225 
TYR 'L-peptide linking' y TYROSINE        ? 'C9 H11 N O3'    181.189 
VAL 'L-peptide linking' y VALINE          ? 'C5 H11 N O2'    117.146 
# 
loop_
_pdbx_poly_seq_scheme.asym_id 
_pdbx_poly_seq_scheme.entity_id 
_pdbx_poly_seq_scheme.seq_id 
_pdbx_poly_seq_scheme.mon_id 
_pdbx_poly_seq_scheme.ndb_seq_num 
_pdbx_poly_seq_scheme.pdb_seq_num 
_pdbx_poly_seq_scheme.auth_seq_num 
_pdbx_poly_seq_scheme.pdb_mon_id 
_pdbx_poly_seq_scheme.auth_mon_id 
_pdbx_poly_seq_scheme.pdb_strand_id 
_pdbx_poly_seq_scheme.pdb_ins_code 
_pdbx_poly_seq_scheme.hetero 
A 1 1  GLN 1  1  1  GLN GLN A . n 
A 1 2  PRO 2  2  2  PRO PRO A . n 
A 1 3  VAL 3  3  3  VAL VAL A . n 
A 1 4  GLY 4  4  4  GLY GLY A . n 
A 1 5  ILE 5  5  5  ILE ILE A . n 
A 1 6  ASN 6  6  6  ASN ASN A . n 
A 1 7  THR 7  7  7  THR THR A . n 
A 1 8  SER 8  8  8  SER SER A . n 
A 1 9  THR 9  9  9  THR THR A . n 
A 1 10 THR 10 10 10 THR THR A . n 
A 1 11 CYS 11 11 11 CYS CYS A . n 
A 1 12 CYS 12 12 12 CYS CYS A . n 
A 1 13 TYR 13 13 13 TYR TYR A . n 
A 1 14 ARG 14 14 14 ARG ARG A . n 
A 1 15 PHE 15 15 15 PHE PHE A . n 
A 1 16 ILE 16 16 16 ILE ILE A . n 
A 1 17 ASN 17 17 17 ASN ASN A . n 
A 1 18 LYS 18 18 18 LYS LYS A . n 
A 1 19 LYS 19 19 19 LYS LYS A . n 
A 1 20 ILE 20 20 20 ILE ILE A . n 
A 1 21 PRO 21 21 21 PRO PRO A . n 
A 1 22 LYS 22 22 22 LYS LYS A . n 
A 1 23 GLN 23 23 23 GLN GLN A . n 
A 1 24 ARG 24 24 24 ARG ARG A . n 
A 1 25 LEU 25 25 25 LEU LEU A . n 
A 1 26 GLU 26 26 26 GLU GLU A . n 
A 1 27 SER 27 27 27 SER SER A . n 
A 1 28 TYR 28 28 28 TYR TYR A . n 
A 1 29 ARG 29 29 29 ARG ARG A . n 
A 1 30 ARG 30 30 30 ARG ARG A . n 
A 1 31 THR 31 31 31 THR THR A . n 
A 1 32 THR 32 32 32 THR THR A . n 
A 1 33 SER 33 33 33 SER SER A . n 
A 1 34 SER 34 34 34 SER SER A . n 
A 1 35 HIS 35 35 35 HIS HIS A . n 
A 1 36 CYS 36 36 36 CYS CYS A . n 
A 1 37 PRO 37 37 37 PRO PRO A . n 
A 1 38 ARG 38 38 38 ARG ARG A . n 
A 1 39 GLU 39 39 39 GLU GLU A . n 
A 1 40 ALA 40 40 40 ALA ALA A . n 
A 1 41 VAL 41 41 41 VAL VAL A . n 
A 1 42 ILE 42 42 42 ILE ILE A . n 
A 1 43 PHE 43 43 43 PHE PHE A . n 
A 1 44 LYS 44 44 44 LYS LYS A . n 
A 1 45 THR 45 45 45 THR THR A . n 
A 1 46 LYS 46 46 46 LYS LYS A . n 
A 1 47 LEU 47 47 47 LEU LEU A . n 
A 1 48 ASP 48 48 48 ASP ASP A . n 
A 1 49 LYS 49 49 49 LYS LYS A . n 
A 1 50 GLU 50 50 50 GLU GLU A . n 
A 1 51 ILE 51 51 51 ILE ILE A . n 
A 1 52 CYS 52 52 52 CYS CYS A . n 
A 1 53 ALA 53 53 53 ALA ALA A . n 
A 1 54 ASP 54 54 54 ASP ASP A . n 
A 1 55 PRO 55 55 55 PRO PRO A . n 
A 1 56 THR 56 56 56 THR THR A . n 
A 1 57 GLN 57 57 57 GLN GLN A . n 
A 1 58 LYS 58 58 58 LYS LYS A . n 
A 1 59 TRP 59 59 59 TRP TRP A . n 
A 1 60 VAL 60 60 60 VAL VAL A . n 
A 1 61 GLN 61 61 61 GLN GLN A . n 
A 1 62 ASP 62 62 62 ASP ASP A . n 
A 1 63 PHE 63 63 63 PHE PHE A . n 
A 1 64 MET 64 64 64 MET MET A . n 
A 1 65 LYS 65 65 65 LYS LYS A . n 
A 1 66 HIS 66 66 66 HIS HIS A . n 
A 1 67 LEU 67 67 67 LEU LEU A . n 
A 1 68 ASP 68 68 68 ASP ASP A . n 
A 1 69 LYS 69 69 69 LYS LYS A . n 
A 1 70 LYS 70 70 70 LYS LYS A . n 
A 1 71 THR 71 71 71 THR THR A . n 
A 1 72 GLN 72 72 72 GLN GLN A . n 
A 1 73 THR 73 73 73 THR THR A . n 
A 1 74 PRO 74 74 74 PRO PRO A . n 
A 1 75 LYS 75 75 75 LYS LYS A . n 
A 1 76 LEU 76 76 76 LEU LEU A . n 
# 
_cell.entry_id           1BO0 
_cell.length_a           1.000 
_cell.length_b           1.000 
_cell.length_c           1.000 
_cell.angle_alpha        90.00 
_cell.angle_beta         90.00 
_cell.angle_gamma        90.00 
_cell.Z_PDB              1 
_cell.pdbx_unique_axis   ? 
# 
_symmetry.entry_id                         1BO0 
_symmetry.space_group_name_H-M             'P 1' 
_symmetry.pdbx_full_space_group_name_H-M   ? 
_symmetry.cell_setting                     ? 
_symmetry.Int_Tables_number                1 
# 
_exptl.entry_id          1BO0 
_exptl.method            'SOLUTION NMR' 
_exptl.crystals_number   ? 
# 
_struct.entry_id                  1BO0 
_struct.title                     'MONOCYTE CHEMOATTRACTANT PROTEIN-3, NMR, MINIMIZED AVERAGE STRUCTURE' 
_struct.pdbx_model_details        ? 
_struct.pdbx_CASP_flag            ? 
_struct.pdbx_model_type_details   ? 
# 
_struct_keywords.entry_id        1BO0 
_struct_keywords.pdbx_keywords   'SIGNALING PROTEIN' 
_struct_keywords.text            'CHEMOTACTIC CYTOKINE, SIGNALING PROTEIN' 
# 
_struct_asym.id                            A 
_struct_asym.pdbx_blank_PDB_chainid_flag   N 
_struct_asym.pdbx_modified                 N 
_struct_asym.entity_id                     1 
_struct_asym.details                       ? 
# 
_struct_ref.id                         1 
_struct_ref.db_name                    UNP 
_struct_ref.db_code                    CCL7_HUMAN 
_struct_ref.pdbx_db_accession          P80098 
_struct_ref.entity_id                  1 
_struct_ref.pdbx_align_begin           24 
_struct_ref.pdbx_db_isoform            ? 
_struct_ref.pdbx_seq_one_letter_code   ? 
# 
_struct_ref_seq.align_id                      1 
_struct_ref_seq.ref_id                        1 
_struct_ref_seq.pdbx_PDB_id_code              1BO0 
_struct_ref_seq.pdbx_strand_id                A 
_struct_ref_seq.seq_align_beg                 1 
_struct_ref_seq.pdbx_seq_align_beg_ins_code   ? 
_struct_ref_seq.seq_align_end                 76 
_struct_ref_seq.pdbx_seq_align_end_ins_code   ? 
_struct_ref_seq.pdbx_db_accession             P80098 
_struct_ref_seq.db_align_beg                  24 
_struct_ref_seq.pdbx_db_align_beg_ins_code    ? 
_struct_ref_seq.db_align_end                  99 
_struct_ref_seq.pdbx_db_align_end_ins_code    ? 
_struct_ref_seq.pdbx_auth_seq_align_beg       1 
_struct_ref_seq.pdbx_auth_seq_align_end       76 
# 
_pdbx_struct_assembly.id                   1 
_pdbx_struct_assembly.details              author_defined_assembly 
_pdbx_struct_assembly.method_details       ? 
_pdbx_struct_assembly.oligomeric_details   monomeric 
_pdbx_struct_assembly.oligomeric_count     1 
# 
_pdbx_struct_assembly_gen.assembly_id       1 
_pdbx_struct_assembly_gen.oper_expression   1 
_pdbx_struct_assembly_gen.asym_id_list      A 
# 
_pdbx_struct_oper_list.id                   1 
_pdbx_struct_oper_list.type                 'identity operation' 
_pdbx_struct_oper_list.name                 1_555 
_pdbx_struct_oper_list.symmetry_operation   x,y,z 
_pdbx_struct_oper_list.matrix[1][1]         1.0000000000 
_pdbx_struct_oper_list.matrix[1][2]         0.0000000000 
_pdbx_struct_oper_list.matrix[1][3]         0.0000000000 
_pdbx_struct_oper_list.vector[1]            0.0000000000 
_pdbx_struct_oper_list.matrix[2][1]         0.0000000000 
_pdbx_struct_oper_list.matrix[2][2]         1.0000000000 
_pdbx_struct_oper_list.matrix[2][3]         0.0000000000 
_pdbx_struct_oper_list.vector[2]            0.0000000000 
_pdbx_struct_oper_list.matrix[3][1]         0.0000000000 
_pdbx_struct_oper_list.matrix[3][2]         0.0000000000 
_pdbx_struct_oper_list.matrix[3][3]         1.0000000000 
_pdbx_struct_oper_list.vector[3]            0.0000000000 
# 
_struct_biol.id   1 
# 
loop_
_struct_conf.conf_type_id 
_struct_conf.id 
_struct_conf.pdbx_PDB_helix_id 
_struct_conf.beg_label_comp_id 
_struct_conf.beg_label_asym_id 
_struct_conf.beg_label_seq_id 
_struct_conf.pdbx_beg_PDB_ins_code 
_struct_conf.end_label_comp_id 
_struct_conf.end_label_asym_id 
_struct_conf.end_label_seq_id 
_struct_conf.pdbx_end_PDB_ins_code 
_struct_conf.beg_auth_comp_id 
_struct_conf.beg_auth_asym_id 
_struct_conf.beg_auth_seq_id 
_struct_conf.end_auth_comp_id 
_struct_conf.end_auth_asym_id 
_struct_conf.end_auth_seq_id 
_struct_conf.pdbx_PDB_helix_class 
_struct_conf.details 
_struct_conf.pdbx_PDB_helix_length 
HELX_P HELX_P1 1 LYS A 22 ? ARG A 24 ? LYS A 22 ARG A 24 5 ? 3  
HELX_P HELX_P2 2 LYS A 58 ? ASP A 68 ? LYS A 58 ASP A 68 1 ? 11 
# 
_struct_conf_type.id          HELX_P 
_struct_conf_type.criteria    ? 
_struct_conf_type.reference   ? 
# 
loop_
_struct_conn.id 
_struct_conn.conn_type_id 
_struct_conn.pdbx_leaving_atom_flag 
_struct_conn.pdbx_PDB_id 
_struct_conn.ptnr1_label_asym_id 
_struct_conn.ptnr1_label_comp_id 
_struct_conn.ptnr1_label_seq_id 
_struct_conn.ptnr1_label_atom_id 
_struct_conn.pdbx_ptnr1_label_alt_id 
_struct_conn.pdbx_ptnr1_PDB_ins_code 
_struct_conn.pdbx_ptnr1_standard_comp_id 
_struct_conn.ptnr1_symmetry 
_struct_conn.ptnr2_label_asym_id 
_struct_conn.ptnr2_label_comp_id 
_struct_conn.ptnr2_label_seq_id 
_struct_conn.ptnr2_label_atom_id 
_struct_conn.pdbx_ptnr2_label_alt_id 
_struct_conn.pdbx_ptnr2_PDB_ins_code 
_struct_conn.ptnr1_auth_asym_id 
_struct_conn.ptnr1_auth_comp_id 
_struct_conn.ptnr1_auth_seq_id 
_struct_conn.ptnr2_auth_asym_id 
_struct_conn.ptnr2_auth_comp_id 
_struct_conn.ptnr2_auth_seq_id 
_struct_conn.ptnr2_symmetry 
_struct_conn.pdbx_ptnr3_label_atom_id 
_struct_conn.pdbx_ptnr3_label_seq_id 
_struct_conn.pdbx_ptnr3_label_comp_id 
_struct_conn.pdbx_ptnr3_label_asym_id 
_struct_conn.pdbx_ptnr3_label_alt_id 
_struct_conn.pdbx_ptnr3_PDB_ins_code 
_struct_conn.details 
_struct_conn.pdbx_dist_value 
_struct_conn.pdbx_value_order 
_struct_conn.pdbx_role 
disulf1 disulf ? ? A CYS 11 SG ? ? ? 1_555 A CYS 36 SG ? ? A CYS 11 A CYS 36 1_555 ? ? ? ? ? ? ? 2.019 ? ? 
disulf2 disulf ? ? A CYS 12 SG ? ? ? 1_555 A CYS 52 SG ? ? A CYS 12 A CYS 52 1_555 ? ? ? ? ? ? ? 2.021 ? ? 
# 
_struct_conn_type.id          disulf 
_struct_conn_type.criteria    ? 
_struct_conn_type.reference   ? 
# 
loop_
_pdbx_modification_feature.ordinal 
_pdbx_modification_feature.label_comp_id 
_pdbx_modification_feature.label_asym_id 
_pdbx_modification_feature.label_seq_id 
_pdbx_modification_feature.label_alt_id 
_pdbx_modification_feature.modified_residue_label_comp_id 
_pdbx_modification_feature.modified_residue_label_asym_id 
_pdbx_modification_feature.modified_residue_label_seq_id 
_pdbx_modification_feature.modified_residue_label_alt_id 
_pdbx_modification_feature.auth_comp_id 
_pdbx_modification_feature.auth_asym_id 
_pdbx_modification_feature.auth_seq_id 
_pdbx_modification_feature.PDB_ins_code 
_pdbx_modification_feature.symmetry 
_pdbx_modification_feature.modified_residue_auth_comp_id 
_pdbx_modification_feature.modified_residue_auth_asym_id 
_pdbx_modification_feature.modified_residue_auth_seq_id 
_pdbx_modification_feature.modified_residue_PDB_ins_code 
_pdbx_modification_feature.modified_residue_symmetry 
_pdbx_modification_feature.comp_id_linking_atom 
_pdbx_modification_feature.modified_residue_id_linking_atom 
_pdbx_modification_feature.modified_residue_id 
_pdbx_modification_feature.ref_pcm_id 
_pdbx_modification_feature.ref_comp_id 
_pdbx_modification_feature.type 
_pdbx_modification_feature.category 
1 CYS A 11 ? CYS A 36 ? CYS A 11 ? 1_555 CYS A 36 ? 1_555 SG SG . . . None 'Disulfide bridge' 
2 CYS A 12 ? CYS A 52 ? CYS A 12 ? 1_555 CYS A 52 ? 1_555 SG SG . . . None 'Disulfide bridge' 
# 
_struct_sheet.id               A 
_struct_sheet.type             ? 
_struct_sheet.number_strands   3 
_struct_sheet.details          ? 
# 
loop_
_struct_sheet_order.sheet_id 
_struct_sheet_order.range_id_1 
_struct_sheet_order.range_id_2 
_struct_sheet_order.offset 
_struct_sheet_order.sense 
A 1 2 ? anti-parallel 
A 2 3 ? anti-parallel 
# 
loop_
_struct_sheet_range.sheet_id 
_struct_sheet_range.id 
_struct_sheet_range.beg_label_comp_id 
_struct_sheet_range.beg_label_asym_id 
_struct_sheet_range.beg_label_seq_id 
_struct_sheet_range.pdbx_beg_PDB_ins_code 
_struct_sheet_range.end_label_comp_id 
_struct_sheet_range.end_label_asym_id 
_struct_sheet_range.end_label_seq_id 
_struct_sheet_range.pdbx_end_PDB_ins_code 
_struct_sheet_range.beg_auth_comp_id 
_struct_sheet_range.beg_auth_asym_id 
_struct_sheet_range.beg_auth_seq_id 
_struct_sheet_range.end_auth_comp_id 
_struct_sheet_range.end_auth_asym_id 
_struct_sheet_range.end_auth_seq_id 
A 1 GLU A 50 ? ASP A 54 ? GLU A 50 ASP A 54 
A 2 ALA A 40 ? THR A 45 ? ALA A 40 THR A 45 
A 3 LEU A 25 ? ARG A 30 ? LEU A 25 ARG A 30 
# 
loop_
_pdbx_struct_sheet_hbond.sheet_id 
_pdbx_struct_sheet_hbond.range_id_1 
_pdbx_struct_sheet_hbond.range_id_2 
_pdbx_struct_sheet_hbond.range_1_label_atom_id 
_pdbx_struct_sheet_hbond.range_1_label_comp_id 
_pdbx_struct_sheet_hbond.range_1_label_asym_id 
_pdbx_struct_sheet_hbond.range_1_label_seq_id 
_pdbx_struct_sheet_hbond.range_1_PDB_ins_code 
_pdbx_struct_sheet_hbond.range_1_auth_atom_id 
_pdbx_struct_sheet_hbond.range_1_auth_comp_id 
_pdbx_struct_sheet_hbond.range_1_auth_asym_id 
_pdbx_struct_sheet_hbond.range_1_auth_seq_id 
_pdbx_struct_sheet_hbond.range_2_label_atom_id 
_pdbx_struct_sheet_hbond.range_2_label_comp_id 
_pdbx_struct_sheet_hbond.range_2_label_asym_id 
_pdbx_struct_sheet_hbond.range_2_label_seq_id 
_pdbx_struct_sheet_hbond.range_2_PDB_ins_code 
_pdbx_struct_sheet_hbond.range_2_auth_atom_id 
_pdbx_struct_sheet_hbond.range_2_auth_comp_id 
_pdbx_struct_sheet_hbond.range_2_auth_asym_id 
_pdbx_struct_sheet_hbond.range_2_auth_seq_id 
A 1 2 O ILE A 51 ? O ILE A 51 N PHE A 43 ? N PHE A 43 
A 2 3 O ILE A 42 ? O ILE A 42 N ARG A 29 ? N ARG A 29 
# 
_pdbx_entry_details.entry_id                   1BO0 
_pdbx_entry_details.compound_details           ? 
_pdbx_entry_details.source_details             ? 
_pdbx_entry_details.nonpolymer_details         ? 
_pdbx_entry_details.sequence_details           ? 
_pdbx_entry_details.has_ligand_of_interest     ? 
_pdbx_entry_details.has_protein_modification   Y 
# 
loop_
_pdbx_validate_torsion.id 
_pdbx_validate_torsion.PDB_model_num 
_pdbx_validate_torsion.auth_comp_id 
_pdbx_validate_torsion.auth_asym_id 
_pdbx_validate_torsion.auth_seq_id 
_pdbx_validate_torsion.PDB_ins_code 
_pdbx_validate_torsion.label_alt_id 
_pdbx_validate_torsion.phi 
_pdbx_validate_torsion.psi 
1 1 PRO A 21 ? ? -69.14  99.55  
2 1 THR A 56 ? ? -153.61 -49.91 
3 1 LYS A 69 ? ? 44.04   -90.24 
4 1 THR A 71 ? ? -151.04 -73.76 
# 
loop_
_pdbx_validate_planes.id 
_pdbx_validate_planes.PDB_model_num 
_pdbx_validate_planes.auth_comp_id 
_pdbx_validate_planes.auth_asym_id 
_pdbx_validate_planes.auth_seq_id 
_pdbx_validate_planes.PDB_ins_code 
_pdbx_validate_planes.label_alt_id 
_pdbx_validate_planes.rmsd 
_pdbx_validate_planes.type 
1 1 ARG A 14 ? ? 0.289 'SIDE CHAIN' 
2 1 ARG A 24 ? ? 0.287 'SIDE CHAIN' 
3 1 ARG A 29 ? ? 0.211 'SIDE CHAIN' 
4 1 ARG A 30 ? ? 0.315 'SIDE CHAIN' 
5 1 ARG A 38 ? ? 0.201 'SIDE CHAIN' 
# 
_pdbx_nmr_ensemble.entry_id                             1BO0 
_pdbx_nmr_ensemble.conformers_calculated_total_number   ? 
_pdbx_nmr_ensemble.conformers_submitted_total_number    1 
_pdbx_nmr_ensemble.conformer_selection_criteria         ? 
# 
_pdbx_nmr_exptl_sample_conditions.conditions_id       1 
_pdbx_nmr_exptl_sample_conditions.temperature         303 
_pdbx_nmr_exptl_sample_conditions.pressure            ? 
_pdbx_nmr_exptl_sample_conditions.pH                  5.1 
_pdbx_nmr_exptl_sample_conditions.ionic_strength      ? 
_pdbx_nmr_exptl_sample_conditions.pressure_units      ? 
_pdbx_nmr_exptl_sample_conditions.temperature_units   K 
# 
_pdbx_nmr_details.entry_id   1BO0 
_pdbx_nmr_details.text       'MINIMIZED AVERAGE STRUCTURE' 
# 
_pdbx_nmr_software.classification   refinement 
_pdbx_nmr_software.name             X-PLOR 
_pdbx_nmr_software.version          3.851 
_pdbx_nmr_software.authors          BRUNGER 
_pdbx_nmr_software.ordinal          1 
# 
loop_
_chem_comp_atom.comp_id 
_chem_comp_atom.atom_id 
_chem_comp_atom.type_symbol 
_chem_comp_atom.pdbx_aromatic_flag 
_chem_comp_atom.pdbx_stereo_config 
_chem_comp_atom.pdbx_ordinal 
ALA N    N N N 1   
ALA CA   C N S 2   
ALA C    C N N 3   
ALA O    O N N 4   
ALA CB   C N N 5   
ALA OXT  O N N 6   
ALA H    H N N 7   
ALA H2   H N N 8   
ALA HA   H N N 9   
ALA HB1  H N N 10  
ALA HB2  H N N 11  
ALA HB3  H N N 12  
ALA HXT  H N N 13  
ARG N    N N N 14  
ARG CA   C N S 15  
ARG C    C N N 16  
ARG O    O N N 17  
ARG CB   C N N 18  
ARG CG   C N N 19  
ARG CD   C N N 20  
ARG NE   N N N 21  
ARG CZ   C N N 22  
ARG NH1  N N N 23  
ARG NH2  N N N 24  
ARG OXT  O N N 25  
ARG H    H N N 26  
ARG H2   H N N 27  
ARG HA   H N N 28  
ARG HB2  H N N 29  
ARG HB3  H N N 30  
ARG HG2  H N N 31  
ARG HG3  H N N 32  
ARG HD2  H N N 33  
ARG HD3  H N N 34  
ARG HE   H N N 35  
ARG HH11 H N N 36  
ARG HH12 H N N 37  
ARG HH21 H N N 38  
ARG HH22 H N N 39  
ARG HXT  H N N 40  
ASN N    N N N 41  
ASN CA   C N S 42  
ASN C    C N N 43  
ASN O    O N N 44  
ASN CB   C N N 45  
ASN CG   C N N 46  
ASN OD1  O N N 47  
ASN ND2  N N N 48  
ASN OXT  O N N 49  
ASN H    H N N 50  
ASN H2   H N N 51  
ASN HA   H N N 52  
ASN HB2  H N N 53  
ASN HB3  H N N 54  
ASN HD21 H N N 55  
ASN HD22 H N N 56  
ASN HXT  H N N 57  
ASP N    N N N 58  
ASP CA   C N S 59  
ASP C    C N N 60  
ASP O    O N N 61  
ASP CB   C N N 62  
ASP CG   C N N 63  
ASP OD1  O N N 64  
ASP OD2  O N N 65  
ASP OXT  O N N 66  
ASP H    H N N 67  
ASP H2   H N N 68  
ASP HA   H N N 69  
ASP HB2  H N N 70  
ASP HB3  H N N 71  
ASP HD2  H N N 72  
ASP HXT  H N N 73  
CYS N    N N N 74  
CYS CA   C N R 75  
CYS C    C N N 76  
CYS O    O N N 77  
CYS CB   C N N 78  
CYS SG   S N N 79  
CYS OXT  O N N 80  
CYS H    H N N 81  
CYS H2   H N N 82  
CYS HA   H N N 83  
CYS HB2  H N N 84  
CYS HB3  H N N 85  
CYS HG   H N N 86  
CYS HXT  H N N 87  
GLN N    N N N 88  
GLN CA   C N S 89  
GLN C    C N N 90  
GLN O    O N N 91  
GLN CB   C N N 92  
GLN CG   C N N 93  
GLN CD   C N N 94  
GLN OE1  O N N 95  
GLN NE2  N N N 96  
GLN OXT  O N N 97  
GLN H    H N N 98  
GLN H2   H N N 99  
GLN HA   H N N 100 
GLN HB2  H N N 101 
GLN HB3  H N N 102 
GLN HG2  H N N 103 
GLN HG3  H N N 104 
GLN HE21 H N N 105 
GLN HE22 H N N 106 
GLN HXT  H N N 107 
GLU N    N N N 108 
GLU CA   C N S 109 
GLU C    C N N 110 
GLU O    O N N 111 
GLU CB   C N N 112 
GLU CG   C N N 113 
GLU CD   C N N 114 
GLU OE1  O N N 115 
GLU OE2  O N N 116 
GLU OXT  O N N 117 
GLU H    H N N 118 
GLU H2   H N N 119 
GLU HA   H N N 120 
GLU HB2  H N N 121 
GLU HB3  H N N 122 
GLU HG2  H N N 123 
GLU HG3  H N N 124 
GLU HE2  H N N 125 
GLU HXT  H N N 126 
GLY N    N N N 127 
GLY CA   C N N 128 
GLY C    C N N 129 
GLY O    O N N 130 
GLY OXT  O N N 131 
GLY H    H N N 132 
GLY H2   H N N 133 
GLY HA2  H N N 134 
GLY HA3  H N N 135 
GLY HXT  H N N 136 
HIS N    N N N 137 
HIS CA   C N S 138 
HIS C    C N N 139 
HIS O    O N N 140 
HIS CB   C N N 141 
HIS CG   C Y N 142 
HIS ND1  N Y N 143 
HIS CD2  C Y N 144 
HIS CE1  C Y N 145 
HIS NE2  N Y N 146 
HIS OXT  O N N 147 
HIS H    H N N 148 
HIS H2   H N N 149 
HIS HA   H N N 150 
HIS HB2  H N N 151 
HIS HB3  H N N 152 
HIS HD1  H N N 153 
HIS HD2  H N N 154 
HIS HE1  H N N 155 
HIS HE2  H N N 156 
HIS HXT  H N N 157 
ILE N    N N N 158 
ILE CA   C N S 159 
ILE C    C N N 160 
ILE O    O N N 161 
ILE CB   C N S 162 
ILE CG1  C N N 163 
ILE CG2  C N N 164 
ILE CD1  C N N 165 
ILE OXT  O N N 166 
ILE H    H N N 167 
ILE H2   H N N 168 
ILE HA   H N N 169 
ILE HB   H N N 170 
ILE HG12 H N N 171 
ILE HG13 H N N 172 
ILE HG21 H N N 173 
ILE HG22 H N N 174 
ILE HG23 H N N 175 
ILE HD11 H N N 176 
ILE HD12 H N N 177 
ILE HD13 H N N 178 
ILE HXT  H N N 179 
LEU N    N N N 180 
LEU CA   C N S 181 
LEU C    C N N 182 
LEU O    O N N 183 
LEU CB   C N N 184 
LEU CG   C N N 185 
LEU CD1  C N N 186 
LEU CD2  C N N 187 
LEU OXT  O N N 188 
LEU H    H N N 189 
LEU H2   H N N 190 
LEU HA   H N N 191 
LEU HB2  H N N 192 
LEU HB3  H N N 193 
LEU HG   H N N 194 
LEU HD11 H N N 195 
LEU HD12 H N N 196 
LEU HD13 H N N 197 
LEU HD21 H N N 198 
LEU HD22 H N N 199 
LEU HD23 H N N 200 
LEU HXT  H N N 201 
LYS N    N N N 202 
LYS CA   C N S 203 
LYS C    C N N 204 
LYS O    O N N 205 
LYS CB   C N N 206 
LYS CG   C N N 207 
LYS CD   C N N 208 
LYS CE   C N N 209 
LYS NZ   N N N 210 
LYS OXT  O N N 211 
LYS H    H N N 212 
LYS H2   H N N 213 
LYS HA   H N N 214 
LYS HB2  H N N 215 
LYS HB3  H N N 216 
LYS HG2  H N N 217 
LYS HG3  H N N 218 
LYS HD2  H N N 219 
LYS HD3  H N N 220 
LYS HE2  H N N 221 
LYS HE3  H N N 222 
LYS HZ1  H N N 223 
LYS HZ2  H N N 224 
LYS HZ3  H N N 225 
LYS HXT  H N N 226 
MET N    N N N 227 
MET CA   C N S 228 
MET C    C N N 229 
MET O    O N N 230 
MET CB   C N N 231 
MET CG   C N N 232 
MET SD   S N N 233 
MET CE   C N N 234 
MET OXT  O N N 235 
MET H    H N N 236 
MET H2   H N N 237 
MET HA   H N N 238 
MET HB2  H N N 239 
MET HB3  H N N 240 
MET HG2  H N N 241 
MET HG3  H N N 242 
MET HE1  H N N 243 
MET HE2  H N N 244 
MET HE3  H N N 245 
MET HXT  H N N 246 
PHE N    N N N 247 
PHE CA   C N S 248 
PHE C    C N N 249 
PHE O    O N N 250 
PHE CB   C N N 251 
PHE CG   C Y N 252 
PHE CD1  C Y N 253 
PHE CD2  C Y N 254 
PHE CE1  C Y N 255 
PHE CE2  C Y N 256 
PHE CZ   C Y N 257 
PHE OXT  O N N 258 
PHE H    H N N 259 
PHE H2   H N N 260 
PHE HA   H N N 261 
PHE HB2  H N N 262 
PHE HB3  H N N 263 
PHE HD1  H N N 264 
PHE HD2  H N N 265 
PHE HE1  H N N 266 
PHE HE2  H N N 267 
PHE HZ   H N N 268 
PHE HXT  H N N 269 
PRO N    N N N 270 
PRO CA   C N S 271 
PRO C    C N N 272 
PRO O    O N N 273 
PRO CB   C N N 274 
PRO CG   C N N 275 
PRO CD   C N N 276 
PRO OXT  O N N 277 
PRO H    H N N 278 
PRO HA   H N N 279 
PRO HB2  H N N 280 
PRO HB3  H N N 281 
PRO HG2  H N N 282 
PRO HG3  H N N 283 
PRO HD2  H N N 284 
PRO HD3  H N N 285 
PRO HXT  H N N 286 
SER N    N N N 287 
SER CA   C N S 288 
SER C    C N N 289 
SER O    O N N 290 
SER CB   C N N 291 
SER OG   O N N 292 
SER OXT  O N N 293 
SER H    H N N 294 
SER H2   H N N 295 
SER HA   H N N 296 
SER HB2  H N N 297 
SER HB3  H N N 298 
SER HG   H N N 299 
SER HXT  H N N 300 
THR N    N N N 301 
THR CA   C N S 302 
THR C    C N N 303 
THR O    O N N 304 
THR CB   C N R 305 
THR OG1  O N N 306 
THR CG2  C N N 307 
THR OXT  O N N 308 
THR H    H N N 309 
THR H2   H N N 310 
THR HA   H N N 311 
THR HB   H N N 312 
THR HG1  H N N 313 
THR HG21 H N N 314 
THR HG22 H N N 315 
THR HG23 H N N 316 
THR HXT  H N N 317 
TRP N    N N N 318 
TRP CA   C N S 319 
TRP C    C N N 320 
TRP O    O N N 321 
TRP CB   C N N 322 
TRP CG   C Y N 323 
TRP CD1  C Y N 324 
TRP CD2  C Y N 325 
TRP NE1  N Y N 326 
TRP CE2  C Y N 327 
TRP CE3  C Y N 328 
TRP CZ2  C Y N 329 
TRP CZ3  C Y N 330 
TRP CH2  C Y N 331 
TRP OXT  O N N 332 
TRP H    H N N 333 
TRP H2   H N N 334 
TRP HA   H N N 335 
TRP HB2  H N N 336 
TRP HB3  H N N 337 
TRP HD1  H N N 338 
TRP HE1  H N N 339 
TRP HE3  H N N 340 
TRP HZ2  H N N 341 
TRP HZ3  H N N 342 
TRP HH2  H N N 343 
TRP HXT  H N N 344 
TYR N    N N N 345 
TYR CA   C N S 346 
TYR C    C N N 347 
TYR O    O N N 348 
TYR CB   C N N 349 
TYR CG   C Y N 350 
TYR CD1  C Y N 351 
TYR CD2  C Y N 352 
TYR CE1  C Y N 353 
TYR CE2  C Y N 354 
TYR CZ   C Y N 355 
TYR OH   O N N 356 
TYR OXT  O N N 357 
TYR H    H N N 358 
TYR H2   H N N 359 
TYR HA   H N N 360 
TYR HB2  H N N 361 
TYR HB3  H N N 362 
TYR HD1  H N N 363 
TYR HD2  H N N 364 
TYR HE1  H N N 365 
TYR HE2  H N N 366 
TYR HH   H N N 367 
TYR HXT  H N N 368 
VAL N    N N N 369 
VAL CA   C N S 370 
VAL C    C N N 371 
VAL O    O N N 372 
VAL CB   C N N 373 
VAL CG1  C N N 374 
VAL CG2  C N N 375 
VAL OXT  O N N 376 
VAL H    H N N 377 
VAL H2   H N N 378 
VAL HA   H N N 379 
VAL HB   H N N 380 
VAL HG11 H N N 381 
VAL HG12 H N N 382 
VAL HG13 H N N 383 
VAL HG21 H N N 384 
VAL HG22 H N N 385 
VAL HG23 H N N 386 
VAL HXT  H N N 387 
# 
loop_
_chem_comp_bond.comp_id 
_chem_comp_bond.atom_id_1 
_chem_comp_bond.atom_id_2 
_chem_comp_bond.value_order 
_chem_comp_bond.pdbx_aromatic_flag 
_chem_comp_bond.pdbx_stereo_config 
_chem_comp_bond.pdbx_ordinal 
ALA N   CA   sing N N 1   
ALA N   H    sing N N 2   
ALA N   H2   sing N N 3   
ALA CA  C    sing N N 4   
ALA CA  CB   sing N N 5   
ALA CA  HA   sing N N 6   
ALA C   O    doub N N 7   
ALA C   OXT  sing N N 8   
ALA CB  HB1  sing N N 9   
ALA CB  HB2  sing N N 10  
ALA CB  HB3  sing N N 11  
ALA OXT HXT  sing N N 12  
ARG N   CA   sing N N 13  
ARG N   H    sing N N 14  
ARG N   H2   sing N N 15  
ARG CA  C    sing N N 16  
ARG CA  CB   sing N N 17  
ARG CA  HA   sing N N 18  
ARG C   O    doub N N 19  
ARG C   OXT  sing N N 20  
ARG CB  CG   sing N N 21  
ARG CB  HB2  sing N N 22  
ARG CB  HB3  sing N N 23  
ARG CG  CD   sing N N 24  
ARG CG  HG2  sing N N 25  
ARG CG  HG3  sing N N 26  
ARG CD  NE   sing N N 27  
ARG CD  HD2  sing N N 28  
ARG CD  HD3  sing N N 29  
ARG NE  CZ   sing N N 30  
ARG NE  HE   sing N N 31  
ARG CZ  NH1  sing N N 32  
ARG CZ  NH2  doub N N 33  
ARG NH1 HH11 sing N N 34  
ARG NH1 HH12 sing N N 35  
ARG NH2 HH21 sing N N 36  
ARG NH2 HH22 sing N N 37  
ARG OXT HXT  sing N N 38  
ASN N   CA   sing N N 39  
ASN N   H    sing N N 40  
ASN N   H2   sing N N 41  
ASN CA  C    sing N N 42  
ASN CA  CB   sing N N 43  
ASN CA  HA   sing N N 44  
ASN C   O    doub N N 45  
ASN C   OXT  sing N N 46  
ASN CB  CG   sing N N 47  
ASN CB  HB2  sing N N 48  
ASN CB  HB3  sing N N 49  
ASN CG  OD1  doub N N 50  
ASN CG  ND2  sing N N 51  
ASN ND2 HD21 sing N N 52  
ASN ND2 HD22 sing N N 53  
ASN OXT HXT  sing N N 54  
ASP N   CA   sing N N 55  
ASP N   H    sing N N 56  
ASP N   H2   sing N N 57  
ASP CA  C    sing N N 58  
ASP CA  CB   sing N N 59  
ASP CA  HA   sing N N 60  
ASP C   O    doub N N 61  
ASP C   OXT  sing N N 62  
ASP CB  CG   sing N N 63  
ASP CB  HB2  sing N N 64  
ASP CB  HB3  sing N N 65  
ASP CG  OD1  doub N N 66  
ASP CG  OD2  sing N N 67  
ASP OD2 HD2  sing N N 68  
ASP OXT HXT  sing N N 69  
CYS N   CA   sing N N 70  
CYS N   H    sing N N 71  
CYS N   H2   sing N N 72  
CYS CA  C    sing N N 73  
CYS CA  CB   sing N N 74  
CYS CA  HA   sing N N 75  
CYS C   O    doub N N 76  
CYS C   OXT  sing N N 77  
CYS CB  SG   sing N N 78  
CYS CB  HB2  sing N N 79  
CYS CB  HB3  sing N N 80  
CYS SG  HG   sing N N 81  
CYS OXT HXT  sing N N 82  
GLN N   CA   sing N N 83  
GLN N   H    sing N N 84  
GLN N   H2   sing N N 85  
GLN CA  C    sing N N 86  
GLN CA  CB   sing N N 87  
GLN CA  HA   sing N N 88  
GLN C   O    doub N N 89  
GLN C   OXT  sing N N 90  
GLN CB  CG   sing N N 91  
GLN CB  HB2  sing N N 92  
GLN CB  HB3  sing N N 93  
GLN CG  CD   sing N N 94  
GLN CG  HG2  sing N N 95  
GLN CG  HG3  sing N N 96  
GLN CD  OE1  doub N N 97  
GLN CD  NE2  sing N N 98  
GLN NE2 HE21 sing N N 99  
GLN NE2 HE22 sing N N 100 
GLN OXT HXT  sing N N 101 
GLU N   CA   sing N N 102 
GLU N   H    sing N N 103 
GLU N   H2   sing N N 104 
GLU CA  C    sing N N 105 
GLU CA  CB   sing N N 106 
GLU CA  HA   sing N N 107 
GLU C   O    doub N N 108 
GLU C   OXT  sing N N 109 
GLU CB  CG   sing N N 110 
GLU CB  HB2  sing N N 111 
GLU CB  HB3  sing N N 112 
GLU CG  CD   sing N N 113 
GLU CG  HG2  sing N N 114 
GLU CG  HG3  sing N N 115 
GLU CD  OE1  doub N N 116 
GLU CD  OE2  sing N N 117 
GLU OE2 HE2  sing N N 118 
GLU OXT HXT  sing N N 119 
GLY N   CA   sing N N 120 
GLY N   H    sing N N 121 
GLY N   H2   sing N N 122 
GLY CA  C    sing N N 123 
GLY CA  HA2  sing N N 124 
GLY CA  HA3  sing N N 125 
GLY C   O    doub N N 126 
GLY C   OXT  sing N N 127 
GLY OXT HXT  sing N N 128 
HIS N   CA   sing N N 129 
HIS N   H    sing N N 130 
HIS N   H2   sing N N 131 
HIS CA  C    sing N N 132 
HIS CA  CB   sing N N 133 
HIS CA  HA   sing N N 134 
HIS C   O    doub N N 135 
HIS C   OXT  sing N N 136 
HIS CB  CG   sing N N 137 
HIS CB  HB2  sing N N 138 
HIS CB  HB3  sing N N 139 
HIS CG  ND1  sing Y N 140 
HIS CG  CD2  doub Y N 141 
HIS ND1 CE1  doub Y N 142 
HIS ND1 HD1  sing N N 143 
HIS CD2 NE2  sing Y N 144 
HIS CD2 HD2  sing N N 145 
HIS CE1 NE2  sing Y N 146 
HIS CE1 HE1  sing N N 147 
HIS NE2 HE2  sing N N 148 
HIS OXT HXT  sing N N 149 
ILE N   CA   sing N N 150 
ILE N   H    sing N N 151 
ILE N   H2   sing N N 152 
ILE CA  C    sing N N 153 
ILE CA  CB   sing N N 154 
ILE CA  HA   sing N N 155 
ILE C   O    doub N N 156 
ILE C   OXT  sing N N 157 
ILE CB  CG1  sing N N 158 
ILE CB  CG2  sing N N 159 
ILE CB  HB   sing N N 160 
ILE CG1 CD1  sing N N 161 
ILE CG1 HG12 sing N N 162 
ILE CG1 HG13 sing N N 163 
ILE CG2 HG21 sing N N 164 
ILE CG2 HG22 sing N N 165 
ILE CG2 HG23 sing N N 166 
ILE CD1 HD11 sing N N 167 
ILE CD1 HD12 sing N N 168 
ILE CD1 HD13 sing N N 169 
ILE OXT HXT  sing N N 170 
LEU N   CA   sing N N 171 
LEU N   H    sing N N 172 
LEU N   H2   sing N N 173 
LEU CA  C    sing N N 174 
LEU CA  CB   sing N N 175 
LEU CA  HA   sing N N 176 
LEU C   O    doub N N 177 
LEU C   OXT  sing N N 178 
LEU CB  CG   sing N N 179 
LEU CB  HB2  sing N N 180 
LEU CB  HB3  sing N N 181 
LEU CG  CD1  sing N N 182 
LEU CG  CD2  sing N N 183 
LEU CG  HG   sing N N 184 
LEU CD1 HD11 sing N N 185 
LEU CD1 HD12 sing N N 186 
LEU CD1 HD13 sing N N 187 
LEU CD2 HD21 sing N N 188 
LEU CD2 HD22 sing N N 189 
LEU CD2 HD23 sing N N 190 
LEU OXT HXT  sing N N 191 
LYS N   CA   sing N N 192 
LYS N   H    sing N N 193 
LYS N   H2   sing N N 194 
LYS CA  C    sing N N 195 
LYS CA  CB   sing N N 196 
LYS CA  HA   sing N N 197 
LYS C   O    doub N N 198 
LYS C   OXT  sing N N 199 
LYS CB  CG   sing N N 200 
LYS CB  HB2  sing N N 201 
LYS CB  HB3  sing N N 202 
LYS CG  CD   sing N N 203 
LYS CG  HG2  sing N N 204 
LYS CG  HG3  sing N N 205 
LYS CD  CE   sing N N 206 
LYS CD  HD2  sing N N 207 
LYS CD  HD3  sing N N 208 
LYS CE  NZ   sing N N 209 
LYS CE  HE2  sing N N 210 
LYS CE  HE3  sing N N 211 
LYS NZ  HZ1  sing N N 212 
LYS NZ  HZ2  sing N N 213 
LYS NZ  HZ3  sing N N 214 
LYS OXT HXT  sing N N 215 
MET N   CA   sing N N 216 
MET N   H    sing N N 217 
MET N   H2   sing N N 218 
MET CA  C    sing N N 219 
MET CA  CB   sing N N 220 
MET CA  HA   sing N N 221 
MET C   O    doub N N 222 
MET C   OXT  sing N N 223 
MET CB  CG   sing N N 224 
MET CB  HB2  sing N N 225 
MET CB  HB3  sing N N 226 
MET CG  SD   sing N N 227 
MET CG  HG2  sing N N 228 
MET CG  HG3  sing N N 229 
MET SD  CE   sing N N 230 
MET CE  HE1  sing N N 231 
MET CE  HE2  sing N N 232 
MET CE  HE3  sing N N 233 
MET OXT HXT  sing N N 234 
PHE N   CA   sing N N 235 
PHE N   H    sing N N 236 
PHE N   H2   sing N N 237 
PHE CA  C    sing N N 238 
PHE CA  CB   sing N N 239 
PHE CA  HA   sing N N 240 
PHE C   O    doub N N 241 
PHE C   OXT  sing N N 242 
PHE CB  CG   sing N N 243 
PHE CB  HB2  sing N N 244 
PHE CB  HB3  sing N N 245 
PHE CG  CD1  doub Y N 246 
PHE CG  CD2  sing Y N 247 
PHE CD1 CE1  sing Y N 248 
PHE CD1 HD1  sing N N 249 
PHE CD2 CE2  doub Y N 250 
PHE CD2 HD2  sing N N 251 
PHE CE1 CZ   doub Y N 252 
PHE CE1 HE1  sing N N 253 
PHE CE2 CZ   sing Y N 254 
PHE CE2 HE2  sing N N 255 
PHE CZ  HZ   sing N N 256 
PHE OXT HXT  sing N N 257 
PRO N   CA   sing N N 258 
PRO N   CD   sing N N 259 
PRO N   H    sing N N 260 
PRO CA  C    sing N N 261 
PRO CA  CB   sing N N 262 
PRO CA  HA   sing N N 263 
PRO C   O    doub N N 264 
PRO C   OXT  sing N N 265 
PRO CB  CG   sing N N 266 
PRO CB  HB2  sing N N 267 
PRO CB  HB3  sing N N 268 
PRO CG  CD   sing N N 269 
PRO CG  HG2  sing N N 270 
PRO CG  HG3  sing N N 271 
PRO CD  HD2  sing N N 272 
PRO CD  HD3  sing N N 273 
PRO OXT HXT  sing N N 274 
SER N   CA   sing N N 275 
SER N   H    sing N N 276 
SER N   H2   sing N N 277 
SER CA  C    sing N N 278 
SER CA  CB   sing N N 279 
SER CA  HA   sing N N 280 
SER C   O    doub N N 281 
SER C   OXT  sing N N 282 
SER CB  OG   sing N N 283 
SER CB  HB2  sing N N 284 
SER CB  HB3  sing N N 285 
SER OG  HG   sing N N 286 
SER OXT HXT  sing N N 287 
THR N   CA   sing N N 288 
THR N   H    sing N N 289 
THR N   H2   sing N N 290 
THR CA  C    sing N N 291 
THR CA  CB   sing N N 292 
THR CA  HA   sing N N 293 
THR C   O    doub N N 294 
THR C   OXT  sing N N 295 
THR CB  OG1  sing N N 296 
THR CB  CG2  sing N N 297 
THR CB  HB   sing N N 298 
THR OG1 HG1  sing N N 299 
THR CG2 HG21 sing N N 300 
THR CG2 HG22 sing N N 301 
THR CG2 HG23 sing N N 302 
THR OXT HXT  sing N N 303 
TRP N   CA   sing N N 304 
TRP N   H    sing N N 305 
TRP N   H2   sing N N 306 
TRP CA  C    sing N N 307 
TRP CA  CB   sing N N 308 
TRP CA  HA   sing N N 309 
TRP C   O    doub N N 310 
TRP C   OXT  sing N N 311 
TRP CB  CG   sing N N 312 
TRP CB  HB2  sing N N 313 
TRP CB  HB3  sing N N 314 
TRP CG  CD1  doub Y N 315 
TRP CG  CD2  sing Y N 316 
TRP CD1 NE1  sing Y N 317 
TRP CD1 HD1  sing N N 318 
TRP CD2 CE2  doub Y N 319 
TRP CD2 CE3  sing Y N 320 
TRP NE1 CE2  sing Y N 321 
TRP NE1 HE1  sing N N 322 
TRP CE2 CZ2  sing Y N 323 
TRP CE3 CZ3  doub Y N 324 
TRP CE3 HE3  sing N N 325 
TRP CZ2 CH2  doub Y N 326 
TRP CZ2 HZ2  sing N N 327 
TRP CZ3 CH2  sing Y N 328 
TRP CZ3 HZ3  sing N N 329 
TRP CH2 HH2  sing N N 330 
TRP OXT HXT  sing N N 331 
TYR N   CA   sing N N 332 
TYR N   H    sing N N 333 
TYR N   H2   sing N N 334 
TYR CA  C    sing N N 335 
TYR CA  CB   sing N N 336 
TYR CA  HA   sing N N 337 
TYR C   O    doub N N 338 
TYR C   OXT  sing N N 339 
TYR CB  CG   sing N N 340 
TYR CB  HB2  sing N N 341 
TYR CB  HB3  sing N N 342 
TYR CG  CD1  doub Y N 343 
TYR CG  CD2  sing Y N 344 
TYR CD1 CE1  sing Y N 345 
TYR CD1 HD1  sing N N 346 
TYR CD2 CE2  doub Y N 347 
TYR CD2 HD2  sing N N 348 
TYR CE1 CZ   doub Y N 349 
TYR CE1 HE1  sing N N 350 
TYR CE2 CZ   sing Y N 351 
TYR CE2 HE2  sing N N 352 
TYR CZ  OH   sing N N 353 
TYR OH  HH   sing N N 354 
TYR OXT HXT  sing N N 355 
VAL N   CA   sing N N 356 
VAL N   H    sing N N 357 
VAL N   H2   sing N N 358 
VAL CA  C    sing N N 359 
VAL CA  CB   sing N N 360 
VAL CA  HA   sing N N 361 
VAL C   O    doub N N 362 
VAL C   OXT  sing N N 363 
VAL CB  CG1  sing N N 364 
VAL CB  CG2  sing N N 365 
VAL CB  HB   sing N N 366 
VAL CG1 HG11 sing N N 367 
VAL CG1 HG12 sing N N 368 
VAL CG1 HG13 sing N N 369 
VAL CG2 HG21 sing N N 370 
VAL CG2 HG22 sing N N 371 
VAL CG2 HG23 sing N N 372 
VAL OXT HXT  sing N N 373 
# 
_atom_sites.entry_id                    1BO0 
_atom_sites.fract_transf_matrix[1][1]   1.000000 
_atom_sites.fract_transf_matrix[1][2]   0.000000 
_atom_sites.fract_transf_matrix[1][3]   0.000000 
_atom_sites.fract_transf_matrix[2][1]   0.000000 
_atom_sites.fract_transf_matrix[2][2]   1.000000 
_atom_sites.fract_transf_matrix[2][3]   0.000000 
_atom_sites.fract_transf_matrix[3][1]   0.000000 
_atom_sites.fract_transf_matrix[3][2]   0.000000 
_atom_sites.fract_transf_matrix[3][3]   1.000000 
_atom_sites.fract_transf_vector[1]      0.00000 
_atom_sites.fract_transf_vector[2]      0.00000 
_atom_sites.fract_transf_vector[3]      0.00000 
# 
loop_
_atom_type.symbol 
C 
H 
N 
O 
S 
# 
loop_
_atom_site.group_PDB 
_atom_site.id 
_atom_site.type_symbol 
_atom_site.label_atom_id 
_atom_site.label_alt_id 
_atom_site.label_comp_id 
_atom_site.label_asym_id 
_atom_site.label_entity_id 
_atom_site.label_seq_id 
_atom_site.pdbx_PDB_ins_code 
_atom_site.Cartn_x 
_atom_site.Cartn_y 
_atom_site.Cartn_z 
_atom_site.occupancy 
_atom_site.B_iso_or_equiv 
_atom_site.pdbx_formal_charge 
_atom_site.auth_seq_id 
_atom_site.auth_comp_id 
_atom_site.auth_asym_id 
_atom_site.auth_atom_id 
_atom_site.pdbx_PDB_model_num 
ATOM 1    N N    . GLN A 1 1  ? -23.866 13.000  -0.353  1.00 13.66 ? 1  GLN A N    1 
ATOM 2    C CA   . GLN A 1 1  ? -23.838 13.249  1.124   1.00 13.08 ? 1  GLN A CA   1 
ATOM 3    C C    . GLN A 1 1  ? -24.896 12.320  1.794   1.00 12.50 ? 1  GLN A C    1 
ATOM 4    O O    . GLN A 1 1  ? -26.025 12.718  2.001   1.00 12.03 ? 1  GLN A O    1 
ATOM 5    C CB   . GLN A 1 1  ? -24.155 14.763  1.282   1.00 12.97 ? 1  GLN A CB   1 
ATOM 6    C CG   . GLN A 1 1  ? -22.840 15.580  1.237   1.00 13.10 ? 1  GLN A CG   1 
ATOM 7    C CD   . GLN A 1 1  ? -22.979 16.826  0.333   1.00 13.15 ? 1  GLN A CD   1 
ATOM 8    O OE1  . GLN A 1 1  ? -23.747 16.836  -0.610  1.00 13.33 ? 1  GLN A OE1  1 
ATOM 9    N NE2  . GLN A 1 1  ? -22.246 17.887  0.580   1.00 13.18 ? 1  GLN A NE2  1 
ATOM 10   H H    . GLN A 1 1  ? -24.065 11.994  -0.528  1.00 13.79 ? 1  GLN A H    1 
ATOM 11   H HA   . GLN A 1 1  ? -22.853 13.033  1.514   1.00 13.38 ? 1  GLN A HA   1 
ATOM 12   H HB2  . GLN A 1 1  ? -24.802 15.082  0.476   1.00 13.21 ? 1  GLN A HB2  1 
ATOM 13   H HB3  . GLN A 1 1  ? -24.646 14.933  2.231   1.00 12.75 ? 1  GLN A HB3  1 
ATOM 14   H HG2  . GLN A 1 1  ? -22.582 15.895  2.237   1.00 13.12 ? 1  GLN A HG2  1 
ATOM 15   H HG3  . GLN A 1 1  ? -22.050 14.955  0.850   1.00 13.33 ? 1  GLN A HG3  1 
ATOM 16   H HE21 . GLN A 1 1  ? -21.616 17.884  1.335   1.00 13.15 ? 1  GLN A HE21 1 
ATOM 17   H HE22 . GLN A 1 1  ? -22.320 18.684  0.005   1.00 13.35 ? 1  GLN A HE22 1 
ATOM 18   N N    . PRO A 1 2  ? -24.491 11.075  2.054   1.00 12.71 ? 2  PRO A N    1 
ATOM 19   C CA   . PRO A 1 2  ? -25.410 10.041  2.634   1.00 12.41 ? 2  PRO A CA   1 
ATOM 20   C C    . PRO A 1 2  ? -25.520 10.153  4.168   1.00 11.55 ? 2  PRO A C    1 
ATOM 21   O O    . PRO A 1 2  ? -25.182 11.171  4.740   1.00 11.52 ? 2  PRO A O    1 
ATOM 22   C CB   . PRO A 1 2  ? -24.747 8.723   2.218   1.00 13.22 ? 2  PRO A CB   1 
ATOM 23   C CG   . PRO A 1 2  ? -23.294 9.033   2.014   1.00 13.65 ? 2  PRO A CG   1 
ATOM 24   C CD   . PRO A 1 2  ? -23.144 10.525  1.837   1.00 13.45 ? 2  PRO A CD   1 
ATOM 25   H HA   . PRO A 1 2  ? -26.387 10.107  2.184   1.00 12.47 ? 2  PRO A HA   1 
ATOM 26   H HB2  . PRO A 1 2  ? -24.863 7.979   2.994   1.00 13.05 ? 2  PRO A HB2  1 
ATOM 27   H HB3  . PRO A 1 2  ? -25.174 8.364   1.293   1.00 13.79 ? 2  PRO A HB3  1 
ATOM 28   H HG2  . PRO A 1 2  ? -22.729 8.706   2.877   1.00 13.45 ? 2  PRO A HG2  1 
ATOM 29   H HG3  . PRO A 1 2  ? -22.934 8.528   1.128   1.00 14.45 ? 2  PRO A HG3  1 
ATOM 30   H HD2  . PRO A 1 2  ? -22.452 10.921  2.570   1.00 13.31 ? 2  PRO A HD2  1 
ATOM 31   H HD3  . PRO A 1 2  ? -22.808 10.754  0.838   1.00 14.13 ? 2  PRO A HD3  1 
ATOM 32   N N    . VAL A 1 3  ? -25.991 9.111   4.844   1.00 11.06 ? 3  VAL A N    1 
ATOM 33   C CA   . VAL A 1 3  ? -26.100 9.199   6.346   1.00 10.40 ? 3  VAL A CA   1 
ATOM 34   C C    . VAL A 1 3  ? -24.765 8.860   7.013   1.00 9.72  ? 3  VAL A C    1 
ATOM 35   O O    . VAL A 1 3  ? -24.599 9.051   8.196   1.00 9.64  ? 3  VAL A O    1 
ATOM 36   C CB   . VAL A 1 3  ? -27.233 8.247   6.847   1.00 10.53 ? 3  VAL A CB   1 
ATOM 37   C CG1  . VAL A 1 3  ? -28.599 8.935   6.672   1.00 11.40 ? 3  VAL A CG1  1 
ATOM 38   C CG2  . VAL A 1 3  ? -27.238 6.907   6.093   1.00 10.60 ? 3  VAL A CG2  1 
ATOM 39   H H    . VAL A 1 3  ? -26.255 8.297   4.370   1.00 11.26 ? 3  VAL A H    1 
ATOM 40   H HA   . VAL A 1 3  ? -26.352 10.200  6.602   1.00 10.58 ? 3  VAL A HA   1 
ATOM 41   H HB   . VAL A 1 3  ? -27.083 8.052   7.906   1.00 10.21 ? 3  VAL A HB   1 
ATOM 42   H HG11 . VAL A 1 3  ? -28.480 9.830   6.081   1.00 11.71 ? 3  VAL A HG11 1 
ATOM 43   H HG12 . VAL A 1 3  ? -29.288 8.269   6.172   1.00 11.64 ? 3  VAL A HG12 1 
ATOM 44   H HG13 . VAL A 1 3  ? -29.000 9.201   7.645   1.00 11.65 ? 3  VAL A HG13 1 
ATOM 45   H HG21 . VAL A 1 3  ? -26.225 6.622   5.851   1.00 10.73 ? 3  VAL A HG21 1 
ATOM 46   H HG22 . VAL A 1 3  ? -27.690 6.145   6.720   1.00 10.63 ? 3  VAL A HG22 1 
ATOM 47   H HG23 . VAL A 1 3  ? -27.812 7.011   5.183   1.00 10.72 ? 3  VAL A HG23 1 
ATOM 48   N N    . GLY A 1 4  ? -23.804 8.409   6.259   1.00 9.48  ? 4  GLY A N    1 
ATOM 49   C CA   . GLY A 1 4  ? -22.441 8.096   6.816   1.00 9.10  ? 4  GLY A CA   1 
ATOM 50   C C    . GLY A 1 4  ? -21.473 7.515   5.797   1.00 8.56  ? 4  GLY A C    1 
ATOM 51   O O    . GLY A 1 4  ? -20.292 7.431   6.071   1.00 8.78  ? 4  GLY A O    1 
ATOM 52   H H    . GLY A 1 4  ? -23.957 8.327   5.298   1.00 9.74  ? 4  GLY A H    1 
ATOM 53   H HA2  . GLY A 1 4  ? -22.043 9.023   7.225   1.00 9.30  ? 4  GLY A HA2  1 
ATOM 54   H HA3  . GLY A 1 4  ? -22.570 7.420   7.655   1.00 9.28  ? 4  GLY A HA3  1 
ATOM 55   N N    . ILE A 1 5  ? -21.926 7.111   4.626   1.00 8.11  ? 5  ILE A N    1 
ATOM 56   C CA   . ILE A 1 5  ? -20.959 6.535   3.638   1.00 7.86  ? 5  ILE A CA   1 
ATOM 57   C C    . ILE A 1 5  ? -20.168 7.678   3.011   1.00 7.52  ? 5  ILE A C    1 
ATOM 58   O O    . ILE A 1 5  ? -20.638 8.372   2.130   1.00 7.91  ? 5  ILE A O    1 
ATOM 59   C CB   . ILE A 1 5  ? -21.810 5.805   2.587   1.00 7.98  ? 5  ILE A CB   1 
ATOM 60   C CG1  . ILE A 1 5  ? -22.538 4.643   3.263   1.00 8.69  ? 5  ILE A CG1  1 
ATOM 61   C CG2  . ILE A 1 5  ? -20.905 5.258   1.475   1.00 8.05  ? 5  ILE A CG2  1 
ATOM 62   C CD1  . ILE A 1 5  ? -23.937 5.085   3.706   1.00 8.94  ? 5  ILE A CD1  1 
ATOM 63   H H    . ILE A 1 5  ? -22.872 7.177   4.403   1.00 8.13  ? 5  ILE A H    1 
ATOM 64   H HA   . ILE A 1 5  ? -20.299 5.839   4.124   1.00 8.20  ? 5  ILE A HA   1 
ATOM 65   H HB   . ILE A 1 5  ? -22.531 6.485   2.159   1.00 7.86  ? 5  ILE A HB   1 
ATOM 66   H HG12 . ILE A 1 5  ? -22.627 3.824   2.566   1.00 9.07  ? 5  ILE A HG12 1 
ATOM 67   H HG13 . ILE A 1 5  ? -21.975 4.320   4.126   1.00 8.91  ? 5  ILE A HG13 1 
ATOM 68   H HG21 . ILE A 1 5  ? -20.022 4.810   1.907   1.00 8.34  ? 5  ILE A HG21 1 
ATOM 69   H HG22 . ILE A 1 5  ? -21.442 4.515   0.902   1.00 8.10  ? 5  ILE A HG22 1 
ATOM 70   H HG23 . ILE A 1 5  ? -20.611 6.069   0.828   1.00 8.05  ? 5  ILE A HG23 1 
ATOM 71   H HD11 . ILE A 1 5  ? -24.151 6.072   3.320   1.00 9.11  ? 5  ILE A HD11 1 
ATOM 72   H HD12 . ILE A 1 5  ? -24.665 4.388   3.329   1.00 9.09  ? 5  ILE A HD12 1 
ATOM 73   H HD13 . ILE A 1 5  ? -23.982 5.104   4.783   1.00 9.08  ? 5  ILE A HD13 1 
ATOM 74   N N    . ASN A 1 6  ? -18.968 7.888   3.485   1.00 7.08  ? 6  ASN A N    1 
ATOM 75   C CA   . ASN A 1 6  ? -18.148 9.002   2.949   1.00 7.12  ? 6  ASN A CA   1 
ATOM 76   C C    . ASN A 1 6  ? -17.445 8.607   1.660   1.00 6.49  ? 6  ASN A C    1 
ATOM 77   O O    . ASN A 1 6  ? -17.300 7.445   1.328   1.00 6.75  ? 6  ASN A O    1 
ATOM 78   C CB   . ASN A 1 6  ? -17.111 9.307   4.036   1.00 7.74  ? 6  ASN A CB   1 
ATOM 79   C CG   . ASN A 1 6  ? -17.409 10.672  4.655   1.00 8.43  ? 6  ASN A CG   1 
ATOM 80   O OD1  . ASN A 1 6  ? -18.554 11.046  4.801   1.00 8.73  ? 6  ASN A OD1  1 
ATOM 81   N ND2  . ASN A 1 6  ? -16.421 11.441  5.014   1.00 8.95  ? 6  ASN A ND2  1 
ATOM 82   H H    . ASN A 1 6  ? -18.617 7.325   4.207   1.00 6.96  ? 6  ASN A H    1 
ATOM 83   H HA   . ASN A 1 6  ? -18.767 9.869   2.781   1.00 7.52  ? 6  ASN A HA   1 
ATOM 84   H HB2  . ASN A 1 6  ? -17.152 8.547   4.801   1.00 7.96  ? 6  ASN A HB2  1 
ATOM 85   H HB3  . ASN A 1 6  ? -16.121 9.323   3.600   1.00 7.77  ? 6  ASN A HB3  1 
ATOM 86   H HD21 . ASN A 1 6  ? -15.496 11.145  4.886   1.00 8.88  ? 6  ASN A HD21 1 
ATOM 87   H HD22 . ASN A 1 6  ? -16.605 12.317  5.411   1.00 9.54  ? 6  ASN A HD22 1 
ATOM 88   N N    . THR A 1 7  ? -16.985 9.593   0.957   1.00 6.02  ? 7  THR A N    1 
ATOM 89   C CA   . THR A 1 7  ? -16.244 9.362   -0.297  1.00 5.83  ? 7  THR A CA   1 
ATOM 90   C C    . THR A 1 7  ? -14.765 9.325   0.075   1.00 5.11  ? 7  THR A C    1 
ATOM 91   O O    . THR A 1 7  ? -14.019 10.247  -0.196  1.00 5.16  ? 7  THR A O    1 
ATOM 92   C CB   . THR A 1 7  ? -16.567 10.578  -1.176  1.00 6.68  ? 7  THR A CB   1 
ATOM 93   O OG1  . THR A 1 7  ? -16.058 11.751  -0.546  1.00 7.20  ? 7  THR A OG1  1 
ATOM 94   C CG2  . THR A 1 7  ? -18.094 10.710  -1.362  1.00 7.27  ? 7  THR A CG2  1 
ATOM 95   H H    . THR A 1 7  ? -17.101 10.506  1.279   1.00 6.08  ? 7  THR A H    1 
ATOM 96   H HA   . THR A 1 7  ? -16.554 8.442   -0.775  1.00 6.03  ? 7  THR A HA   1 
ATOM 97   H HB   . THR A 1 7  ? -16.100 10.456  -2.140  1.00 6.82  ? 7  THR A HB   1 
ATOM 98   H HG1  . THR A 1 7  ? -15.539 12.238  -1.192  1.00 7.57  ? 7  THR A HG1  1 
ATOM 99   H HG21 . THR A 1 7  ? -18.583 9.813   -1.010  1.00 7.53  ? 7  THR A HG21 1 
ATOM 100  H HG22 . THR A 1 7  ? -18.455 11.559  -0.797  1.00 7.41  ? 7  THR A HG22 1 
ATOM 101  H HG23 . THR A 1 7  ? -18.322 10.852  -2.408  1.00 7.60  ? 7  THR A HG23 1 
ATOM 102  N N    . SER A 1 8  ? -14.353 8.278   0.736   1.00 4.81  ? 8  SER A N    1 
ATOM 103  C CA   . SER A 1 8  ? -12.935 8.179   1.183   1.00 4.44  ? 8  SER A CA   1 
ATOM 104  C C    . SER A 1 8  ? -12.487 6.717   1.223   1.00 3.85  ? 8  SER A C    1 
ATOM 105  O O    . SER A 1 8  ? -13.225 5.821   0.863   1.00 3.96  ? 8  SER A O    1 
ATOM 106  C CB   . SER A 1 8  ? -12.940 8.759   2.596   1.00 5.21  ? 8  SER A CB   1 
ATOM 107  O OG   . SER A 1 8  ? -13.734 7.933   3.438   1.00 5.70  ? 8  SER A OG   1 
ATOM 108  H H    . SER A 1 8  ? -14.988 7.571   0.970   1.00 5.09  ? 8  SER A H    1 
ATOM 109  H HA   . SER A 1 8  ? -12.291 8.765   0.547   1.00 4.51  ? 8  SER A HA   1 
ATOM 110  H HB2  . SER A 1 8  ? -11.934 8.786   2.977   1.00 5.62  ? 8  SER A HB2  1 
ATOM 111  H HB3  . SER A 1 8  ? -13.342 9.763   2.573   1.00 5.41  ? 8  SER A HB3  1 
ATOM 112  H HG   . SER A 1 8  ? -13.607 8.222   4.344   1.00 6.02  ? 8  SER A HG   1 
ATOM 113  N N    . THR A 1 9  ? -11.275 6.480   1.654   1.00 3.62  ? 9  THR A N    1 
ATOM 114  C CA   . THR A 1 9  ? -10.739 5.085   1.726   1.00 3.23  ? 9  THR A CA   1 
ATOM 115  C C    . THR A 1 9  ? -11.091 4.432   3.071   1.00 2.34  ? 9  THR A C    1 
ATOM 116  O O    . THR A 1 9  ? -11.812 4.985   3.880   1.00 2.64  ? 9  THR A O    1 
ATOM 117  C CB   . THR A 1 9  ? -9.206  5.216   1.584   1.00 4.03  ? 9  THR A CB   1 
ATOM 118  O OG1  . THR A 1 9  ? -8.791  6.553   1.859   1.00 4.71  ? 9  THR A OG1  1 
ATOM 119  C CG2  . THR A 1 9  ? -8.784  4.829   0.161   1.00 4.42  ? 9  THR A CG2  1 
ATOM 120  H H    . THR A 1 9  ? -10.706 7.229   1.933   1.00 3.97  ? 9  THR A H    1 
ATOM 121  H HA   . THR A 1 9  ? -11.131 4.494   0.912   1.00 3.52  ? 9  THR A HA   1 
ATOM 122  H HB   . THR A 1 9  ? -8.727  4.550   2.284   1.00 4.36  ? 9  THR A HB   1 
ATOM 123  H HG1  . THR A 1 9  ? -8.208  6.534   2.624   1.00 4.94  ? 9  THR A HG1  1 
ATOM 124  H HG21 . THR A 1 9  ? -9.561  4.234   -0.295  1.00 4.80  ? 9  THR A HG21 1 
ATOM 125  H HG22 . THR A 1 9  ? -8.622  5.721   -0.426  1.00 4.52  ? 9  THR A HG22 1 
ATOM 126  H HG23 . THR A 1 9  ? -7.870  4.254   0.202   1.00 4.72  ? 9  THR A HG23 1 
ATOM 127  N N    . THR A 1 10 ? -10.564 3.256   3.307   1.00 1.96  ? 10 THR A N    1 
ATOM 128  C CA   . THR A 1 10 ? -10.819 2.536   4.592   1.00 1.80  ? 10 THR A CA   1 
ATOM 129  C C    . THR A 1 10 ? -9.723  1.488   4.807   1.00 1.33  ? 10 THR A C    1 
ATOM 130  O O    . THR A 1 10 ? -8.704  1.508   4.145   1.00 1.36  ? 10 THR A O    1 
ATOM 131  C CB   . THR A 1 10 ? -12.190 1.859   4.448   1.00 2.75  ? 10 THR A CB   1 
ATOM 132  O OG1  . THR A 1 10 ? -12.456 1.088   5.613   1.00 3.41  ? 10 THR A OG1  1 
ATOM 133  C CG2  . THR A 1 10 ? -12.205 0.938   3.226   1.00 3.43  ? 10 THR A CG2  1 
ATOM 134  H H    . THR A 1 10 ? -9.978  2.850   2.636   1.00 2.43  ? 10 THR A H    1 
ATOM 135  H HA   . THR A 1 10 ? -10.835 3.237   5.413   1.00 2.15  ? 10 THR A HA   1 
ATOM 136  H HB   . THR A 1 10 ? -12.953 2.612   4.336   1.00 3.16  ? 10 THR A HB   1 
ATOM 137  H HG1  . THR A 1 10 ? -12.418 1.672   6.374   1.00 3.81  ? 10 THR A HG1  1 
ATOM 138  H HG21 . THR A 1 10 ? -11.298 0.349   3.205   1.00 3.79  ? 10 THR A HG21 1 
ATOM 139  H HG22 . THR A 1 10 ? -13.059 0.279   3.285   1.00 3.76  ? 10 THR A HG22 1 
ATOM 140  H HG23 . THR A 1 10 ? -12.271 1.532   2.326   1.00 3.83  ? 10 THR A HG23 1 
ATOM 141  N N    . CYS A 1 11 ? -9.925  0.574   5.725   1.00 1.18  ? 11 CYS A N    1 
ATOM 142  C CA   . CYS A 1 11 ? -8.890  -0.473  5.987   1.00 0.79  ? 11 CYS A CA   1 
ATOM 143  C C    . CYS A 1 11 ? -9.224  -1.771  5.247   1.00 0.69  ? 11 CYS A C    1 
ATOM 144  O O    . CYS A 1 11 ? -10.196 -1.857  4.523   1.00 1.01  ? 11 CYS A O    1 
ATOM 145  C CB   . CYS A 1 11 ? -8.938  -0.710  7.498   1.00 0.95  ? 11 CYS A CB   1 
ATOM 146  S SG   . CYS A 1 11 ? -8.349  0.768   8.357   1.00 1.03  ? 11 CYS A SG   1 
ATOM 147  H H    . CYS A 1 11 ? -10.755 0.579   6.244   1.00 1.49  ? 11 CYS A H    1 
ATOM 148  H HA   . CYS A 1 11 ? -7.914  -0.116  5.703   1.00 0.77  ? 11 CYS A HA   1 
ATOM 149  H HB2  . CYS A 1 11 ? -9.956  -0.921  7.799   1.00 1.24  ? 11 CYS A HB2  1 
ATOM 150  H HB3  . CYS A 1 11 ? -8.306  -1.551  7.751   1.00 0.98  ? 11 CYS A HB3  1 
ATOM 151  N N    . CYS A 1 12 ? -8.418  -2.781  5.444   1.00 0.48  ? 12 CYS A N    1 
ATOM 152  C CA   . CYS A 1 12 ? -8.657  -4.100  4.780   1.00 0.44  ? 12 CYS A CA   1 
ATOM 153  C C    . CYS A 1 12 ? -8.043  -5.209  5.640   1.00 0.44  ? 12 CYS A C    1 
ATOM 154  O O    . CYS A 1 12 ? -6.888  -5.146  6.015   1.00 0.46  ? 12 CYS A O    1 
ATOM 155  C CB   . CYS A 1 12 ? -7.973  -4.019  3.407   1.00 0.43  ? 12 CYS A CB   1 
ATOM 156  S SG   . CYS A 1 12 ? -6.221  -3.589  3.588   1.00 0.42  ? 12 CYS A SG   1 
ATOM 157  H H    . CYS A 1 12 ? -7.647  -2.673  6.040   1.00 0.63  ? 12 CYS A H    1 
ATOM 158  H HA   . CYS A 1 12 ? -9.716  -4.269  4.656   1.00 0.52  ? 12 CYS A HA   1 
ATOM 159  H HB2  . CYS A 1 12 ? -8.051  -4.975  2.911   1.00 0.49  ? 12 CYS A HB2  1 
ATOM 160  H HB3  . CYS A 1 12 ? -8.467  -3.267  2.809   1.00 0.50  ? 12 CYS A HB3  1 
ATOM 161  N N    . TYR A 1 13 ? -8.819  -6.206  5.988   1.00 0.53  ? 13 TYR A N    1 
ATOM 162  C CA   . TYR A 1 13 ? -8.300  -7.304  6.864   1.00 0.63  ? 13 TYR A CA   1 
ATOM 163  C C    . TYR A 1 13 ? -7.834  -8.509  6.046   1.00 0.65  ? 13 TYR A C    1 
ATOM 164  O O    . TYR A 1 13 ? -7.802  -9.618  6.544   1.00 0.76  ? 13 TYR A O    1 
ATOM 165  C CB   . TYR A 1 13 ? -9.483  -7.695  7.749   1.00 0.77  ? 13 TYR A CB   1 
ATOM 166  C CG   . TYR A 1 13 ? -9.907  -6.506  8.575   1.00 1.51  ? 13 TYR A CG   1 
ATOM 167  C CD1  . TYR A 1 13 ? -9.228  -6.207  9.758   1.00 2.31  ? 13 TYR A CD1  1 
ATOM 168  C CD2  . TYR A 1 13 ? -10.973 -5.703  8.153   1.00 2.47  ? 13 TYR A CD2  1 
ATOM 169  C CE1  . TYR A 1 13 ? -9.613  -5.100  10.523  1.00 3.46  ? 13 TYR A CE1  1 
ATOM 170  C CE2  . TYR A 1 13 ? -11.361 -4.598  8.919   1.00 3.57  ? 13 TYR A CE2  1 
ATOM 171  C CZ   . TYR A 1 13 ? -10.681 -4.296  10.104  1.00 3.95  ? 13 TYR A CZ   1 
ATOM 172  O OH   . TYR A 1 13 ? -11.059 -3.204  10.858  1.00 5.20  ? 13 TYR A OH   1 
ATOM 173  H H    . TYR A 1 13 ? -9.757  -6.218  5.696   1.00 0.57  ? 13 TYR A H    1 
ATOM 174  H HA   . TYR A 1 13 ? -7.492  -6.938  7.480   1.00 0.63  ? 13 TYR A HA   1 
ATOM 175  H HB2  . TYR A 1 13 ? -10.305 -8.016  7.128   1.00 1.26  ? 13 TYR A HB2  1 
ATOM 176  H HB3  . TYR A 1 13 ? -9.191  -8.503  8.405   1.00 1.42  ? 13 TYR A HB3  1 
ATOM 177  H HD1  . TYR A 1 13 ? -8.406  -6.828  10.080  1.00 2.49  ? 13 TYR A HD1  1 
ATOM 178  H HD2  . TYR A 1 13 ? -11.497 -5.936  7.238   1.00 2.75  ? 13 TYR A HD2  1 
ATOM 179  H HE1  . TYR A 1 13 ? -9.088  -4.869  11.437  1.00 4.23  ? 13 TYR A HE1  1 
ATOM 180  H HE2  . TYR A 1 13 ? -12.184 -3.978  8.595   1.00 4.41  ? 13 TYR A HE2  1 
ATOM 181  H HH   . TYR A 1 13 ? -12.014 -3.223  10.948  1.00 5.67  ? 13 TYR A HH   1 
ATOM 182  N N    . ARG A 1 14 ? -7.472  -8.309  4.804   1.00 0.61  ? 14 ARG A N    1 
ATOM 183  C CA   . ARG A 1 14 ? -7.012  -9.463  3.976   1.00 0.67  ? 14 ARG A CA   1 
ATOM 184  C C    . ARG A 1 14 ? -5.491  -9.598  4.042   1.00 0.55  ? 14 ARG A C    1 
ATOM 185  O O    . ARG A 1 14 ? -4.761  -8.706  3.655   1.00 0.53  ? 14 ARG A O    1 
ATOM 186  C CB   . ARG A 1 14 ? -7.436  -9.145  2.547   1.00 0.78  ? 14 ARG A CB   1 
ATOM 187  C CG   . ARG A 1 14 ? -8.954  -9.211  2.435   1.00 0.96  ? 14 ARG A CG   1 
ATOM 188  C CD   . ARG A 1 14 ? -9.365  -8.891  0.996   1.00 1.44  ? 14 ARG A CD   1 
ATOM 189  N NE   . ARG A 1 14 ? -10.852 -8.989  0.976   1.00 1.94  ? 14 ARG A NE   1 
ATOM 190  C CZ   . ARG A 1 14 ? -11.492 -8.877  -0.155  1.00 2.44  ? 14 ARG A CZ   1 
ATOM 191  N NH1  . ARG A 1 14 ? -11.337 -9.778  -1.086  1.00 2.90  ? 14 ARG A NH1  1 
ATOM 192  N NH2  . ARG A 1 14 ? -12.283 -7.858  -0.357  1.00 3.05  ? 14 ARG A NH2  1 
ATOM 193  H H    . ARG A 1 14 ? -7.504  -7.408  4.421   1.00 0.59  ? 14 ARG A H    1 
ATOM 194  H HA   . ARG A 1 14 ? -7.483  -10.376 4.304   1.00 0.78  ? 14 ARG A HA   1 
ATOM 195  H HB2  . ARG A 1 14 ? -7.095  -8.156  2.282   1.00 0.75  ? 14 ARG A HB2  1 
ATOM 196  H HB3  . ARG A 1 14 ? -6.999  -9.868  1.875   1.00 0.82  ? 14 ARG A HB3  1 
ATOM 197  H HG2  . ARG A 1 14 ? -9.287  -10.204 2.695   1.00 1.10  ? 14 ARG A HG2  1 
ATOM 198  H HG3  . ARG A 1 14 ? -9.397  -8.491  3.105   1.00 1.14  ? 14 ARG A HG3  1 
ATOM 199  H HD2  . ARG A 1 14 ? -9.049  -7.892  0.730   1.00 1.99  ? 14 ARG A HD2  1 
ATOM 200  H HD3  . ARG A 1 14 ? -8.938  -9.614  0.319   1.00 1.78  ? 14 ARG A HD3  1 
ATOM 201  H HE   . ARG A 1 14 ? -11.348 -9.136  1.808   1.00 2.36  ? 14 ARG A HE   1 
ATOM 202  H HH11 . ARG A 1 14 ? -10.727 -10.556 -0.932  1.00 3.07  ? 14 ARG A HH11 1 
ATOM 203  H HH12 . ARG A 1 14 ? -11.827 -9.690  -1.954  1.00 3.41  ? 14 ARG A HH12 1 
ATOM 204  H HH21 . ARG A 1 14 ? -12.398 -7.166  0.355   1.00 3.31  ? 14 ARG A HH21 1 
ATOM 205  H HH22 . ARG A 1 14 ? -12.774 -7.768  -1.224  1.00 3.55  ? 14 ARG A HH22 1 
ATOM 206  N N    . PHE A 1 15 ? -5.017  -10.721 4.510   1.00 0.54  ? 15 PHE A N    1 
ATOM 207  C CA   . PHE A 1 15 ? -3.546  -10.945 4.585   1.00 0.49  ? 15 PHE A CA   1 
ATOM 208  C C    . PHE A 1 15 ? -3.144  -11.931 3.494   1.00 0.46  ? 15 PHE A C    1 
ATOM 209  O O    . PHE A 1 15 ? -3.491  -13.096 3.545   1.00 0.50  ? 15 PHE A O    1 
ATOM 210  C CB   . PHE A 1 15 ? -3.304  -11.551 5.964   1.00 0.57  ? 15 PHE A CB   1 
ATOM 211  C CG   . PHE A 1 15 ? -3.703  -10.561 7.030   1.00 0.62  ? 15 PHE A CG   1 
ATOM 212  C CD1  . PHE A 1 15 ? -5.015  -10.550 7.515   1.00 1.29  ? 15 PHE A CD1  1 
ATOM 213  C CD2  . PHE A 1 15 ? -2.761  -9.656  7.532   1.00 1.45  ? 15 PHE A CD2  1 
ATOM 214  C CE1  . PHE A 1 15 ? -5.387  -9.631  8.505   1.00 1.34  ? 15 PHE A CE1  1 
ATOM 215  C CE2  . PHE A 1 15 ? -3.132  -8.738  8.522   1.00 1.48  ? 15 PHE A CE2  1 
ATOM 216  C CZ   . PHE A 1 15 ? -4.445  -8.726  9.008   1.00 0.78  ? 15 PHE A CZ   1 
ATOM 217  H H    . PHE A 1 15 ? -5.632  -11.426 4.797   1.00 0.61  ? 15 PHE A H    1 
ATOM 218  H HA   . PHE A 1 15 ? -3.009  -10.015 4.482   1.00 0.48  ? 15 PHE A HA   1 
ATOM 219  H HB2  . PHE A 1 15 ? -3.892  -12.450 6.069   1.00 0.64  ? 15 PHE A HB2  1 
ATOM 220  H HB3  . PHE A 1 15 ? -2.257  -11.790 6.071   1.00 0.61  ? 15 PHE A HB3  1 
ATOM 221  H HD1  . PHE A 1 15 ? -5.741  -11.247 7.125   1.00 2.13  ? 15 PHE A HD1  1 
ATOM 222  H HD2  . PHE A 1 15 ? -1.747  -9.666  7.156   1.00 2.31  ? 15 PHE A HD2  1 
ATOM 223  H HE1  . PHE A 1 15 ? -6.400  -9.621  8.878   1.00 2.20  ? 15 PHE A HE1  1 
ATOM 224  H HE2  . PHE A 1 15 ? -2.405  -8.040  8.910   1.00 2.34  ? 15 PHE A HE2  1 
ATOM 225  H HZ   . PHE A 1 15 ? -4.730  -8.019  9.772   1.00 0.86  ? 15 PHE A HZ   1 
ATOM 226  N N    . ILE A 1 16 ? -2.430  -11.472 2.503   1.00 0.45  ? 16 ILE A N    1 
ATOM 227  C CA   . ILE A 1 16 ? -2.016  -12.380 1.398   1.00 0.47  ? 16 ILE A CA   1 
ATOM 228  C C    . ILE A 1 16 ? -0.574  -12.847 1.612   1.00 0.46  ? 16 ILE A C    1 
ATOM 229  O O    . ILE A 1 16 ? 0.346   -12.051 1.643   1.00 0.46  ? 16 ILE A O    1 
ATOM 230  C CB   . ILE A 1 16 ? -2.152  -11.537 0.125   1.00 0.53  ? 16 ILE A CB   1 
ATOM 231  C CG1  . ILE A 1 16 ? -3.614  -11.094 -0.038  1.00 0.59  ? 16 ILE A CG1  1 
ATOM 232  C CG2  . ILE A 1 16 ? -1.734  -12.366 -1.093  1.00 0.60  ? 16 ILE A CG2  1 
ATOM 233  C CD1  . ILE A 1 16 ? -3.713  -10.054 -1.157  1.00 1.16  ? 16 ILE A CD1  1 
ATOM 234  H H    . ILE A 1 16 ? -2.172  -10.527 2.482   1.00 0.47  ? 16 ILE A H    1 
ATOM 235  H HA   . ILE A 1 16 ? -2.681  -13.230 1.345   1.00 0.51  ? 16 ILE A HA   1 
ATOM 236  H HB   . ILE A 1 16 ? -1.517  -10.665 0.202   1.00 0.53  ? 16 ILE A HB   1 
ATOM 237  H HG12 . ILE A 1 16 ? -4.223  -11.951 -0.285  1.00 1.06  ? 16 ILE A HG12 1 
ATOM 238  H HG13 . ILE A 1 16 ? -3.966  -10.658 0.888   1.00 1.14  ? 16 ILE A HG13 1 
ATOM 239  H HG21 . ILE A 1 16 ? -1.897  -13.414 -0.887  1.00 0.98  ? 16 ILE A HG21 1 
ATOM 240  H HG22 . ILE A 1 16 ? -2.323  -12.071 -1.950  1.00 1.17  ? 16 ILE A HG22 1 
ATOM 241  H HG23 . ILE A 1 16 ? -0.687  -12.200 -1.300  1.00 1.39  ? 16 ILE A HG23 1 
ATOM 242  H HD11 . ILE A 1 16 ? -2.893  -10.189 -1.847  1.00 1.91  ? 16 ILE A HD11 1 
ATOM 243  H HD12 . ILE A 1 16 ? -4.649  -10.178 -1.681  1.00 1.71  ? 16 ILE A HD12 1 
ATOM 244  H HD13 . ILE A 1 16 ? -3.667  -9.063  -0.731  1.00 1.46  ? 16 ILE A HD13 1 
ATOM 245  N N    . ASN A 1 17 ? -0.372  -14.134 1.758   1.00 0.49  ? 17 ASN A N    1 
ATOM 246  C CA   . ASN A 1 17 ? 1.008   -14.662 1.967   1.00 0.54  ? 17 ASN A CA   1 
ATOM 247  C C    . ASN A 1 17 ? 1.597   -15.165 0.643   1.00 0.57  ? 17 ASN A C    1 
ATOM 248  O O    . ASN A 1 17 ? 2.518   -15.958 0.633   1.00 0.65  ? 17 ASN A O    1 
ATOM 249  C CB   . ASN A 1 17 ? 0.852   -15.818 2.962   1.00 0.62  ? 17 ASN A CB   1 
ATOM 250  C CG   . ASN A 1 17 ? 0.516   -15.267 4.350   1.00 1.52  ? 17 ASN A CG   1 
ATOM 251  O OD1  . ASN A 1 17 ? 0.846   -14.140 4.663   1.00 2.40  ? 17 ASN A OD1  1 
ATOM 252  N ND2  . ASN A 1 17 ? -0.127  -16.019 5.203   1.00 2.07  ? 17 ASN A ND2  1 
ATOM 253  H H    . ASN A 1 17 ? -1.131  -14.755 1.727   1.00 0.52  ? 17 ASN A H    1 
ATOM 254  H HA   . ASN A 1 17 ? 1.639   -13.896 2.392   1.00 0.54  ? 17 ASN A HA   1 
ATOM 255  H HB2  . ASN A 1 17 ? 0.057   -16.471 2.633   1.00 1.04  ? 17 ASN A HB2  1 
ATOM 256  H HB3  . ASN A 1 17 ? 1.775   -16.374 3.012   1.00 1.18  ? 17 ASN A HB3  1 
ATOM 257  H HD21 . ASN A 1 17 ? -0.391  -16.930 4.953   1.00 2.11  ? 17 ASN A HD21 1 
ATOM 258  H HD22 . ASN A 1 17 ? -0.344  -15.674 6.095   1.00 2.83  ? 17 ASN A HD22 1 
ATOM 259  N N    . LYS A 1 18 ? 1.066   -14.721 -0.475  1.00 0.55  ? 18 LYS A N    1 
ATOM 260  C CA   . LYS A 1 18 ? 1.588   -15.180 -1.799  1.00 0.62  ? 18 LYS A CA   1 
ATOM 261  C C    . LYS A 1 18 ? 2.523   -14.125 -2.402  1.00 0.52  ? 18 LYS A C    1 
ATOM 262  O O    . LYS A 1 18 ? 2.490   -12.971 -2.030  1.00 0.48  ? 18 LYS A O    1 
ATOM 263  C CB   . LYS A 1 18 ? 0.346   -15.348 -2.676  1.00 0.73  ? 18 LYS A CB   1 
ATOM 264  C CG   . LYS A 1 18 ? -0.504  -16.506 -2.149  1.00 1.41  ? 18 LYS A CG   1 
ATOM 265  C CD   . LYS A 1 18 ? -1.744  -16.669 -3.032  1.00 1.73  ? 18 LYS A CD   1 
ATOM 266  C CE   . LYS A 1 18 ? -2.599  -17.826 -2.509  1.00 2.63  ? 18 LYS A CE   1 
ATOM 267  N NZ   . LYS A 1 18 ? -3.883  -17.725 -3.257  1.00 2.97  ? 18 LYS A NZ   1 
ATOM 268  H H    . LYS A 1 18 ? 0.319   -14.087 -0.443  1.00 0.53  ? 18 LYS A H    1 
ATOM 269  H HA   . LYS A 1 18 ? 2.098   -16.126 -1.697  1.00 0.71  ? 18 LYS A HA   1 
ATOM 270  H HB2  . LYS A 1 18 ? -0.233  -14.437 -2.657  1.00 1.03  ? 18 LYS A HB2  1 
ATOM 271  H HB3  . LYS A 1 18 ? 0.649   -15.560 -3.692  1.00 1.14  ? 18 LYS A HB3  1 
ATOM 272  H HG2  . LYS A 1 18 ? 0.076   -17.417 -2.168  1.00 2.03  ? 18 LYS A HG2  1 
ATOM 273  H HG3  . LYS A 1 18 ? -0.811  -16.295 -1.136  1.00 1.89  ? 18 LYS A HG3  1 
ATOM 274  H HD2  . LYS A 1 18 ? -2.322  -15.756 -3.012  1.00 1.76  ? 18 LYS A HD2  1 
ATOM 275  H HD3  . LYS A 1 18 ? -1.439  -16.880 -4.047  1.00 2.08  ? 18 LYS A HD3  1 
ATOM 276  H HE2  . LYS A 1 18 ? -2.114  -18.771 -2.713  1.00 3.17  ? 18 LYS A HE2  1 
ATOM 277  H HE3  . LYS A 1 18 ? -2.777  -17.713 -1.451  1.00 3.01  ? 18 LYS A HE3  1 
ATOM 278  H HZ1  . LYS A 1 18 ? -3.695  -17.761 -4.279  1.00 3.27  ? 18 LYS A HZ1  1 
ATOM 279  H HZ2  . LYS A 1 18 ? -4.503  -18.517 -2.990  1.00 3.35  ? 18 LYS A HZ2  1 
ATOM 280  H HZ3  . LYS A 1 18 ? -4.350  -16.825 -3.025  1.00 3.14  ? 18 LYS A HZ3  1 
ATOM 281  N N    . LYS A 1 19 ? 3.354   -14.523 -3.331  1.00 0.51  ? 19 LYS A N    1 
ATOM 282  C CA   . LYS A 1 19 ? 4.303   -13.556 -3.970  1.00 0.45  ? 19 LYS A CA   1 
ATOM 283  C C    . LYS A 1 19 ? 3.541   -12.434 -4.682  1.00 0.42  ? 19 LYS A C    1 
ATOM 284  O O    . LYS A 1 19 ? 2.460   -12.639 -5.202  1.00 0.53  ? 19 LYS A O    1 
ATOM 285  C CB   . LYS A 1 19 ? 5.087   -14.382 -4.994  1.00 0.55  ? 19 LYS A CB   1 
ATOM 286  C CG   . LYS A 1 19 ? 6.022   -15.350 -4.269  1.00 1.49  ? 19 LYS A CG   1 
ATOM 287  C CD   . LYS A 1 19 ? 6.796   -16.172 -5.298  1.00 1.82  ? 19 LYS A CD   1 
ATOM 288  C CE   . LYS A 1 19 ? 7.732   -17.140 -4.576  1.00 2.56  ? 19 LYS A CE   1 
ATOM 289  N NZ   . LYS A 1 19 ? 8.043   -18.194 -5.583  1.00 3.06  ? 19 LYS A NZ   1 
ATOM 290  H H    . LYS A 1 19 ? 3.355   -15.463 -3.608  1.00 0.59  ? 19 LYS A H    1 
ATOM 291  H HA   . LYS A 1 19 ? 4.979   -13.146 -3.237  1.00 0.44  ? 19 LYS A HA   1 
ATOM 292  H HB2  . LYS A 1 19 ? 4.397   -14.941 -5.609  1.00 1.21  ? 19 LYS A HB2  1 
ATOM 293  H HB3  . LYS A 1 19 ? 5.670   -13.721 -5.617  1.00 1.14  ? 19 LYS A HB3  1 
ATOM 294  H HG2  . LYS A 1 19 ? 6.716   -14.790 -3.658  1.00 2.07  ? 19 LYS A HG2  1 
ATOM 295  H HG3  . LYS A 1 19 ? 5.444   -16.013 -3.643  1.00 2.22  ? 19 LYS A HG3  1 
ATOM 296  H HD2  . LYS A 1 19 ? 6.101   -16.729 -5.908  1.00 2.42  ? 19 LYS A HD2  1 
ATOM 297  H HD3  . LYS A 1 19 ? 7.380   -15.511 -5.924  1.00 1.83  ? 19 LYS A HD3  1 
ATOM 298  H HE2  . LYS A 1 19 ? 8.634   -16.630 -4.268  1.00 2.76  ? 19 LYS A HE2  1 
ATOM 299  H HE3  . LYS A 1 19 ? 7.234   -17.578 -3.723  1.00 3.15  ? 19 LYS A HE3  1 
ATOM 300  H HZ1  . LYS A 1 19 ? 8.400   -17.748 -6.453  1.00 3.36  ? 19 LYS A HZ1  1 
ATOM 301  H HZ2  . LYS A 1 19 ? 8.767   -18.837 -5.201  1.00 3.24  ? 19 LYS A HZ2  1 
ATOM 302  H HZ3  . LYS A 1 19 ? 7.180   -18.732 -5.802  1.00 3.49  ? 19 LYS A HZ3  1 
ATOM 303  N N    . ILE A 1 20 ? 4.110   -11.253 -4.723  1.00 0.35  ? 20 ILE A N    1 
ATOM 304  C CA   . ILE A 1 20 ? 3.439   -10.116 -5.418  1.00 0.41  ? 20 ILE A CA   1 
ATOM 305  C C    . ILE A 1 20 ? 4.136   -9.880  -6.771  1.00 0.47  ? 20 ILE A C    1 
ATOM 306  O O    . ILE A 1 20 ? 5.338   -10.035 -6.870  1.00 0.48  ? 20 ILE A O    1 
ATOM 307  C CB   . ILE A 1 20 ? 3.615   -8.903  -4.490  1.00 0.40  ? 20 ILE A CB   1 
ATOM 308  C CG1  . ILE A 1 20 ? 3.007   -9.204  -3.113  1.00 0.46  ? 20 ILE A CG1  1 
ATOM 309  C CG2  . ILE A 1 20 ? 2.902   -7.693  -5.095  1.00 0.51  ? 20 ILE A CG2  1 
ATOM 310  C CD1  . ILE A 1 20 ? 3.295   -8.042  -2.151  1.00 0.45  ? 20 ILE A CD1  1 
ATOM 311  H H    . ILE A 1 20 ? 4.988   -11.120 -4.312  1.00 0.35  ? 20 ILE A H    1 
ATOM 312  H HA   . ILE A 1 20 ? 2.391   -10.329 -5.561  1.00 0.51  ? 20 ILE A HA   1 
ATOM 313  H HB   . ILE A 1 20 ? 4.667   -8.683  -4.380  1.00 0.36  ? 20 ILE A HB   1 
ATOM 314  H HG12 . ILE A 1 20 ? 1.939   -9.332  -3.213  1.00 0.58  ? 20 ILE A HG12 1 
ATOM 315  H HG13 . ILE A 1 20 ? 3.443   -10.110 -2.720  1.00 0.47  ? 20 ILE A HG13 1 
ATOM 316  H HG21 . ILE A 1 20 ? 3.279   -7.513  -6.090  1.00 1.11  ? 20 ILE A HG21 1 
ATOM 317  H HG22 . ILE A 1 20 ? 1.841   -7.887  -5.142  1.00 1.18  ? 20 ILE A HG22 1 
ATOM 318  H HG23 . ILE A 1 20 ? 3.083   -6.824  -4.479  1.00 0.98  ? 20 ILE A HG23 1 
ATOM 319  H HD11 . ILE A 1 20 ? 4.353   -7.826  -2.149  1.00 1.01  ? 20 ILE A HD11 1 
ATOM 320  H HD12 . ILE A 1 20 ? 2.751   -7.164  -2.469  1.00 1.07  ? 20 ILE A HD12 1 
ATOM 321  H HD13 . ILE A 1 20 ? 2.983   -8.314  -1.152  1.00 1.09  ? 20 ILE A HD13 1 
ATOM 322  N N    . PRO A 1 21 ? 3.372   -9.528  -7.782  1.00 0.59  ? 21 PRO A N    1 
ATOM 323  C CA   . PRO A 1 21 ? 3.968   -9.301  -9.125  1.00 0.70  ? 21 PRO A CA   1 
ATOM 324  C C    . PRO A 1 21 ? 4.840   -8.042  -9.131  1.00 0.58  ? 21 PRO A C    1 
ATOM 325  O O    . PRO A 1 21 ? 4.350   -6.934  -9.239  1.00 0.52  ? 21 PRO A O    1 
ATOM 326  C CB   . PRO A 1 21 ? 2.755   -9.138  -10.038 1.00 0.88  ? 21 PRO A CB   1 
ATOM 327  C CG   . PRO A 1 21 ? 1.652   -8.689  -9.136  1.00 0.87  ? 21 PRO A CG   1 
ATOM 328  C CD   . PRO A 1 21 ? 1.917   -9.305  -7.786  1.00 0.71  ? 21 PRO A CD   1 
ATOM 329  H HA   . PRO A 1 21 ? 4.543   -10.160 -9.432  1.00 0.79  ? 21 PRO A HA   1 
ATOM 330  H HB2  . PRO A 1 21 ? 2.954   -8.392  -10.794 1.00 0.92  ? 21 PRO A HB2  1 
ATOM 331  H HB3  . PRO A 1 21 ? 2.496   -10.080 -10.496 1.00 1.02  ? 21 PRO A HB3  1 
ATOM 332  H HG2  . PRO A 1 21 ? 1.653   -7.610  -9.064  1.00 0.87  ? 21 PRO A HG2  1 
ATOM 333  H HG3  . PRO A 1 21 ? 0.703   -9.035  -9.513  1.00 1.04  ? 21 PRO A HG3  1 
ATOM 334  H HD2  . PRO A 1 21 ? 1.630   -8.625  -6.996  1.00 0.71  ? 21 PRO A HD2  1 
ATOM 335  H HD3  . PRO A 1 21 ? 1.399   -10.244 -7.687  1.00 0.73  ? 21 PRO A HD3  1 
ATOM 336  N N    . LYS A 1 22 ? 6.135   -8.210  -9.022  1.00 0.64  ? 22 LYS A N    1 
ATOM 337  C CA   . LYS A 1 22 ? 7.061   -7.032  -9.022  1.00 0.62  ? 22 LYS A CA   1 
ATOM 338  C C    . LYS A 1 22 ? 6.888   -6.230  -10.315 1.00 0.56  ? 22 LYS A C    1 
ATOM 339  O O    . LYS A 1 22 ? 6.901   -5.013  -10.310 1.00 0.52  ? 22 LYS A O    1 
ATOM 340  C CB   . LYS A 1 22 ? 8.470   -7.631  -8.941  1.00 0.81  ? 22 LYS A CB   1 
ATOM 341  C CG   . LYS A 1 22 ? 9.512   -6.511  -8.915  1.00 1.19  ? 22 LYS A CG   1 
ATOM 342  C CD   . LYS A 1 22 ? 10.913  -7.124  -8.846  1.00 1.40  ? 22 LYS A CD   1 
ATOM 343  C CE   . LYS A 1 22 ? 11.961  -6.009  -8.818  1.00 2.19  ? 22 LYS A CE   1 
ATOM 344  N NZ   . LYS A 1 22 ? 13.245  -6.700  -8.515  1.00 2.52  ? 22 LYS A NZ   1 
ATOM 345  H H    . LYS A 1 22 ? 6.500   -9.117  -8.942  1.00 0.74  ? 22 LYS A H    1 
ATOM 346  H HA   . LYS A 1 22 ? 6.877   -6.407  -8.167  1.00 0.60  ? 22 LYS A HA   1 
ATOM 347  H HB2  . LYS A 1 22 ? 8.556   -8.222  -8.039  1.00 1.51  ? 22 LYS A HB2  1 
ATOM 348  H HB3  . LYS A 1 22 ? 8.644   -8.260  -9.799  1.00 1.39  ? 22 LYS A HB3  1 
ATOM 349  H HG2  . LYS A 1 22 ? 9.421   -5.915  -9.811  1.00 1.75  ? 22 LYS A HG2  1 
ATOM 350  H HG3  . LYS A 1 22 ? 9.354   -5.887  -8.048  1.00 1.90  ? 22 LYS A HG3  1 
ATOM 351  H HD2  . LYS A 1 22 ? 11.000  -7.726  -7.954  1.00 1.76  ? 22 LYS A HD2  1 
ATOM 352  H HD3  . LYS A 1 22 ? 11.074  -7.743  -9.717  1.00 1.64  ? 22 LYS A HD3  1 
ATOM 353  H HE2  . LYS A 1 22 ? 12.014  -5.519  -9.780  1.00 2.75  ? 22 LYS A HE2  1 
ATOM 354  H HE3  . LYS A 1 22 ? 11.732  -5.294  -8.043  1.00 2.65  ? 22 LYS A HE3  1 
ATOM 355  H HZ1  . LYS A 1 22 ? 13.417  -7.437  -9.229  1.00 2.57  ? 22 LYS A HZ1  1 
ATOM 356  H HZ2  . LYS A 1 22 ? 14.023  -6.012  -8.532  1.00 3.00  ? 22 LYS A HZ2  1 
ATOM 357  H HZ3  . LYS A 1 22 ? 13.191  -7.136  -7.572  1.00 2.90  ? 22 LYS A HZ3  1 
ATOM 358  N N    . GLN A 1 23 ? 6.726   -6.909  -11.421 1.00 0.60  ? 23 GLN A N    1 
ATOM 359  C CA   . GLN A 1 23 ? 6.548   -6.200  -12.724 1.00 0.62  ? 23 GLN A CA   1 
ATOM 360  C C    . GLN A 1 23 ? 5.301   -5.306  -12.681 1.00 0.55  ? 23 GLN A C    1 
ATOM 361  O O    . GLN A 1 23 ? 5.286   -4.223  -13.234 1.00 0.57  ? 23 GLN A O    1 
ATOM 362  C CB   . GLN A 1 23 ? 6.393   -7.305  -13.772 1.00 0.74  ? 23 GLN A CB   1 
ATOM 363  C CG   . GLN A 1 23 ? 6.217   -6.673  -15.155 1.00 1.47  ? 23 GLN A CG   1 
ATOM 364  C CD   . GLN A 1 23 ? 6.073   -7.770  -16.211 1.00 1.89  ? 23 GLN A CD   1 
ATOM 365  O OE1  . GLN A 1 23 ? 5.336   -8.716  -16.026 1.00 2.04  ? 23 GLN A OE1  1 
ATOM 366  N NE2  . GLN A 1 23 ? 6.751   -7.678  -17.321 1.00 2.72  ? 23 GLN A NE2  1 
ATOM 367  H H    . GLN A 1 23 ? 6.721   -7.890  -11.393 1.00 0.64  ? 23 GLN A H    1 
ATOM 368  H HA   . GLN A 1 23 ? 7.421   -5.606  -12.945 1.00 0.66  ? 23 GLN A HA   1 
ATOM 369  H HB2  . GLN A 1 23 ? 7.274   -7.930  -13.769 1.00 1.28  ? 23 GLN A HB2  1 
ATOM 370  H HB3  . GLN A 1 23 ? 5.525   -7.903  -13.537 1.00 1.12  ? 23 GLN A HB3  1 
ATOM 371  H HG2  . GLN A 1 23 ? 5.333   -6.053  -15.156 1.00 2.01  ? 23 GLN A HG2  1 
ATOM 372  H HG3  . GLN A 1 23 ? 7.082   -6.068  -15.384 1.00 2.08  ? 23 GLN A HG3  1 
ATOM 373  H HE21 . GLN A 1 23 ? 7.345   -6.912  -17.470 1.00 3.15  ? 23 GLN A HE21 1 
ATOM 374  H HE22 . GLN A 1 23 ? 6.667   -8.373  -18.006 1.00 3.13  ? 23 GLN A HE22 1 
ATOM 375  N N    . ARG A 1 24 ? 4.252   -5.759  -12.039 1.00 0.53  ? 24 ARG A N    1 
ATOM 376  C CA   . ARG A 1 24 ? 3.003   -4.938  -11.973 1.00 0.55  ? 24 ARG A CA   1 
ATOM 377  C C    . ARG A 1 24 ? 3.006   -4.022  -10.738 1.00 0.56  ? 24 ARG A C    1 
ATOM 378  O O    . ARG A 1 24 ? 2.096   -3.238  -10.548 1.00 1.05  ? 24 ARG A O    1 
ATOM 379  C CB   . ARG A 1 24 ? 1.858   -5.953  -11.896 1.00 0.60  ? 24 ARG A CB   1 
ATOM 380  C CG   . ARG A 1 24 ? 1.756   -6.697  -13.230 1.00 0.75  ? 24 ARG A CG   1 
ATOM 381  C CD   . ARG A 1 24 ? 0.614   -7.718  -13.174 1.00 1.05  ? 24 ARG A CD   1 
ATOM 382  N NE   . ARG A 1 24 ? 0.633   -8.391  -14.506 1.00 1.61  ? 24 ARG A NE   1 
ATOM 383  C CZ   . ARG A 1 24 ? -0.412  -9.053  -14.923 1.00 1.75  ? 24 ARG A CZ   1 
ATOM 384  N NH1  . ARG A 1 24 ? -1.525  -8.423  -15.184 1.00 2.23  ? 24 ARG A NH1  1 
ATOM 385  N NH2  . ARG A 1 24 ? -0.343  -10.345 -15.088 1.00 2.12  ? 24 ARG A NH2  1 
ATOM 386  H H    . ARG A 1 24 ? 4.286   -6.637  -11.607 1.00 0.53  ? 24 ARG A H    1 
ATOM 387  H HA   . ARG A 1 24 ? 2.902   -4.348  -12.869 1.00 0.59  ? 24 ARG A HA   1 
ATOM 388  H HB2  . ARG A 1 24 ? 2.053   -6.659  -11.100 1.00 0.56  ? 24 ARG A HB2  1 
ATOM 389  H HB3  . ARG A 1 24 ? 0.930   -5.438  -11.701 1.00 0.67  ? 24 ARG A HB3  1 
ATOM 390  H HG2  . ARG A 1 24 ? 1.565   -5.987  -14.020 1.00 0.97  ? 24 ARG A HG2  1 
ATOM 391  H HG3  . ARG A 1 24 ? 2.685   -7.212  -13.427 1.00 0.91  ? 24 ARG A HG3  1 
ATOM 392  H HD2  . ARG A 1 24 ? 0.788   -8.434  -12.383 1.00 1.62  ? 24 ARG A HD2  1 
ATOM 393  H HD3  . ARG A 1 24 ? -0.331  -7.217  -13.028 1.00 1.23  ? 24 ARG A HD3  1 
ATOM 394  H HE   . ARG A 1 24 ? 1.433   -8.338  -15.070 1.00 2.26  ? 24 ARG A HE   1 
ATOM 395  H HH11 . ARG A 1 24 ? -1.578  -7.432  -15.065 1.00 2.67  ? 24 ARG A HH11 1 
ATOM 396  H HH12 . ARG A 1 24 ? -2.324  -8.931  -15.506 1.00 2.49  ? 24 ARG A HH12 1 
ATOM 397  H HH21 . ARG A 1 24 ? 0.511   -10.829 -14.894 1.00 2.48  ? 24 ARG A HH21 1 
ATOM 398  H HH22 . ARG A 1 24 ? -1.143  -10.852 -15.409 1.00 2.43  ? 24 ARG A HH22 1 
ATOM 399  N N    . LEU A 1 25 ? 4.024   -4.093  -9.910  1.00 0.41  ? 25 LEU A N    1 
ATOM 400  C CA   . LEU A 1 25 ? 4.075   -3.203  -8.710  1.00 0.37  ? 25 LEU A CA   1 
ATOM 401  C C    . LEU A 1 25 ? 4.664   -1.848  -9.106  1.00 0.36  ? 25 LEU A C    1 
ATOM 402  O O    . LEU A 1 25 ? 5.808   -1.757  -9.508  1.00 0.44  ? 25 LEU A O    1 
ATOM 403  C CB   . LEU A 1 25 ? 5.000   -3.912  -7.717  1.00 0.43  ? 25 LEU A CB   1 
ATOM 404  C CG   . LEU A 1 25 ? 4.239   -5.013  -6.974  1.00 0.49  ? 25 LEU A CG   1 
ATOM 405  C CD1  . LEU A 1 25 ? 5.238   -6.005  -6.364  1.00 0.71  ? 25 LEU A CD1  1 
ATOM 406  C CD2  . LEU A 1 25 ? 3.399   -4.389  -5.854  1.00 0.41  ? 25 LEU A CD2  1 
ATOM 407  H H    . LEU A 1 25 ? 4.758   -4.715  -10.082 1.00 0.74  ? 25 LEU A H    1 
ATOM 408  H HA   . LEU A 1 25 ? 3.091   -3.083  -8.284  1.00 0.41  ? 25 LEU A HA   1 
ATOM 409  H HB2  . LEU A 1 25 ? 5.829   -4.350  -8.253  1.00 0.47  ? 25 LEU A HB2  1 
ATOM 410  H HB3  . LEU A 1 25 ? 5.374   -3.196  -7.004  1.00 0.49  ? 25 LEU A HB3  1 
ATOM 411  H HG   . LEU A 1 25 ? 3.592   -5.532  -7.665  1.00 0.61  ? 25 LEU A HG   1 
ATOM 412  H HD11 . LEU A 1 25 ? 6.222   -5.559  -6.333  1.00 1.13  ? 25 LEU A HD11 1 
ATOM 413  H HD12 . LEU A 1 25 ? 4.931   -6.261  -5.360  1.00 1.36  ? 25 LEU A HD12 1 
ATOM 414  H HD13 . LEU A 1 25 ? 5.269   -6.899  -6.967  1.00 1.34  ? 25 LEU A HD13 1 
ATOM 415  H HD21 . LEU A 1 25 ? 3.134   -3.377  -6.120  1.00 0.96  ? 25 LEU A HD21 1 
ATOM 416  H HD22 . LEU A 1 25 ? 2.502   -4.971  -5.711  1.00 0.95  ? 25 LEU A HD22 1 
ATOM 417  H HD23 . LEU A 1 25 ? 3.972   -4.382  -4.937  1.00 1.11  ? 25 LEU A HD23 1 
ATOM 418  N N    . GLU A 1 26 ? 3.895   -0.795  -8.992  1.00 0.33  ? 26 GLU A N    1 
ATOM 419  C CA   . GLU A 1 26 ? 4.412   0.558   -9.359  1.00 0.37  ? 26 GLU A CA   1 
ATOM 420  C C    . GLU A 1 26 ? 4.489   1.442   -8.120  1.00 0.37  ? 26 GLU A C    1 
ATOM 421  O O    . GLU A 1 26 ? 5.375   2.266   -7.982  1.00 0.62  ? 26 GLU A O    1 
ATOM 422  C CB   . GLU A 1 26 ? 3.397   1.126   -10.352 1.00 0.43  ? 26 GLU A CB   1 
ATOM 423  C CG   . GLU A 1 26 ? 3.514   0.398   -11.696 1.00 0.60  ? 26 GLU A CG   1 
ATOM 424  C CD   . GLU A 1 26 ? 4.913   0.616   -12.286 1.00 1.25  ? 26 GLU A CD   1 
ATOM 425  O OE1  . GLU A 1 26 ? 5.277   1.761   -12.495 1.00 2.06  ? 26 GLU A OE1  1 
ATOM 426  O OE2  . GLU A 1 26 ? 5.596   -0.369  -12.518 1.00 1.85  ? 26 GLU A OE2  1 
ATOM 427  H H    . GLU A 1 26 ? 2.977   -0.895  -8.663  1.00 0.33  ? 26 GLU A H    1 
ATOM 428  H HA   . GLU A 1 26 ? 5.381   0.477   -9.828  1.00 0.44  ? 26 GLU A HA   1 
ATOM 429  H HB2  . GLU A 1 26 ? 2.398   0.993   -9.957  1.00 0.43  ? 26 GLU A HB2  1 
ATOM 430  H HB3  . GLU A 1 26 ? 3.587   2.177   -10.494 1.00 0.47  ? 26 GLU A HB3  1 
ATOM 431  H HG2  . GLU A 1 26 ? 3.347   -0.658  -11.548 1.00 1.10  ? 26 GLU A HG2  1 
ATOM 432  H HG3  . GLU A 1 26 ? 2.776   0.787   -12.379 1.00 1.04  ? 26 GLU A HG3  1 
ATOM 433  N N    . SER A 1 27 ? 3.565   1.269   -7.217  1.00 0.37  ? 27 SER A N    1 
ATOM 434  C CA   . SER A 1 27 ? 3.566   2.086   -5.974  1.00 0.46  ? 27 SER A CA   1 
ATOM 435  C C    . SER A 1 27 ? 2.708   1.407   -4.912  1.00 0.38  ? 27 SER A C    1 
ATOM 436  O O    . SER A 1 27 ? 2.180   0.332   -5.125  1.00 0.35  ? 27 SER A O    1 
ATOM 437  C CB   . SER A 1 27 ? 2.960   3.427   -6.378  1.00 0.58  ? 27 SER A CB   1 
ATOM 438  O OG   . SER A 1 27 ? 1.788   3.198   -7.149  1.00 1.54  ? 27 SER A OG   1 
ATOM 439  H H    . SER A 1 27 ? 2.863   0.598   -7.362  1.00 0.53  ? 27 SER A H    1 
ATOM 440  H HA   . SER A 1 27 ? 4.572   2.227   -5.615  1.00 0.54  ? 27 SER A HA   1 
ATOM 441  H HB2  . SER A 1 27 ? 2.700   3.986   -5.495  1.00 1.13  ? 27 SER A HB2  1 
ATOM 442  H HB3  . SER A 1 27 ? 3.682   3.986   -6.954  1.00 0.97  ? 27 SER A HB3  1 
ATOM 443  H HG   . SER A 1 27 ? 1.526   4.032   -7.545  1.00 1.85  ? 27 SER A HG   1 
ATOM 444  N N    . TYR A 1 28 ? 2.572   2.022   -3.770  1.00 0.37  ? 28 TYR A N    1 
ATOM 445  C CA   . TYR A 1 28 ? 1.749   1.411   -2.686  1.00 0.31  ? 28 TYR A CA   1 
ATOM 446  C C    . TYR A 1 28 ? 1.342   2.466   -1.657  1.00 0.32  ? 28 TYR A C    1 
ATOM 447  O O    . TYR A 1 28 ? 2.151   3.263   -1.219  1.00 0.35  ? 28 TYR A O    1 
ATOM 448  C CB   . TYR A 1 28 ? 2.656   0.354   -2.033  1.00 0.32  ? 28 TYR A CB   1 
ATOM 449  C CG   . TYR A 1 28 ? 3.927   1.005   -1.526  1.00 0.36  ? 28 TYR A CG   1 
ATOM 450  C CD1  . TYR A 1 28 ? 5.014   1.186   -2.390  1.00 1.34  ? 28 TYR A CD1  1 
ATOM 451  C CD2  . TYR A 1 28 ? 4.008   1.437   -0.197  1.00 1.15  ? 28 TYR A CD2  1 
ATOM 452  C CE1  . TYR A 1 28 ? 6.185   1.794   -1.921  1.00 1.38  ? 28 TYR A CE1  1 
ATOM 453  C CE2  . TYR A 1 28 ? 5.179   2.046   0.271   1.00 1.15  ? 28 TYR A CE2  1 
ATOM 454  C CZ   . TYR A 1 28 ? 6.269   2.225   -0.592  1.00 0.48  ? 28 TYR A CZ   1 
ATOM 455  O OH   . TYR A 1 28 ? 7.426   2.827   -0.135  1.00 0.56  ? 28 TYR A OH   1 
ATOM 456  H H    . TYR A 1 28 ? 3.011   2.888   -3.626  1.00 0.42  ? 28 TYR A H    1 
ATOM 457  H HA   . TYR A 1 28 ? 0.876   0.936   -3.102  1.00 0.31  ? 28 TYR A HA   1 
ATOM 458  H HB2  . TYR A 1 28 ? 2.133   -0.098  -1.202  1.00 0.30  ? 28 TYR A HB2  1 
ATOM 459  H HB3  . TYR A 1 28 ? 2.904   -0.411  -2.753  1.00 0.34  ? 28 TYR A HB3  1 
ATOM 460  H HD1  . TYR A 1 28 ? 4.951   0.855   -3.417  1.00 2.23  ? 28 TYR A HD1  1 
ATOM 461  H HD2  . TYR A 1 28 ? 3.168   1.298   0.468   1.00 2.04  ? 28 TYR A HD2  1 
ATOM 462  H HE1  . TYR A 1 28 ? 7.025   1.931   -2.587  1.00 2.29  ? 28 TYR A HE1  1 
ATOM 463  H HE2  . TYR A 1 28 ? 5.241   2.379   1.297   1.00 2.02  ? 28 TYR A HE2  1 
ATOM 464  H HH   . TYR A 1 28 ? 7.516   2.637   0.803   1.00 0.95  ? 28 TYR A HH   1 
ATOM 465  N N    . ARG A 1 29 ? 0.101   2.454   -1.250  1.00 0.32  ? 29 ARG A N    1 
ATOM 466  C CA   . ARG A 1 29 ? -0.357  3.438   -0.223  1.00 0.35  ? 29 ARG A CA   1 
ATOM 467  C C    . ARG A 1 29 ? -0.486  2.732   1.134   1.00 0.31  ? 29 ARG A C    1 
ATOM 468  O O    . ARG A 1 29 ? -0.816  1.565   1.200   1.00 0.34  ? 29 ARG A O    1 
ATOM 469  C CB   . ARG A 1 29 ? -1.710  3.975   -0.720  1.00 0.42  ? 29 ARG A CB   1 
ATOM 470  C CG   . ARG A 1 29 ? -2.762  2.860   -0.765  1.00 0.42  ? 29 ARG A CG   1 
ATOM 471  C CD   . ARG A 1 29 ? -4.094  3.432   -1.260  1.00 0.72  ? 29 ARG A CD   1 
ATOM 472  N NE   . ARG A 1 29 ? -4.455  4.482   -0.265  1.00 1.31  ? 29 ARG A NE   1 
ATOM 473  C CZ   . ARG A 1 29 ? -5.062  5.572   -0.649  1.00 1.71  ? 29 ARG A CZ   1 
ATOM 474  N NH1  . ARG A 1 29 ? -4.675  6.193   -1.730  1.00 2.20  ? 29 ARG A NH1  1 
ATOM 475  N NH2  . ARG A 1 29 ? -6.053  6.044   0.054   1.00 2.33  ? 29 ARG A NH2  1 
ATOM 476  H H    . ARG A 1 29 ? -0.523  1.786   -1.614  1.00 0.32  ? 29 ARG A H    1 
ATOM 477  H HA   . ARG A 1 29 ? 0.351   4.249   -0.149  1.00 0.38  ? 29 ARG A HA   1 
ATOM 478  H HB2  . ARG A 1 29 ? -2.049  4.754   -0.053  1.00 0.46  ? 29 ARG A HB2  1 
ATOM 479  H HB3  . ARG A 1 29 ? -1.585  4.385   -1.711  1.00 0.45  ? 29 ARG A HB3  1 
ATOM 480  H HG2  . ARG A 1 29 ? -2.436  2.080   -1.436  1.00 0.58  ? 29 ARG A HG2  1 
ATOM 481  H HG3  . ARG A 1 29 ? -2.895  2.451   0.225   1.00 0.49  ? 29 ARG A HG3  1 
ATOM 482  H HD2  . ARG A 1 29 ? -3.973  3.864   -2.242  1.00 1.25  ? 29 ARG A HD2  1 
ATOM 483  H HD3  . ARG A 1 29 ? -4.852  2.663   -1.277  1.00 1.54  ? 29 ARG A HD3  1 
ATOM 484  H HE   . ARG A 1 29 ? -4.236  4.355   0.682   1.00 1.99  ? 29 ARG A HE   1 
ATOM 485  H HH11 . ARG A 1 29 ? -3.911  5.836   -2.266  1.00 2.56  ? 29 ARG A HH11 1 
ATOM 486  H HH12 . ARG A 1 29 ? -5.143  7.027   -2.020  1.00 2.59  ? 29 ARG A HH12 1 
ATOM 487  H HH21 . ARG A 1 29 ? -6.347  5.572   0.885   1.00 2.71  ? 29 ARG A HH21 1 
ATOM 488  H HH22 . ARG A 1 29 ? -6.519  6.881   -0.236  1.00 2.74  ? 29 ARG A HH22 1 
ATOM 489  N N    . ARG A 1 30 ? -0.202  3.420   2.210   1.00 0.31  ? 30 ARG A N    1 
ATOM 490  C CA   . ARG A 1 30 ? -0.287  2.772   3.556   1.00 0.31  ? 30 ARG A CA   1 
ATOM 491  C C    . ARG A 1 30 ? -1.521  3.247   4.316   1.00 0.31  ? 30 ARG A C    1 
ATOM 492  O O    . ARG A 1 30 ? -2.001  4.347   4.115   1.00 0.43  ? 30 ARG A O    1 
ATOM 493  C CB   . ARG A 1 30 ? 0.984   3.199   4.287   1.00 0.41  ? 30 ARG A CB   1 
ATOM 494  C CG   . ARG A 1 30 ? 2.189   2.504   3.656   1.00 0.51  ? 30 ARG A CG   1 
ATOM 495  C CD   . ARG A 1 30 ? 3.467   2.914   4.394   1.00 0.67  ? 30 ARG A CD   1 
ATOM 496  N NE   . ARG A 1 30 ? 4.567   2.222   3.665   1.00 1.42  ? 30 ARG A NE   1 
ATOM 497  C CZ   . ARG A 1 30 ? 5.804   2.590   3.848   1.00 1.82  ? 30 ARG A CZ   1 
ATOM 498  N NH1  . ARG A 1 30 ? 6.286   3.611   3.191   1.00 2.33  ? 30 ARG A NH1  1 
ATOM 499  N NH2  . ARG A 1 30 ? 6.562   1.937   4.686   1.00 2.39  ? 30 ARG A NH2  1 
ATOM 500  H H    . ARG A 1 30 ? 0.081   4.355   2.135   1.00 0.35  ? 30 ARG A H    1 
ATOM 501  H HA   . ARG A 1 30 ? -0.300  1.697   3.451   1.00 0.33  ? 30 ARG A HA   1 
ATOM 502  H HB2  . ARG A 1 30 ? 1.102   4.272   4.206   1.00 0.45  ? 30 ARG A HB2  1 
ATOM 503  H HB3  . ARG A 1 30 ? 0.913   2.922   5.326   1.00 0.43  ? 30 ARG A HB3  1 
ATOM 504  H HG2  . ARG A 1 30 ? 2.059   1.434   3.729   1.00 0.53  ? 30 ARG A HG2  1 
ATOM 505  H HG3  . ARG A 1 30 ? 2.267   2.787   2.618   1.00 0.51  ? 30 ARG A HG3  1 
ATOM 506  H HD2  . ARG A 1 30 ? 3.597   3.986   4.352   1.00 1.29  ? 30 ARG A HD2  1 
ATOM 507  H HD3  . ARG A 1 30 ? 3.433   2.577   5.419   1.00 1.33  ? 30 ARG A HD3  1 
ATOM 508  H HE   . ARG A 1 30 ? 4.362   1.487   3.046   1.00 2.10  ? 30 ARG A HE   1 
ATOM 509  H HH11 . ARG A 1 30 ? 5.705   4.110   2.548   1.00 2.68  ? 30 ARG A HH11 1 
ATOM 510  H HH12 . ARG A 1 30 ? 7.235   3.892   3.331   1.00 2.74  ? 30 ARG A HH12 1 
ATOM 511  H HH21 . ARG A 1 30 ? 6.192   1.155   5.188   1.00 2.77  ? 30 ARG A HH21 1 
ATOM 512  H HH22 . ARG A 1 30 ? 7.510   2.219   4.826   1.00 2.78  ? 30 ARG A HH22 1 
ATOM 513  N N    . THR A 1 31 ? -2.033  2.424   5.194   1.00 0.29  ? 31 THR A N    1 
ATOM 514  C CA   . THR A 1 31 ? -3.237  2.818   5.983   1.00 0.38  ? 31 THR A CA   1 
ATOM 515  C C    . THR A 1 31 ? -2.814  3.679   7.179   1.00 0.44  ? 31 THR A C    1 
ATOM 516  O O    . THR A 1 31 ? -1.644  3.777   7.498   1.00 0.48  ? 31 THR A O    1 
ATOM 517  C CB   . THR A 1 31 ? -3.863  1.505   6.462   1.00 0.46  ? 31 THR A CB   1 
ATOM 518  O OG1  . THR A 1 31 ? -3.683  0.494   5.478   1.00 1.54  ? 31 THR A OG1  1 
ATOM 519  C CG2  . THR A 1 31 ? -5.356  1.718   6.705   1.00 1.34  ? 31 THR A CG2  1 
ATOM 520  H H    . THR A 1 31 ? -1.621  1.543   5.337   1.00 0.31  ? 31 THR A H    1 
ATOM 521  H HA   . THR A 1 31 ? -3.935  3.356   5.362   1.00 0.49  ? 31 THR A HA   1 
ATOM 522  H HB   . THR A 1 31 ? -3.395  1.196   7.384   1.00 1.06  ? 31 THR A HB   1 
ATOM 523  H HG1  . THR A 1 31 ? -3.446  -0.320  5.928   1.00 2.00  ? 31 THR A HG1  1 
ATOM 524  H HG21 . THR A 1 31 ? -5.735  2.441   5.999   1.00 1.98  ? 31 THR A HG21 1 
ATOM 525  H HG22 . THR A 1 31 ? -5.879  0.782   6.580   1.00 1.85  ? 31 THR A HG22 1 
ATOM 526  H HG23 . THR A 1 31 ? -5.506  2.082   7.709   1.00 1.90  ? 31 THR A HG23 1 
ATOM 527  N N    . THR A 1 32 ? -3.757  4.307   7.834   1.00 0.64  ? 32 THR A N    1 
ATOM 528  C CA   . THR A 1 32 ? -3.413  5.170   9.004   1.00 0.77  ? 32 THR A CA   1 
ATOM 529  C C    . THR A 1 32 ? -3.558  4.379   10.310  1.00 0.70  ? 32 THR A C    1 
ATOM 530  O O    . THR A 1 32 ? -4.609  3.860   10.616  1.00 0.71  ? 32 THR A O    1 
ATOM 531  C CB   . THR A 1 32 ? -4.422  6.318   8.952   1.00 1.06  ? 32 THR A CB   1 
ATOM 532  O OG1  . THR A 1 32 ? -4.407  6.900   7.656   1.00 1.69  ? 32 THR A OG1  1 
ATOM 533  C CG2  . THR A 1 32 ? -4.052  7.373   9.992   1.00 1.67  ? 32 THR A CG2  1 
ATOM 534  H H    . THR A 1 32 ? -4.691  4.216   7.553   1.00 0.76  ? 32 THR A H    1 
ATOM 535  H HA   . THR A 1 32 ? -2.411  5.555   8.906   1.00 0.81  ? 32 THR A HA   1 
ATOM 536  H HB   . THR A 1 32 ? -5.409  5.940   9.165   1.00 1.52  ? 32 THR A HB   1 
ATOM 537  H HG1  . THR A 1 32 ? -4.890  6.319   7.063   1.00 2.02  ? 32 THR A HG1  1 
ATOM 538  H HG21 . THR A 1 32 ? -2.978  7.478   10.035  1.00 2.08  ? 32 THR A HG21 1 
ATOM 539  H HG22 . THR A 1 32 ? -4.495  8.318   9.717   1.00 2.29  ? 32 THR A HG22 1 
ATOM 540  H HG23 . THR A 1 32 ? -4.423  7.069   10.959  1.00 2.06  ? 32 THR A HG23 1 
ATOM 541  N N    . SER A 1 33 ? -2.501  4.286   11.076  1.00 0.73  ? 33 SER A N    1 
ATOM 542  C CA   . SER A 1 33 ? -2.558  3.527   12.367  1.00 0.79  ? 33 SER A CA   1 
ATOM 543  C C    . SER A 1 33 ? -3.560  4.168   13.331  1.00 0.86  ? 33 SER A C    1 
ATOM 544  O O    . SER A 1 33 ? -4.258  3.488   14.059  1.00 1.57  ? 33 SER A O    1 
ATOM 545  C CB   . SER A 1 33 ? -1.145  3.604   12.943  1.00 0.94  ? 33 SER A CB   1 
ATOM 546  O OG   . SER A 1 33 ? -0.241  2.945   12.068  1.00 1.65  ? 33 SER A OG   1 
ATOM 547  H H    . SER A 1 33 ? -1.663  4.716   10.802  1.00 0.78  ? 33 SER A H    1 
ATOM 548  H HA   . SER A 1 33 ? -2.823  2.497   12.183  1.00 0.77  ? 33 SER A HA   1 
ATOM 549  H HB2  . SER A 1 33 ? -0.853  4.636   13.044  1.00 1.40  ? 33 SER A HB2  1 
ATOM 550  H HB3  . SER A 1 33 ? -1.130  3.133   13.917  1.00 1.32  ? 33 SER A HB3  1 
ATOM 551  H HG   . SER A 1 33 ? 0.637   3.300   12.228  1.00 1.95  ? 33 SER A HG   1 
ATOM 552  N N    . SER A 1 34 ? -3.615  5.473   13.357  1.00 0.67  ? 34 SER A N    1 
ATOM 553  C CA   . SER A 1 34 ? -4.550  6.176   14.294  1.00 0.75  ? 34 SER A CA   1 
ATOM 554  C C    . SER A 1 34 ? -6.014  5.857   13.965  1.00 0.71  ? 34 SER A C    1 
ATOM 555  O O    . SER A 1 34 ? -6.825  5.674   14.857  1.00 0.82  ? 34 SER A O    1 
ATOM 556  C CB   . SER A 1 34 ? -4.273  7.666   14.090  1.00 0.98  ? 34 SER A CB   1 
ATOM 557  O OG   . SER A 1 34 ? -2.957  7.962   14.540  1.00 1.55  ? 34 SER A OG   1 
ATOM 558  H H    . SER A 1 34 ? -3.026  5.992   12.768  1.00 1.07  ? 34 SER A H    1 
ATOM 559  H HA   . SER A 1 34 ? -4.331  5.905   15.312  1.00 0.90  ? 34 SER A HA   1 
ATOM 560  H HB2  . SER A 1 34 ? -4.356  7.912   13.044  1.00 1.55  ? 34 SER A HB2  1 
ATOM 561  H HB3  . SER A 1 34 ? -4.995  8.243   14.652  1.00 1.41  ? 34 SER A HB3  1 
ATOM 562  H HG   . SER A 1 34 ? -2.342  7.710   13.846  1.00 1.83  ? 34 SER A HG   1 
ATOM 563  N N    . HIS A 1 35 ? -6.362  5.794   12.706  1.00 0.80  ? 35 HIS A N    1 
ATOM 564  C CA   . HIS A 1 35 ? -7.780  5.493   12.333  1.00 0.99  ? 35 HIS A CA   1 
ATOM 565  C C    . HIS A 1 35 ? -7.960  3.996   12.077  1.00 0.93  ? 35 HIS A C    1 
ATOM 566  O O    . HIS A 1 35 ? -9.032  3.452   12.267  1.00 1.06  ? 35 HIS A O    1 
ATOM 567  C CB   . HIS A 1 35 ? -8.029  6.285   11.047  1.00 1.28  ? 35 HIS A CB   1 
ATOM 568  C CG   . HIS A 1 35 ? -8.006  7.758   11.349  1.00 1.38  ? 35 HIS A CG   1 
ATOM 569  N ND1  . HIS A 1 35 ? -9.154  8.468   11.662  1.00 1.96  ? 35 HIS A ND1  1 
ATOM 570  C CD2  . HIS A 1 35 ? -6.981  8.670   11.383  1.00 1.63  ? 35 HIS A CD2  1 
ATOM 571  C CE1  . HIS A 1 35 ? -8.795  9.749   11.866  1.00 1.84  ? 35 HIS A CE1  1 
ATOM 572  N NE2  . HIS A 1 35 ? -7.481  9.927   11.709  1.00 1.56  ? 35 HIS A NE2  1 
ATOM 573  H H    . HIS A 1 35 ? -5.694  5.948   12.008  1.00 0.86  ? 35 HIS A H    1 
ATOM 574  H HA   . HIS A 1 35 ? -8.452  5.825   13.104  1.00 1.10  ? 35 HIS A HA   1 
ATOM 575  H HB2  . HIS A 1 35 ? -7.261  6.053   10.325  1.00 1.30  ? 35 HIS A HB2  1 
ATOM 576  H HB3  . HIS A 1 35 ? -8.995  6.017   10.641  1.00 1.49  ? 35 HIS A HB3  1 
ATOM 577  H HD1  . HIS A 1 35 ? -10.062 8.104   11.726  1.00 2.63  ? 35 HIS A HD1  1 
ATOM 578  H HD2  . HIS A 1 35 ? -5.944  8.448   11.186  1.00 2.29  ? 35 HIS A HD2  1 
ATOM 579  H HE1  . HIS A 1 35 ? -9.485  10.539  12.124  1.00 2.35  ? 35 HIS A HE1  1 
ATOM 580  N N    . CYS A 1 36 ? -6.922  3.330   11.646  1.00 0.77  ? 36 CYS A N    1 
ATOM 581  C CA   . CYS A 1 36 ? -7.022  1.867   11.374  1.00 0.72  ? 36 CYS A CA   1 
ATOM 582  C C    . CYS A 1 36 ? -6.547  1.065   12.594  1.00 0.73  ? 36 CYS A C    1 
ATOM 583  O O    . CYS A 1 36 ? -5.524  1.387   13.169  1.00 0.76  ? 36 CYS A O    1 
ATOM 584  C CB   . CYS A 1 36 ? -6.099  1.624   10.185  1.00 0.66  ? 36 CYS A CB   1 
ATOM 585  S SG   . CYS A 1 36 ? -6.655  0.163   9.273   1.00 0.73  ? 36 CYS A SG   1 
ATOM 586  H H    . CYS A 1 36 ? -6.071  3.795   11.502  1.00 0.74  ? 36 CYS A H    1 
ATOM 587  H HA   . CYS A 1 36 ? -8.035  1.606   11.114  1.00 0.81  ? 36 CYS A HA   1 
ATOM 588  H HB2  . CYS A 1 36 ? -6.119  2.485   9.535   1.00 0.73  ? 36 CYS A HB2  1 
ATOM 589  H HB3  . CYS A 1 36 ? -5.091  1.464   10.540  1.00 0.66  ? 36 CYS A HB3  1 
ATOM 590  N N    . PRO A 1 37 ? -7.290  0.039   12.956  1.00 0.86  ? 37 PRO A N    1 
ATOM 591  C CA   . PRO A 1 37 ? -6.894  -0.790  14.116  1.00 0.97  ? 37 PRO A CA   1 
ATOM 592  C C    . PRO A 1 37 ? -5.730  -1.715  13.740  1.00 0.76  ? 37 PRO A C    1 
ATOM 593  O O    . PRO A 1 37 ? -4.989  -2.166  14.594  1.00 0.87  ? 37 PRO A O    1 
ATOM 594  C CB   . PRO A 1 37 ? -8.155  -1.593  14.436  1.00 1.24  ? 37 PRO A CB   1 
ATOM 595  C CG   . PRO A 1 37 ? -8.926  -1.647  13.155  1.00 1.26  ? 37 PRO A CG   1 
ATOM 596  C CD   . PRO A 1 37 ? -8.537  -0.443  12.339  1.00 1.06  ? 37 PRO A CD   1 
ATOM 597  H HA   . PRO A 1 37 ? -6.631  -0.167  14.955  1.00 1.10  ? 37 PRO A HA   1 
ATOM 598  H HB2  . PRO A 1 37 ? -7.890  -2.592  14.757  1.00 1.26  ? 37 PRO A HB2  1 
ATOM 599  H HB3  . PRO A 1 37 ? -8.736  -1.095  15.196  1.00 1.46  ? 37 PRO A HB3  1 
ATOM 600  H HG2  . PRO A 1 37 ? -8.681  -2.552  12.617  1.00 1.21  ? 37 PRO A HG2  1 
ATOM 601  H HG3  . PRO A 1 37 ? -9.986  -1.618  13.361  1.00 1.53  ? 37 PRO A HG3  1 
ATOM 602  H HD2  . PRO A 1 37 ? -8.367  -0.727  11.309  1.00 1.02  ? 37 PRO A HD2  1 
ATOM 603  H HD3  . PRO A 1 37 ? -9.299  0.318   12.401  1.00 1.20  ? 37 PRO A HD3  1 
ATOM 604  N N    . ARG A 1 38 ? -5.562  -1.999  12.469  1.00 0.61  ? 38 ARG A N    1 
ATOM 605  C CA   . ARG A 1 38 ? -4.445  -2.893  12.037  1.00 0.59  ? 38 ARG A CA   1 
ATOM 606  C C    . ARG A 1 38 ? -3.634  -2.237  10.914  1.00 0.42  ? 38 ARG A C    1 
ATOM 607  O O    . ARG A 1 38 ? -4.161  -1.895  9.872   1.00 0.39  ? 38 ARG A O    1 
ATOM 608  C CB   . ARG A 1 38 ? -5.136  -4.161  11.531  1.00 0.81  ? 38 ARG A CB   1 
ATOM 609  C CG   . ARG A 1 38 ? -5.825  -4.868  12.700  1.00 1.28  ? 38 ARG A CG   1 
ATOM 610  C CD   . ARG A 1 38 ? -4.772  -5.517  13.603  1.00 1.69  ? 38 ARG A CD   1 
ATOM 611  N NE   . ARG A 1 38 ? -5.551  -6.356  14.557  1.00 2.24  ? 38 ARG A NE   1 
ATOM 612  C CZ   . ARG A 1 38 ? -5.502  -7.659  14.479  1.00 2.78  ? 38 ARG A CZ   1 
ATOM 613  N NH1  . ARG A 1 38 ? -4.368  -8.260  14.238  1.00 3.41  ? 38 ARG A NH1  1 
ATOM 614  N NH2  . ARG A 1 38 ? -6.589  -8.361  14.649  1.00 3.21  ? 38 ARG A NH2  1 
ATOM 615  H H    . ARG A 1 38 ? -6.171  -1.625  11.800  1.00 0.66  ? 38 ARG A H    1 
ATOM 616  H HA   . ARG A 1 38 ? -3.809  -3.133  12.873  1.00 0.71  ? 38 ARG A HA   1 
ATOM 617  H HB2  . ARG A 1 38 ? -5.873  -3.896  10.785  1.00 0.97  ? 38 ARG A HB2  1 
ATOM 618  H HB3  . ARG A 1 38 ? -4.404  -4.821  11.094  1.00 0.95  ? 38 ARG A HB3  1 
ATOM 619  H HG2  . ARG A 1 38 ? -6.394  -4.149  13.270  1.00 1.72  ? 38 ARG A HG2  1 
ATOM 620  H HG3  . ARG A 1 38 ? -6.488  -5.631  12.320  1.00 1.76  ? 38 ARG A HG3  1 
ATOM 621  H HD2  . ARG A 1 38 ? -4.101  -6.132  13.017  1.00 2.08  ? 38 ARG A HD2  1 
ATOM 622  H HD3  . ARG A 1 38 ? -4.219  -4.763  14.141  1.00 2.22  ? 38 ARG A HD3  1 
ATOM 623  H HE   . ARG A 1 38 ? -6.104  -5.928  15.243  1.00 2.68  ? 38 ARG A HE   1 
ATOM 624  H HH11 . ARG A 1 38 ? -3.534  -7.722  14.110  1.00 3.60  ? 38 ARG A HH11 1 
ATOM 625  H HH12 . ARG A 1 38 ? -4.333  -9.257  14.180  1.00 3.98  ? 38 ARG A HH12 1 
ATOM 626  H HH21 . ARG A 1 38 ? -7.458  -7.903  14.837  1.00 3.31  ? 38 ARG A HH21 1 
ATOM 627  H HH22 . ARG A 1 38 ? -6.554  -9.359  14.592  1.00 3.77  ? 38 ARG A HH22 1 
ATOM 628  N N    . GLU A 1 39 ? -2.350  -2.066  11.121  1.00 0.42  ? 39 GLU A N    1 
ATOM 629  C CA   . GLU A 1 39 ? -1.491  -1.438  10.069  1.00 0.37  ? 39 GLU A CA   1 
ATOM 630  C C    . GLU A 1 39 ? -1.329  -2.396  8.884   1.00 0.29  ? 39 GLU A C    1 
ATOM 631  O O    . GLU A 1 39 ? -1.017  -3.560  9.054   1.00 0.33  ? 39 GLU A O    1 
ATOM 632  C CB   . GLU A 1 39 ? -0.141  -1.184  10.747  1.00 0.57  ? 39 GLU A CB   1 
ATOM 633  C CG   . GLU A 1 39 ? -0.297  -0.092  11.809  1.00 1.32  ? 39 GLU A CG   1 
ATOM 634  C CD   . GLU A 1 39 ? 1.051   0.162   12.488  1.00 1.62  ? 39 GLU A CD   1 
ATOM 635  O OE1  . GLU A 1 39 ? 1.398   -0.602  13.376  1.00 2.26  ? 39 GLU A OE1  1 
ATOM 636  O OE2  . GLU A 1 39 ? 1.712   1.116   12.113  1.00 1.95  ? 39 GLU A OE2  1 
ATOM 637  H H    . GLU A 1 39 ? -1.952  -2.355  11.969  1.00 0.54  ? 39 GLU A H    1 
ATOM 638  H HA   . GLU A 1 39 ? -1.920  -0.504  9.739   1.00 0.36  ? 39 GLU A HA   1 
ATOM 639  H HB2  . GLU A 1 39 ? 0.205   -2.094  11.214  1.00 1.31  ? 39 GLU A HB2  1 
ATOM 640  H HB3  . GLU A 1 39 ? 0.580   -0.862  10.008  1.00 1.01  ? 39 GLU A HB3  1 
ATOM 641  H HG2  . GLU A 1 39 ? -0.643  0.819   11.342  1.00 1.77  ? 39 GLU A HG2  1 
ATOM 642  H HG3  . GLU A 1 39 ? -1.015  -0.411  12.548  1.00 2.06  ? 39 GLU A HG3  1 
ATOM 643  N N    . ALA A 1 40 ? -1.543  -1.911  7.689   1.00 0.24  ? 40 ALA A N    1 
ATOM 644  C CA   . ALA A 1 40 ? -1.408  -2.777  6.481   1.00 0.25  ? 40 ALA A CA   1 
ATOM 645  C C    . ALA A 1 40 ? -0.860  -1.958  5.313   1.00 0.23  ? 40 ALA A C    1 
ATOM 646  O O    . ALA A 1 40 ? -1.053  -0.756  5.245   1.00 0.24  ? 40 ALA A O    1 
ATOM 647  C CB   . ALA A 1 40 ? -2.830  -3.249  6.172   1.00 0.30  ? 40 ALA A CB   1 
ATOM 648  H H    . ALA A 1 40 ? -1.795  -0.970  7.585   1.00 0.25  ? 40 ALA A H    1 
ATOM 649  H HA   . ALA A 1 40 ? -0.772  -3.623  6.688   1.00 0.30  ? 40 ALA A HA   1 
ATOM 650  H HB1  . ALA A 1 40 ? -3.318  -3.550  7.087   1.00 1.03  ? 40 ALA A HB1  1 
ATOM 651  H HB2  . ALA A 1 40 ? -3.385  -2.442  5.718   1.00 1.10  ? 40 ALA A HB2  1 
ATOM 652  H HB3  . ALA A 1 40 ? -2.791  -4.087  5.492   1.00 1.07  ? 40 ALA A HB3  1 
ATOM 653  N N    . VAL A 1 41 ? -0.192  -2.597  4.386   1.00 0.23  ? 41 VAL A N    1 
ATOM 654  C CA   . VAL A 1 41 ? 0.352   -1.857  3.217   1.00 0.24  ? 41 VAL A CA   1 
ATOM 655  C C    . VAL A 1 41 ? -0.500  -2.173  1.986   1.00 0.24  ? 41 VAL A C    1 
ATOM 656  O O    . VAL A 1 41 ? -0.871  -3.312  1.762   1.00 0.24  ? 41 VAL A O    1 
ATOM 657  C CB   . VAL A 1 41 ? 1.800   -2.361  3.026   1.00 0.25  ? 41 VAL A CB   1 
ATOM 658  C CG1  . VAL A 1 41 ? 2.584   -2.259  4.338   1.00 0.32  ? 41 VAL A CG1  1 
ATOM 659  C CG2  . VAL A 1 41 ? 1.808   -3.823  2.550   1.00 0.28  ? 41 VAL A CG2  1 
ATOM 660  H H    . VAL A 1 41 ? -0.051  -3.561  4.454   1.00 0.24  ? 41 VAL A H    1 
ATOM 661  H HA   . VAL A 1 41 ? 0.352   -0.796  3.412   1.00 0.26  ? 41 VAL A HA   1 
ATOM 662  H HB   . VAL A 1 41 ? 2.283   -1.748  2.285   1.00 0.27  ? 41 VAL A HB   1 
ATOM 663  H HG11 . VAL A 1 41 ? 2.010   -2.699  5.138   1.00 1.06  ? 41 VAL A HG11 1 
ATOM 664  H HG12 . VAL A 1 41 ? 3.520   -2.789  4.235   1.00 1.04  ? 41 VAL A HG12 1 
ATOM 665  H HG13 . VAL A 1 41 ? 2.780   -1.221  4.561   1.00 1.10  ? 41 VAL A HG13 1 
ATOM 666  H HG21 . VAL A 1 41 ? 0.881   -4.299  2.833   1.00 1.04  ? 41 VAL A HG21 1 
ATOM 667  H HG22 . VAL A 1 41 ? 1.910   -3.844  1.472   1.00 1.04  ? 41 VAL A HG22 1 
ATOM 668  H HG23 . VAL A 1 41 ? 2.637   -4.348  2.999   1.00 1.03  ? 41 VAL A HG23 1 
ATOM 669  N N    . ILE A 1 42 ? -0.797  -1.189  1.184   1.00 0.25  ? 42 ILE A N    1 
ATOM 670  C CA   . ILE A 1 42 ? -1.606  -1.455  -0.036  1.00 0.26  ? 42 ILE A CA   1 
ATOM 671  C C    . ILE A 1 42 ? -0.719  -1.237  -1.258  1.00 0.26  ? 42 ILE A C    1 
ATOM 672  O O    . ILE A 1 42 ? -0.087  -0.206  -1.399  1.00 0.27  ? 42 ILE A O    1 
ATOM 673  C CB   . ILE A 1 42 ? -2.742  -0.433  -0.009  1.00 0.31  ? 42 ILE A CB   1 
ATOM 674  C CG1  . ILE A 1 42 ? -3.579  -0.615  1.261   1.00 0.35  ? 42 ILE A CG1  1 
ATOM 675  C CG2  . ILE A 1 42 ? -3.639  -0.638  -1.235  1.00 0.33  ? 42 ILE A CG2  1 
ATOM 676  C CD1  . ILE A 1 42 ? -4.543  0.564   1.399   1.00 0.67  ? 42 ILE A CD1  1 
ATOM 677  H H    . ILE A 1 42 ? -0.479  -0.282  1.376   1.00 0.27  ? 42 ILE A H    1 
ATOM 678  H HA   . ILE A 1 42 ? -1.998  -2.457  -0.024  1.00 0.27  ? 42 ILE A HA   1 
ATOM 679  H HB   . ILE A 1 42 ? -2.333  0.558   -0.034  1.00 0.32  ? 42 ILE A HB   1 
ATOM 680  H HG12 . ILE A 1 42 ? -4.140  -1.536  1.197   1.00 0.79  ? 42 ILE A HG12 1 
ATOM 681  H HG13 . ILE A 1 42 ? -2.926  -0.647  2.122   1.00 0.67  ? 42 ILE A HG13 1 
ATOM 682  H HG21 . ILE A 1 42 ? -3.029  -0.666  -2.126  1.00 0.85  ? 42 ILE A HG21 1 
ATOM 683  H HG22 . ILE A 1 42 ? -4.176  -1.570  -1.138  1.00 1.09  ? 42 ILE A HG22 1 
ATOM 684  H HG23 . ILE A 1 42 ? -4.343  0.178   -1.305  1.00 1.01  ? 42 ILE A HG23 1 
ATOM 685  H HD11 . ILE A 1 42 ? -4.914  0.840   0.424   1.00 1.27  ? 42 ILE A HD11 1 
ATOM 686  H HD12 . ILE A 1 42 ? -5.371  0.282   2.033   1.00 1.27  ? 42 ILE A HD12 1 
ATOM 687  H HD13 . ILE A 1 42 ? -4.024  1.405   1.836   1.00 1.34  ? 42 ILE A HD13 1 
ATOM 688  N N    . PHE A 1 43 ? -0.671  -2.194  -2.142  1.00 0.25  ? 43 PHE A N    1 
ATOM 689  C CA   . PHE A 1 43 ? 0.174   -2.038  -3.354  1.00 0.27  ? 43 PHE A CA   1 
ATOM 690  C C    . PHE A 1 43 ? -0.692  -1.554  -4.506  1.00 0.30  ? 43 PHE A C    1 
ATOM 691  O O    . PHE A 1 43 ? -1.731  -2.111  -4.793  1.00 0.34  ? 43 PHE A O    1 
ATOM 692  C CB   . PHE A 1 43 ? 0.739   -3.428  -3.636  1.00 0.28  ? 43 PHE A CB   1 
ATOM 693  C CG   . PHE A 1 43 ? 1.901   -3.686  -2.707  1.00 0.23  ? 43 PHE A CG   1 
ATOM 694  C CD1  . PHE A 1 43 ? 3.150   -3.104  -2.966  1.00 1.18  ? 43 PHE A CD1  1 
ATOM 695  C CD2  . PHE A 1 43 ? 1.732   -4.509  -1.588  1.00 1.25  ? 43 PHE A CD2  1 
ATOM 696  C CE1  . PHE A 1 43 ? 4.227   -3.347  -2.105  1.00 1.17  ? 43 PHE A CE1  1 
ATOM 697  C CE2  . PHE A 1 43 ? 2.811   -4.750  -0.727  1.00 1.27  ? 43 PHE A CE2  1 
ATOM 698  C CZ   . PHE A 1 43 ? 4.057   -4.170  -0.987  1.00 0.31  ? 43 PHE A CZ   1 
ATOM 699  H H    . PHE A 1 43 ? -1.190  -3.014  -2.005  1.00 0.26  ? 43 PHE A H    1 
ATOM 700  H HA   . PHE A 1 43 ? 0.976   -1.344  -3.167  1.00 0.26  ? 43 PHE A HA   1 
ATOM 701  H HB2  . PHE A 1 43 ? -0.029  -4.171  -3.472  1.00 0.31  ? 43 PHE A HB2  1 
ATOM 702  H HB3  . PHE A 1 43 ? 1.078   -3.478  -4.660  1.00 0.34  ? 43 PHE A HB3  1 
ATOM 703  H HD1  . PHE A 1 43 ? 3.281   -2.468  -3.828  1.00 2.10  ? 43 PHE A HD1  1 
ATOM 704  H HD2  . PHE A 1 43 ? 0.770   -4.955  -1.387  1.00 2.15  ? 43 PHE A HD2  1 
ATOM 705  H HE1  . PHE A 1 43 ? 5.190   -2.898  -2.304  1.00 2.07  ? 43 PHE A HE1  1 
ATOM 706  H HE2  . PHE A 1 43 ? 2.682   -5.387  0.134   1.00 2.19  ? 43 PHE A HE2  1 
ATOM 707  H HZ   . PHE A 1 43 ? 4.889   -4.358  -0.323  1.00 0.38  ? 43 PHE A HZ   1 
ATOM 708  N N    . LYS A 1 44 ? -0.278  -0.499  -5.149  1.00 0.31  ? 44 LYS A N    1 
ATOM 709  C CA   . LYS A 1 44 ? -1.082  0.066   -6.268  1.00 0.35  ? 44 LYS A CA   1 
ATOM 710  C C    . LYS A 1 44 ? -0.503  -0.393  -7.612  1.00 0.32  ? 44 LYS A C    1 
ATOM 711  O O    . LYS A 1 44 ? 0.669   -0.209  -7.895  1.00 0.34  ? 44 LYS A O    1 
ATOM 712  C CB   . LYS A 1 44 ? -0.951  1.581   -6.085  1.00 0.44  ? 44 LYS A CB   1 
ATOM 713  C CG   . LYS A 1 44 ? -1.514  1.981   -4.713  1.00 0.61  ? 44 LYS A CG   1 
ATOM 714  C CD   . LYS A 1 44 ? -1.386  3.493   -4.521  1.00 1.03  ? 44 LYS A CD   1 
ATOM 715  C CE   . LYS A 1 44 ? 0.092   3.875   -4.387  1.00 1.92  ? 44 LYS A CE   1 
ATOM 716  N NZ   . LYS A 1 44 ? 0.248   5.100   -5.220  1.00 2.30  ? 44 LYS A NZ   1 
ATOM 717  H H    . LYS A 1 44 ? 0.555   -0.060  -4.876  1.00 0.32  ? 44 LYS A H    1 
ATOM 718  H HA   . LYS A 1 44 ? -2.114  -0.229  -6.181  1.00 0.38  ? 44 LYS A HA   1 
ATOM 719  H HB2  . LYS A 1 44 ? 0.086   1.863   -6.150  1.00 0.51  ? 44 LYS A HB2  1 
ATOM 720  H HB3  . LYS A 1 44 ? -1.509  2.085   -6.851  1.00 0.40  ? 44 LYS A HB3  1 
ATOM 721  H HG2  . LYS A 1 44 ? -2.558  1.701   -4.659  1.00 0.88  ? 44 LYS A HG2  1 
ATOM 722  H HG3  . LYS A 1 44 ? -0.966  1.472   -3.937  1.00 0.90  ? 44 LYS A HG3  1 
ATOM 723  H HD2  . LYS A 1 44 ? -1.815  4.002   -5.370  1.00 1.42  ? 44 LYS A HD2  1 
ATOM 724  H HD3  . LYS A 1 44 ? -1.911  3.786   -3.623  1.00 1.63  ? 44 LYS A HD3  1 
ATOM 725  H HE2  . LYS A 1 44 ? 0.333   4.087   -3.354  1.00 2.57  ? 44 LYS A HE2  1 
ATOM 726  H HE3  . LYS A 1 44 ? 0.723   3.088   -4.767  1.00 2.34  ? 44 LYS A HE3  1 
ATOM 727  H HZ1  . LYS A 1 44 ? -0.165  4.933   -6.162  1.00 2.81  ? 44 LYS A HZ1  1 
ATOM 728  H HZ2  . LYS A 1 44 ? -0.242  5.894   -4.762  1.00 2.66  ? 44 LYS A HZ2  1 
ATOM 729  H HZ3  . LYS A 1 44 ? 1.255   5.329   -5.318  1.00 2.30  ? 44 LYS A HZ3  1 
ATOM 730  N N    . THR A 1 45 ? -1.321  -1.012  -8.430  1.00 0.34  ? 45 THR A N    1 
ATOM 731  C CA   . THR A 1 45 ? -0.838  -1.519  -9.755  1.00 0.38  ? 45 THR A CA   1 
ATOM 732  C C    . THR A 1 45 ? -1.252  -0.575  -10.895 1.00 0.44  ? 45 THR A C    1 
ATOM 733  O O    . THR A 1 45 ? -2.044  0.328   -10.713 1.00 0.45  ? 45 THR A O    1 
ATOM 734  C CB   . THR A 1 45 ? -1.524  -2.878  -9.914  1.00 0.43  ? 45 THR A CB   1 
ATOM 735  O OG1  . THR A 1 45 ? -1.254  -3.678  -8.772  1.00 1.19  ? 45 THR A OG1  1 
ATOM 736  C CG2  . THR A 1 45 ? -1.002  -3.586  -11.165 1.00 1.23  ? 45 THR A CG2  1 
ATOM 737  H H    . THR A 1 45 ? -2.256  -1.162  -8.160  1.00 0.37  ? 45 THR A H    1 
ATOM 738  H HA   . THR A 1 45 ? 0.232   -1.650  -9.741  1.00 0.41  ? 45 THR A HA   1 
ATOM 739  H HB   . THR A 1 45 ? -2.588  -2.732  -10.009 1.00 1.12  ? 45 THR A HB   1 
ATOM 740  H HG1  . THR A 1 45 ? -1.717  -3.293  -8.025  1.00 1.68  ? 45 THR A HG1  1 
ATOM 741  H HG21 . THR A 1 45 ? 0.020   -3.294  -11.344 1.00 1.87  ? 45 THR A HG21 1 
ATOM 742  H HG22 . THR A 1 45 ? -1.051  -4.654  -11.020 1.00 1.76  ? 45 THR A HG22 1 
ATOM 743  H HG23 . THR A 1 45 ? -1.609  -3.311  -12.014 1.00 1.74  ? 45 THR A HG23 1 
ATOM 744  N N    . LYS A 1 46 ? -0.706  -0.783  -12.068 1.00 0.55  ? 46 LYS A N    1 
ATOM 745  C CA   . LYS A 1 46 ? -1.040  0.089   -13.242 1.00 0.63  ? 46 LYS A CA   1 
ATOM 746  C C    . LYS A 1 46 ? -2.527  -0.002  -13.595 1.00 0.57  ? 46 LYS A C    1 
ATOM 747  O O    . LYS A 1 46 ? -3.082  0.900   -14.192 1.00 0.64  ? 46 LYS A O    1 
ATOM 748  C CB   . LYS A 1 46 ? -0.208  -0.462  -14.397 1.00 0.83  ? 46 LYS A CB   1 
ATOM 749  C CG   . LYS A 1 46 ? 1.271   -0.169  -14.160 1.00 1.05  ? 46 LYS A CG   1 
ATOM 750  C CD   . LYS A 1 46 ? 2.087   -0.731  -15.323 1.00 1.61  ? 46 LYS A CD   1 
ATOM 751  C CE   . LYS A 1 46 ? 3.570   -0.444  -15.091 1.00 2.43  ? 46 LYS A CE   1 
ATOM 752  N NZ   . LYS A 1 46 ? 4.264   -1.020  -16.276 1.00 2.91  ? 46 LYS A NZ   1 
ATOM 753  H H    . LYS A 1 46 ? -0.064  -1.515  -12.178 1.00 0.63  ? 46 LYS A H    1 
ATOM 754  H HA   . LYS A 1 46 ? -0.762  1.111   -13.043 1.00 0.69  ? 46 LYS A HA   1 
ATOM 755  H HB2  . LYS A 1 46 ? -0.355  -1.530  -14.467 1.00 0.88  ? 46 LYS A HB2  1 
ATOM 756  H HB3  . LYS A 1 46 ? -0.523  0.006   -15.319 1.00 0.84  ? 46 LYS A HB3  1 
ATOM 757  H HG2  . LYS A 1 46 ? 1.421   0.901   -14.097 1.00 1.13  ? 46 LYS A HG2  1 
ATOM 758  H HG3  . LYS A 1 46 ? 1.589   -0.632  -13.240 1.00 1.19  ? 46 LYS A HG3  1 
ATOM 759  H HD2  . LYS A 1 46 ? 1.931   -1.799  -15.384 1.00 1.92  ? 46 LYS A HD2  1 
ATOM 760  H HD3  . LYS A 1 46 ? 1.771   -0.269  -16.245 1.00 1.97  ? 46 LYS A HD3  1 
ATOM 761  H HE2  . LYS A 1 46 ? 3.742   0.621   -15.035 1.00 2.91  ? 46 LYS A HE2  1 
ATOM 762  H HE3  . LYS A 1 46 ? 3.911   -0.932  -14.191 1.00 2.77  ? 46 LYS A HE3  1 
ATOM 763  H HZ1  . LYS A 1 46 ? 3.789   -0.702  -17.144 1.00 3.12  ? 46 LYS A HZ1  1 
ATOM 764  H HZ2  . LYS A 1 46 ? 5.252   -0.700  -16.286 1.00 3.52  ? 46 LYS A HZ2  1 
ATOM 765  H HZ3  . LYS A 1 46 ? 4.235   -2.059  -16.223 1.00 2.95  ? 46 LYS A HZ3  1 
ATOM 766  N N    . LEU A 1 47 ? -3.172  -1.088  -13.251 1.00 0.52  ? 47 LEU A N    1 
ATOM 767  C CA   . LEU A 1 47 ? -4.620  -1.240  -13.594 1.00 0.57  ? 47 LEU A CA   1 
ATOM 768  C C    . LEU A 1 47 ? -5.500  -0.813  -12.419 1.00 0.52  ? 47 LEU A C    1 
ATOM 769  O O    . LEU A 1 47 ? -6.590  -1.318  -12.234 1.00 0.59  ? 47 LEU A O    1 
ATOM 770  C CB   . LEU A 1 47 ? -4.805  -2.729  -13.888 1.00 0.68  ? 47 LEU A CB   1 
ATOM 771  C CG   . LEU A 1 47 ? -4.083  -3.084  -15.187 1.00 0.87  ? 47 LEU A CG   1 
ATOM 772  C CD1  . LEU A 1 47 ? -4.085  -4.603  -15.375 1.00 1.68  ? 47 LEU A CD1  1 
ATOM 773  C CD2  . LEU A 1 47 ? -4.805  -2.424  -16.365 1.00 1.38  ? 47 LEU A CD2  1 
ATOM 774  H H    . LEU A 1 47 ? -2.700  -1.809  -12.785 1.00 0.51  ? 47 LEU A H    1 
ATOM 775  H HA   . LEU A 1 47 ? -4.861  -0.661  -14.470 1.00 0.65  ? 47 LEU A HA   1 
ATOM 776  H HB2  . LEU A 1 47 ? -4.395  -3.310  -13.076 1.00 0.65  ? 47 LEU A HB2  1 
ATOM 777  H HB3  . LEU A 1 47 ? -5.857  -2.946  -13.993 1.00 0.78  ? 47 LEU A HB3  1 
ATOM 778  H HG   . LEU A 1 47 ? -3.064  -2.729  -15.141 1.00 1.44  ? 47 LEU A HG   1 
ATOM 779  H HD11 . LEU A 1 47 ? -3.780  -5.081  -14.455 1.00 2.07  ? 47 LEU A HD11 1 
ATOM 780  H HD12 . LEU A 1 47 ? -5.079  -4.933  -15.638 1.00 2.33  ? 47 LEU A HD12 1 
ATOM 781  H HD13 . LEU A 1 47 ? -3.397  -4.869  -16.164 1.00 2.16  ? 47 LEU A HD13 1 
ATOM 782  H HD21 . LEU A 1 47 ? -5.860  -2.358  -16.149 1.00 1.95  ? 47 LEU A HD21 1 
ATOM 783  H HD22 . LEU A 1 47 ? -4.407  -1.432  -16.519 1.00 1.93  ? 47 LEU A HD22 1 
ATOM 784  H HD23 . LEU A 1 47 ? -4.655  -3.015  -17.256 1.00 1.85  ? 47 LEU A HD23 1 
ATOM 785  N N    . ASP A 1 48 ? -5.032  0.114   -11.618 1.00 0.51  ? 48 ASP A N    1 
ATOM 786  C CA   . ASP A 1 48 ? -5.828  0.592   -10.441 1.00 0.57  ? 48 ASP A CA   1 
ATOM 787  C C    . ASP A 1 48 ? -6.243  -0.590  -9.562  1.00 0.54  ? 48 ASP A C    1 
ATOM 788  O O    . ASP A 1 48 ? -7.325  -0.611  -9.004  1.00 0.64  ? 48 ASP A O    1 
ATOM 789  C CB   . ASP A 1 48 ? -7.061  1.292   -11.022 1.00 0.72  ? 48 ASP A CB   1 
ATOM 790  C CG   . ASP A 1 48 ? -6.639  2.592   -11.714 1.00 0.81  ? 48 ASP A CG   1 
ATOM 791  O OD1  . ASP A 1 48 ? -5.638  3.164   -11.310 1.00 1.35  ? 48 ASP A OD1  1 
ATOM 792  O OD2  . ASP A 1 48 ? -7.326  2.994   -12.638 1.00 1.38  ? 48 ASP A OD2  1 
ATOM 793  H H    . ASP A 1 48 ? -4.150  0.503   -11.791 1.00 0.52  ? 48 ASP A H    1 
ATOM 794  H HA   . ASP A 1 48 ? -5.248  1.295   -9.865  1.00 0.61  ? 48 ASP A HA   1 
ATOM 795  H HB2  . ASP A 1 48 ? -7.542  0.642   -11.738 1.00 0.72  ? 48 ASP A HB2  1 
ATOM 796  H HB3  . ASP A 1 48 ? -7.751  1.521   -10.224 1.00 0.80  ? 48 ASP A HB3  1 
ATOM 797  N N    . LYS A 1 49 ? -5.381  -1.564  -9.429  1.00 0.45  ? 49 LYS A N    1 
ATOM 798  C CA   . LYS A 1 49 ? -5.702  -2.740  -8.576  1.00 0.46  ? 49 LYS A CA   1 
ATOM 799  C C    . LYS A 1 49 ? -4.929  -2.623  -7.267  1.00 0.40  ? 49 LYS A C    1 
ATOM 800  O O    . LYS A 1 49 ? -3.718  -2.755  -7.234  1.00 0.37  ? 49 LYS A O    1 
ATOM 801  C CB   . LYS A 1 49 ? -5.234  -3.953  -9.380  1.00 0.52  ? 49 LYS A CB   1 
ATOM 802  C CG   . LYS A 1 49 ? -6.141  -4.140  -10.599 1.00 1.28  ? 49 LYS A CG   1 
ATOM 803  C CD   . LYS A 1 49 ? -5.669  -5.353  -11.403 1.00 1.53  ? 49 LYS A CD   1 
ATOM 804  C CE   . LYS A 1 49 ? -6.572  -5.546  -12.626 1.00 2.28  ? 49 LYS A CE   1 
ATOM 805  N NZ   . LYS A 1 49 ? -7.701  -6.396  -12.148 1.00 2.46  ? 49 LYS A NZ   1 
ATOM 806  H H    . LYS A 1 49 ? -4.515  -1.515  -9.883  1.00 0.42  ? 49 LYS A H    1 
ATOM 807  H HA   . LYS A 1 49 ? -6.760  -2.801  -8.389  1.00 0.53  ? 49 LYS A HA   1 
ATOM 808  H HB2  . LYS A 1 49 ? -4.218  -3.800  -9.708  1.00 0.98  ? 49 LYS A HB2  1 
ATOM 809  H HB3  . LYS A 1 49 ? -5.283  -4.833  -8.760  1.00 0.95  ? 49 LYS A HB3  1 
ATOM 810  H HG2  . LYS A 1 49 ? -7.158  -4.297  -10.269 1.00 1.94  ? 49 LYS A HG2  1 
ATOM 811  H HG3  . LYS A 1 49 ? -6.096  -3.258  -11.219 1.00 1.96  ? 49 LYS A HG3  1 
ATOM 812  H HD2  . LYS A 1 49 ? -4.651  -5.194  -11.728 1.00 1.91  ? 49 LYS A HD2  1 
ATOM 813  H HD3  . LYS A 1 49 ? -5.715  -6.235  -10.782 1.00 1.87  ? 49 LYS A HD3  1 
ATOM 814  H HE2  . LYS A 1 49 ? -6.940  -4.591  -12.976 1.00 2.91  ? 49 LYS A HE2  1 
ATOM 815  H HE3  . LYS A 1 49 ? -6.035  -6.053  -13.412 1.00 2.73  ? 49 LYS A HE3  1 
ATOM 816  H HZ1  . LYS A 1 49 ? -8.057  -6.029  -11.243 1.00 2.81  ? 49 LYS A HZ1  1 
ATOM 817  H HZ2  . LYS A 1 49 ? -8.467  -6.384  -12.853 1.00 2.60  ? 49 LYS A HZ2  1 
ATOM 818  H HZ3  . LYS A 1 49 ? -7.368  -7.371  -12.016 1.00 2.84  ? 49 LYS A HZ3  1 
ATOM 819  N N    . GLU A 1 50 ? -5.621  -2.354  -6.191  1.00 0.43  ? 50 GLU A N    1 
ATOM 820  C CA   . GLU A 1 50 ? -4.938  -2.203  -4.878  1.00 0.39  ? 50 GLU A CA   1 
ATOM 821  C C    . GLU A 1 50 ? -5.067  -3.493  -4.071  1.00 0.38  ? 50 GLU A C    1 
ATOM 822  O O    . GLU A 1 50 ? -6.157  -3.964  -3.809  1.00 0.49  ? 50 GLU A O    1 
ATOM 823  C CB   . GLU A 1 50 ? -5.670  -1.051  -4.185  1.00 0.48  ? 50 GLU A CB   1 
ATOM 824  C CG   . GLU A 1 50 ? -5.538  0.220   -5.034  1.00 0.53  ? 50 GLU A CG   1 
ATOM 825  C CD   . GLU A 1 50 ? -6.266  1.394   -4.364  1.00 0.86  ? 50 GLU A CD   1 
ATOM 826  O OE1  . GLU A 1 50 ? -6.993  1.162   -3.410  1.00 1.62  ? 50 GLU A OE1  1 
ATOM 827  O OE2  . GLU A 1 50 ? -6.081  2.511   -4.820  1.00 1.40  ? 50 GLU A OE2  1 
ATOM 828  H H    . GLU A 1 50 ? -6.590  -2.236  -6.251  1.00 0.49  ? 50 GLU A H    1 
ATOM 829  H HA   . GLU A 1 50 ? -3.903  -1.947  -5.027  1.00 0.35  ? 50 GLU A HA   1 
ATOM 830  H HB2  . GLU A 1 50 ? -6.713  -1.305  -4.072  1.00 0.54  ? 50 GLU A HB2  1 
ATOM 831  H HB3  . GLU A 1 50 ? -5.233  -0.879  -3.213  1.00 0.48  ? 50 GLU A HB3  1 
ATOM 832  H HG2  . GLU A 1 50 ? -4.494  0.462   -5.152  1.00 0.76  ? 50 GLU A HG2  1 
ATOM 833  H HG3  . GLU A 1 50 ? -5.973  0.041   -6.007  1.00 0.71  ? 50 GLU A HG3  1 
ATOM 834  N N    . ILE A 1 51 ? -3.960  -4.069  -3.685  1.00 0.31  ? 51 ILE A N    1 
ATOM 835  C CA   . ILE A 1 51 ? -4.004  -5.338  -2.899  1.00 0.33  ? 51 ILE A CA   1 
ATOM 836  C C    . ILE A 1 51 ? -3.279  -5.151  -1.565  1.00 0.31  ? 51 ILE A C    1 
ATOM 837  O O    . ILE A 1 51 ? -2.138  -4.729  -1.521  1.00 0.59  ? 51 ILE A O    1 
ATOM 838  C CB   . ILE A 1 51 ? -3.299  -6.367  -3.790  1.00 0.38  ? 51 ILE A CB   1 
ATOM 839  C CG1  . ILE A 1 51 ? -4.073  -6.502  -5.107  1.00 0.48  ? 51 ILE A CG1  1 
ATOM 840  C CG2  . ILE A 1 51 ? -3.254  -7.728  -3.089  1.00 0.45  ? 51 ILE A CG2  1 
ATOM 841  C CD1  . ILE A 1 51 ? -3.242  -7.295  -6.112  1.00 1.34  ? 51 ILE A CD1  1 
ATOM 842  H H    . ILE A 1 51 ? -3.095  -3.669  -3.917  1.00 0.30  ? 51 ILE A H    1 
ATOM 843  H HA   . ILE A 1 51 ? -5.027  -5.637  -2.731  1.00 0.39  ? 51 ILE A HA   1 
ATOM 844  H HB   . ILE A 1 51 ? -2.293  -6.034  -3.996  1.00 0.39  ? 51 ILE A HB   1 
ATOM 845  H HG12 . ILE A 1 51 ? -5.004  -7.018  -4.924  1.00 1.11  ? 51 ILE A HG12 1 
ATOM 846  H HG13 . ILE A 1 51 ? -4.278  -5.520  -5.506  1.00 1.05  ? 51 ILE A HG13 1 
ATOM 847  H HG21 . ILE A 1 51 ? -4.051  -7.787  -2.362  1.00 1.05  ? 51 ILE A HG21 1 
ATOM 848  H HG22 . ILE A 1 51 ? -3.377  -8.515  -3.820  1.00 1.05  ? 51 ILE A HG22 1 
ATOM 849  H HG23 . ILE A 1 51 ? -2.302  -7.846  -2.591  1.00 1.19  ? 51 ILE A HG23 1 
ATOM 850  H HD11 . ILE A 1 51 ? -2.193  -7.146  -5.906  1.00 1.94  ? 51 ILE A HD11 1 
ATOM 851  H HD12 . ILE A 1 51 ? -3.482  -8.344  -6.027  1.00 1.78  ? 51 ILE A HD12 1 
ATOM 852  H HD13 . ILE A 1 51 ? -3.467  -6.952  -7.111  1.00 2.00  ? 51 ILE A HD13 1 
ATOM 853  N N    . CYS A 1 52 ? -3.943  -5.454  -0.479  1.00 0.43  ? 52 CYS A N    1 
ATOM 854  C CA   . CYS A 1 52 ? -3.311  -5.288  0.864   1.00 0.37  ? 52 CYS A CA   1 
ATOM 855  C C    . CYS A 1 52 ? -2.331  -6.428  1.134   1.00 0.36  ? 52 CYS A C    1 
ATOM 856  O O    . CYS A 1 52 ? -2.559  -7.560  0.748   1.00 0.42  ? 52 CYS A O    1 
ATOM 857  C CB   . CYS A 1 52 ? -4.468  -5.342  1.864   1.00 0.38  ? 52 CYS A CB   1 
ATOM 858  S SG   . CYS A 1 52 ? -5.457  -3.833  1.734   1.00 0.44  ? 52 CYS A SG   1 
ATOM 859  H H    . CYS A 1 52 ? -4.864  -5.783  -0.549  1.00 0.72  ? 52 CYS A H    1 
ATOM 860  H HA   . CYS A 1 52 ? -2.812  -4.335  0.932   1.00 0.38  ? 52 CYS A HA   1 
ATOM 861  H HB2  . CYS A 1 52 ? -5.090  -6.200  1.649   1.00 0.41  ? 52 CYS A HB2  1 
ATOM 862  H HB3  . CYS A 1 52 ? -4.075  -5.428  2.866   1.00 0.39  ? 52 CYS A HB3  1 
ATOM 863  N N    . ALA A 1 53 ? -1.245  -6.137  1.799   1.00 0.34  ? 53 ALA A N    1 
ATOM 864  C CA   . ALA A 1 53 ? -0.245  -7.199  2.107   1.00 0.37  ? 53 ALA A CA   1 
ATOM 865  C C    . ALA A 1 53 ? 0.140   -7.135  3.586   1.00 0.33  ? 53 ALA A C    1 
ATOM 866  O O    . ALA A 1 53 ? 0.337   -6.069  4.141   1.00 0.27  ? 53 ALA A O    1 
ATOM 867  C CB   . ALA A 1 53 ? 0.953   -6.889  1.209   1.00 0.44  ? 53 ALA A CB   1 
ATOM 868  H H    . ALA A 1 53 ? -1.091  -5.219  2.104   1.00 0.34  ? 53 ALA A H    1 
ATOM 869  H HA   . ALA A 1 53 ? -0.646  -8.171  1.865   1.00 0.41  ? 53 ALA A HA   1 
ATOM 870  H HB1  . ALA A 1 53 ? 0.925   -5.849  0.920   1.00 1.07  ? 53 ALA A HB1  1 
ATOM 871  H HB2  . ALA A 1 53 ? 1.867   -7.092  1.744   1.00 1.13  ? 53 ALA A HB2  1 
ATOM 872  H HB3  . ALA A 1 53 ? 0.907   -7.509  0.324   1.00 1.10  ? 53 ALA A HB3  1 
ATOM 873  N N    . ASP A 1 54 ? 0.236   -8.270  4.228   1.00 0.43  ? 54 ASP A N    1 
ATOM 874  C CA   . ASP A 1 54 ? 0.595   -8.295  5.682   1.00 0.46  ? 54 ASP A CA   1 
ATOM 875  C C    . ASP A 1 54 ? 1.967   -7.637  5.913   1.00 0.45  ? 54 ASP A C    1 
ATOM 876  O O    . ASP A 1 54 ? 2.961   -8.113  5.398   1.00 0.54  ? 54 ASP A O    1 
ATOM 877  C CB   . ASP A 1 54 ? 0.651   -9.783  6.040   1.00 0.63  ? 54 ASP A CB   1 
ATOM 878  C CG   . ASP A 1 54 ? 0.772   -9.945  7.557   1.00 0.69  ? 54 ASP A CG   1 
ATOM 879  O OD1  . ASP A 1 54 ? 0.166   -9.160  8.266   1.00 1.37  ? 54 ASP A OD1  1 
ATOM 880  O OD2  . ASP A 1 54 ? 1.468   -10.851 7.981   1.00 1.13  ? 54 ASP A OD2  1 
ATOM 881  H H    . ASP A 1 54 ? 0.062   -9.109  3.752   1.00 0.52  ? 54 ASP A H    1 
ATOM 882  H HA   . ASP A 1 54 ? -0.169  -7.809  6.263   1.00 0.42  ? 54 ASP A HA   1 
ATOM 883  H HB2  . ASP A 1 54 ? -0.251  -10.268 5.697   1.00 0.68  ? 54 ASP A HB2  1 
ATOM 884  H HB3  . ASP A 1 54 ? 1.507   -10.236 5.562   1.00 0.71  ? 54 ASP A HB3  1 
ATOM 885  N N    . PRO A 1 55 ? 1.998   -6.569  6.688   1.00 0.39  ? 55 PRO A N    1 
ATOM 886  C CA   . PRO A 1 55 ? 3.284   -5.890  6.960   1.00 0.45  ? 55 PRO A CA   1 
ATOM 887  C C    . PRO A 1 55 ? 4.041   -6.631  8.064   1.00 0.58  ? 55 PRO A C    1 
ATOM 888  O O    . PRO A 1 55 ? 3.820   -6.405  9.240   1.00 1.19  ? 55 PRO A O    1 
ATOM 889  C CB   . PRO A 1 55 ? 2.870   -4.502  7.434   1.00 0.40  ? 55 PRO A CB   1 
ATOM 890  C CG   . PRO A 1 55 ? 1.490   -4.665  7.991   1.00 0.34  ? 55 PRO A CG   1 
ATOM 891  C CD   . PRO A 1 55 ? 0.877   -5.896  7.364   1.00 0.35  ? 55 PRO A CD   1 
ATOM 892  H HA   . PRO A 1 55 ? 3.877   -5.818  6.065   1.00 0.51  ? 55 PRO A HA   1 
ATOM 893  H HB2  . PRO A 1 55 ? 3.548   -4.155  8.201   1.00 0.45  ? 55 PRO A HB2  1 
ATOM 894  H HB3  . PRO A 1 55 ? 2.854   -3.812  6.604   1.00 0.42  ? 55 PRO A HB3  1 
ATOM 895  H HG2  . PRO A 1 55 ? 1.543   -4.785  9.064   1.00 0.40  ? 55 PRO A HG2  1 
ATOM 896  H HG3  . PRO A 1 55 ? 0.894   -3.799  7.747   1.00 0.35  ? 55 PRO A HG3  1 
ATOM 897  H HD2  . PRO A 1 55 ? 0.458   -6.536  8.130   1.00 0.44  ? 55 PRO A HD2  1 
ATOM 898  H HD3  . PRO A 1 55 ? 0.120   -5.620  6.646   1.00 0.34  ? 55 PRO A HD3  1 
ATOM 899  N N    . THR A 1 56 ? 4.929   -7.514  7.691   1.00 0.61  ? 56 THR A N    1 
ATOM 900  C CA   . THR A 1 56 ? 5.709   -8.278  8.709   1.00 0.62  ? 56 THR A CA   1 
ATOM 901  C C    . THR A 1 56 ? 7.051   -8.716  8.121   1.00 0.56  ? 56 THR A C    1 
ATOM 902  O O    . THR A 1 56 ? 8.093   -8.514  8.714   1.00 0.51  ? 56 THR A O    1 
ATOM 903  C CB   . THR A 1 56 ? 4.844   -9.496  9.040   1.00 0.81  ? 56 THR A CB   1 
ATOM 904  O OG1  . THR A 1 56 ? 3.548   -9.065  9.433   1.00 1.62  ? 56 THR A OG1  1 
ATOM 905  C CG2  . THR A 1 56 ? 5.489   -10.285 10.180  1.00 1.58  ? 56 THR A CG2  1 
ATOM 906  H H    . THR A 1 56 ? 5.084   -7.676  6.738   1.00 1.07  ? 56 THR A H    1 
ATOM 907  H HA   . THR A 1 56 ? 5.861   -7.683  9.592   1.00 0.64  ? 56 THR A HA   1 
ATOM 908  H HB   . THR A 1 56 ? 4.765   -10.129 8.170   1.00 1.07  ? 56 THR A HB   1 
ATOM 909  H HG1  . THR A 1 56 ? 2.984   -9.840  9.494   1.00 1.87  ? 56 THR A HG1  1 
ATOM 910  H HG21 . THR A 1 56 ? 5.732   -9.613  10.991  1.00 2.05  ? 56 THR A HG21 1 
ATOM 911  H HG22 . THR A 1 56 ? 4.802   -11.040 10.531  1.00 2.21  ? 56 THR A HG22 1 
ATOM 912  H HG23 . THR A 1 56 ? 6.393   -10.758 9.824   1.00 2.04  ? 56 THR A HG23 1 
ATOM 913  N N    . GLN A 1 57 ? 7.027   -9.314  6.959   1.00 0.64  ? 57 GLN A N    1 
ATOM 914  C CA   . GLN A 1 57 ? 8.294   -9.773  6.319   1.00 0.66  ? 57 GLN A CA   1 
ATOM 915  C C    . GLN A 1 57 ? 8.918   -8.640  5.492   1.00 0.57  ? 57 GLN A C    1 
ATOM 916  O O    . GLN A 1 57 ? 8.228   -7.821  4.918   1.00 0.48  ? 57 GLN A O    1 
ATOM 917  C CB   . GLN A 1 57 ? 7.886   -10.947 5.436   1.00 0.84  ? 57 GLN A CB   1 
ATOM 918  C CG   . GLN A 1 57 ? 7.513   -12.144 6.314   1.00 1.04  ? 57 GLN A CG   1 
ATOM 919  C CD   . GLN A 1 57 ? 6.960   -13.271 5.440   1.00 1.48  ? 57 GLN A CD   1 
ATOM 920  O OE1  . GLN A 1 57 ? 6.541   -13.043 4.322   1.00 2.03  ? 57 GLN A OE1  1 
ATOM 921  N NE2  . GLN A 1 57 ? 6.937   -14.488 5.907   1.00 1.95  ? 57 GLN A NE2  1 
ATOM 922  H H    . GLN A 1 57 ? 6.172   -9.462  6.505   1.00 0.72  ? 57 GLN A H    1 
ATOM 923  H HA   . GLN A 1 57 ? 8.990   -10.110 7.074   1.00 0.67  ? 57 GLN A HA   1 
ATOM 924  H HB2  . GLN A 1 57 ? 7.033   -10.663 4.836   1.00 0.85  ? 57 GLN A HB2  1 
ATOM 925  H HB3  . GLN A 1 57 ? 8.707   -11.215 4.792   1.00 0.88  ? 57 GLN A HB3  1 
ATOM 926  H HG2  . GLN A 1 57 ? 8.392   -12.491 6.838   1.00 1.32  ? 57 GLN A HG2  1 
ATOM 927  H HG3  . GLN A 1 57 ? 6.764   -11.846 7.031   1.00 1.25  ? 57 GLN A HG3  1 
ATOM 928  H HE21 . GLN A 1 57 ? 7.270   -14.674 6.810   1.00 2.16  ? 57 GLN A HE21 1 
ATOM 929  H HE22 . GLN A 1 57 ? 6.583   -15.218 5.356   1.00 2.43  ? 57 GLN A HE22 1 
ATOM 930  N N    . LYS A 1 58 ? 10.222  -8.585  5.458   1.00 0.63  ? 58 LYS A N    1 
ATOM 931  C CA   . LYS A 1 58 ? 10.940  -7.505  4.701   1.00 0.59  ? 58 LYS A CA   1 
ATOM 932  C C    . LYS A 1 58 ? 10.643  -7.514  3.192   1.00 0.50  ? 58 LYS A C    1 
ATOM 933  O O    . LYS A 1 58 ? 10.790  -6.501  2.544   1.00 0.47  ? 58 LYS A O    1 
ATOM 934  C CB   . LYS A 1 58 ? 12.426  -7.783  4.930   1.00 0.73  ? 58 LYS A CB   1 
ATOM 935  C CG   . LYS A 1 58 ? 12.788  -7.503  6.389   1.00 1.50  ? 58 LYS A CG   1 
ATOM 936  C CD   . LYS A 1 58 ? 14.280  -7.770  6.603   1.00 1.86  ? 58 LYS A CD   1 
ATOM 937  C CE   . LYS A 1 58 ? 14.641  -7.489  8.063   1.00 2.93  ? 58 LYS A CE   1 
ATOM 938  N NZ   . LYS A 1 58 ? 16.093  -7.805  8.167   1.00 3.38  ? 58 LYS A NZ   1 
ATOM 939  H H    . LYS A 1 58 ? 10.743  -9.256  5.950   1.00 0.72  ? 58 LYS A H    1 
ATOM 940  H HA   . LYS A 1 58 ? 10.693  -6.532  5.113   1.00 0.57  ? 58 LYS A HA   1 
ATOM 941  H HB2  . LYS A 1 58 ? 12.631  -8.819  4.701   1.00 1.26  ? 58 LYS A HB2  1 
ATOM 942  H HB3  . LYS A 1 58 ? 13.015  -7.150  4.286   1.00 1.26  ? 58 LYS A HB3  1 
ATOM 943  H HG2  . LYS A 1 58 ? 12.567  -6.473  6.623   1.00 2.11  ? 58 LYS A HG2  1 
ATOM 944  H HG3  . LYS A 1 58 ? 12.214  -8.152  7.036   1.00 2.14  ? 58 LYS A HG3  1 
ATOM 945  H HD2  . LYS A 1 58 ? 14.499  -8.799  6.365   1.00 2.03  ? 58 LYS A HD2  1 
ATOM 946  H HD3  . LYS A 1 58 ? 14.858  -7.119  5.961   1.00 2.07  ? 58 LYS A HD3  1 
ATOM 947  H HE2  . LYS A 1 58 ? 14.460  -6.451  8.302   1.00 3.45  ? 58 LYS A HE2  1 
ATOM 948  H HE3  . LYS A 1 58 ? 14.076  -8.133  8.719   1.00 3.33  ? 58 LYS A HE3  1 
ATOM 949  H HZ1  . LYS A 1 58 ? 16.610  -7.307  7.415   1.00 3.66  ? 58 LYS A HZ1  1 
ATOM 950  H HZ2  . LYS A 1 58 ? 16.449  -7.497  9.096   1.00 3.77  ? 58 LYS A HZ2  1 
ATOM 951  H HZ3  . LYS A 1 58 ? 16.237  -8.829  8.061   1.00 3.55  ? 58 LYS A HZ3  1 
ATOM 952  N N    . TRP A 1 59 ? 10.290  -8.640  2.608   1.00 0.50  ? 59 TRP A N    1 
ATOM 953  C CA   . TRP A 1 59 ? 10.062  -8.671  1.115   1.00 0.46  ? 59 TRP A CA   1 
ATOM 954  C C    . TRP A 1 59 ? 9.146   -7.524  0.627   1.00 0.35  ? 59 TRP A C    1 
ATOM 955  O O    . TRP A 1 59 ? 9.416   -6.931  -0.401  1.00 0.35  ? 59 TRP A O    1 
ATOM 956  C CB   . TRP A 1 59 ? 9.474   -10.062 0.796   1.00 0.52  ? 59 TRP A CB   1 
ATOM 957  C CG   . TRP A 1 59 ? 8.055   -10.178 1.260   1.00 0.46  ? 59 TRP A CG   1 
ATOM 958  C CD1  . TRP A 1 59 ? 7.636   -9.994  2.525   1.00 0.45  ? 59 TRP A CD1  1 
ATOM 959  C CD2  . TRP A 1 59 ? 6.871   -10.511 0.483   1.00 0.48  ? 59 TRP A CD2  1 
ATOM 960  N NE1  . TRP A 1 59 ? 6.269   -10.182 2.580   1.00 0.46  ? 59 TRP A NE1  1 
ATOM 961  C CE2  . TRP A 1 59 ? 5.749   -10.504 1.345   1.00 0.48  ? 59 TRP A CE2  1 
ATOM 962  C CE3  . TRP A 1 59 ? 6.664   -10.811 -0.871  1.00 0.56  ? 59 TRP A CE3  1 
ATOM 963  C CZ2  . TRP A 1 59 ? 4.466   -10.785 0.876   1.00 0.55  ? 59 TRP A CZ2  1 
ATOM 964  C CZ3  . TRP A 1 59 ? 5.375   -11.094 -1.346  1.00 0.62  ? 59 TRP A CZ3  1 
ATOM 965  C CH2  . TRP A 1 59 ? 4.278   -11.080 -0.473  1.00 0.61  ? 59 TRP A CH2  1 
ATOM 966  H H    . TRP A 1 59 ? 10.216  -9.464  3.134   1.00 0.55  ? 59 TRP A H    1 
ATOM 967  H HA   . TRP A 1 59 ? 11.019  -8.577  0.616   1.00 0.52  ? 59 TRP A HA   1 
ATOM 968  H HB2  . TRP A 1 59 ? 9.507   -10.221 -0.270  1.00 0.56  ? 59 TRP A HB2  1 
ATOM 969  H HB3  . TRP A 1 59 ? 10.071  -10.818 1.284   1.00 0.60  ? 59 TRP A HB3  1 
ATOM 970  H HD1  . TRP A 1 59 ? 8.266   -9.726  3.352   1.00 0.47  ? 59 TRP A HD1  1 
ATOM 971  H HE1  . TRP A 1 59 ? 5.718   -10.103 3.387   1.00 0.49  ? 59 TRP A HE1  1 
ATOM 972  H HE3  . TRP A 1 59 ? 7.503   -10.826 -1.551  1.00 0.60  ? 59 TRP A HE3  1 
ATOM 973  H HZ2  . TRP A 1 59 ? 3.622   -10.772 1.551   1.00 0.59  ? 59 TRP A HZ2  1 
ATOM 974  H HZ3  . TRP A 1 59 ? 5.227   -11.325 -2.387  1.00 0.70  ? 59 TRP A HZ3  1 
ATOM 975  H HH2  . TRP A 1 59 ? 3.290   -11.293 -0.845  1.00 0.69  ? 59 TRP A HH2  1 
ATOM 976  N N    . VAL A 1 60 ? 8.098   -7.182  1.347   1.00 0.31  ? 60 VAL A N    1 
ATOM 977  C CA   . VAL A 1 60 ? 7.230   -6.052  0.887   1.00 0.25  ? 60 VAL A CA   1 
ATOM 978  C C    . VAL A 1 60 ? 7.969   -4.747  1.152   1.00 0.26  ? 60 VAL A C    1 
ATOM 979  O O    . VAL A 1 60 ? 7.988   -3.854  0.331   1.00 0.26  ? 60 VAL A O    1 
ATOM 980  C CB   . VAL A 1 60 ? 5.920   -6.137  1.697   1.00 0.30  ? 60 VAL A CB   1 
ATOM 981  C CG1  . VAL A 1 60 ? 5.263   -7.505  1.485   1.00 0.36  ? 60 VAL A CG1  1 
ATOM 982  C CG2  . VAL A 1 60 ? 6.193   -5.923  3.192   1.00 0.39  ? 60 VAL A CG2  1 
ATOM 983  H H    . VAL A 1 60 ? 7.905   -7.641  2.181   1.00 0.34  ? 60 VAL A H    1 
ATOM 984  H HA   . VAL A 1 60 ? 7.022   -6.149  -0.171  1.00 0.24  ? 60 VAL A HA   1 
ATOM 985  H HB   . VAL A 1 60 ? 5.244   -5.369  1.348   1.00 0.30  ? 60 VAL A HB   1 
ATOM 986  H HG11 . VAL A 1 60 ? 5.765   -8.031  0.684   1.00 1.07  ? 60 VAL A HG11 1 
ATOM 987  H HG12 . VAL A 1 60 ? 5.328   -8.083  2.393   1.00 1.02  ? 60 VAL A HG12 1 
ATOM 988  H HG13 . VAL A 1 60 ? 4.223   -7.367  1.225   1.00 1.10  ? 60 VAL A HG13 1 
ATOM 989  H HG21 . VAL A 1 60 ? 7.009   -6.552  3.506   1.00 1.03  ? 60 VAL A HG21 1 
ATOM 990  H HG22 . VAL A 1 60 ? 6.448   -4.889  3.363   1.00 1.12  ? 60 VAL A HG22 1 
ATOM 991  H HG23 . VAL A 1 60 ? 5.308   -6.174  3.756   1.00 1.09  ? 60 VAL A HG23 1 
ATOM 992  N N    . GLN A 1 61 ? 8.623   -4.659  2.285   1.00 0.31  ? 61 GLN A N    1 
ATOM 993  C CA   . GLN A 1 61 ? 9.418   -3.436  2.609   1.00 0.37  ? 61 GLN A CA   1 
ATOM 994  C C    . GLN A 1 61 ? 10.493  -3.276  1.534   1.00 0.37  ? 61 GLN A C    1 
ATOM 995  O O    . GLN A 1 61 ? 10.778  -2.191  1.065   1.00 0.39  ? 61 GLN A O    1 
ATOM 996  C CB   . GLN A 1 61 ? 10.045  -3.726  3.975   1.00 0.46  ? 61 GLN A CB   1 
ATOM 997  C CG   . GLN A 1 61 ? 8.952   -3.725  5.047   1.00 0.50  ? 61 GLN A CG   1 
ATOM 998  C CD   . GLN A 1 61 ? 9.527   -4.219  6.380   1.00 0.61  ? 61 GLN A CD   1 
ATOM 999  O OE1  . GLN A 1 61 ? 10.641  -4.702  6.440   1.00 0.88  ? 61 GLN A OE1  1 
ATOM 1000 N NE2  . GLN A 1 61 ? 8.804   -4.119  7.461   1.00 0.75  ? 61 GLN A NE2  1 
ATOM 1001 H H    . GLN A 1 61 ? 8.614   -5.416  2.909   1.00 0.34  ? 61 GLN A H    1 
ATOM 1002 H HA   . GLN A 1 61 ? 8.784   -2.564  2.656   1.00 0.39  ? 61 GLN A HA   1 
ATOM 1003 H HB2  . GLN A 1 61 ? 10.525  -4.694  3.949   1.00 0.46  ? 61 GLN A HB2  1 
ATOM 1004 H HB3  . GLN A 1 61 ? 10.776  -2.971  4.208   1.00 0.51  ? 61 GLN A HB3  1 
ATOM 1005 H HG2  . GLN A 1 61 ? 8.568   -2.724  5.168   1.00 0.52  ? 61 GLN A HG2  1 
ATOM 1006 H HG3  . GLN A 1 61 ? 8.150   -4.382  4.739   1.00 0.46  ? 61 GLN A HG3  1 
ATOM 1007 H HE21 . GLN A 1 61 ? 7.904   -3.732  7.416   1.00 1.00  ? 61 GLN A HE21 1 
ATOM 1008 H HE22 . GLN A 1 61 ? 9.159   -4.432  8.319   1.00 0.81  ? 61 GLN A HE22 1 
ATOM 1009 N N    . ASP A 1 62 ? 11.060  -4.381  1.127   1.00 0.37  ? 62 ASP A N    1 
ATOM 1010 C CA   . ASP A 1 62 ? 12.088  -4.364  0.050   1.00 0.42  ? 62 ASP A CA   1 
ATOM 1011 C C    . ASP A 1 62 ? 11.445  -3.850  -1.236  1.00 0.37  ? 62 ASP A C    1 
ATOM 1012 O O    . ASP A 1 62 ? 12.015  -3.053  -1.958  1.00 0.40  ? 62 ASP A O    1 
ATOM 1013 C CB   . ASP A 1 62 ? 12.519  -5.831  -0.103  1.00 0.48  ? 62 ASP A CB   1 
ATOM 1014 C CG   . ASP A 1 62 ? 13.352  -6.259  1.110   1.00 0.55  ? 62 ASP A CG   1 
ATOM 1015 O OD1  . ASP A 1 62 ? 14.010  -5.408  1.686   1.00 1.24  ? 62 ASP A OD1  1 
ATOM 1016 O OD2  . ASP A 1 62 ? 13.318  -7.433  1.439   1.00 1.18  ? 62 ASP A OD2  1 
ATOM 1017 H H    . ASP A 1 62 ? 10.773  -5.235  1.512   1.00 0.38  ? 62 ASP A H    1 
ATOM 1018 H HA   . ASP A 1 62 ? 12.927  -3.749  0.332   1.00 0.47  ? 62 ASP A HA   1 
ATOM 1019 H HB2  . ASP A 1 62 ? 11.638  -6.454  -0.168  1.00 0.45  ? 62 ASP A HB2  1 
ATOM 1020 H HB3  . ASP A 1 62 ? 13.103  -5.950  -0.999  1.00 0.52  ? 62 ASP A HB3  1 
ATOM 1021 N N    . PHE A 1 63 ? 10.242  -4.290  -1.507  1.00 0.31  ? 63 PHE A N    1 
ATOM 1022 C CA   . PHE A 1 63 ? 9.527   -3.818  -2.726  1.00 0.31  ? 63 PHE A CA   1 
ATOM 1023 C C    . PHE A 1 63 ? 9.257   -2.319  -2.600  1.00 0.30  ? 63 PHE A C    1 
ATOM 1024 O O    . PHE A 1 63 ? 9.375   -1.578  -3.551  1.00 0.35  ? 63 PHE A O    1 
ATOM 1025 C CB   . PHE A 1 63 ? 8.215   -4.611  -2.776  1.00 0.29  ? 63 PHE A CB   1 
ATOM 1026 C CG   . PHE A 1 63 ? 8.453   -5.944  -3.450  1.00 0.35  ? 63 PHE A CG   1 
ATOM 1027 C CD1  . PHE A 1 63 ? 9.011   -5.987  -4.733  1.00 1.22  ? 63 PHE A CD1  1 
ATOM 1028 C CD2  . PHE A 1 63 ? 8.113   -7.133  -2.796  1.00 1.18  ? 63 PHE A CD2  1 
ATOM 1029 C CE1  . PHE A 1 63 ? 9.234   -7.220  -5.359  1.00 1.27  ? 63 PHE A CE1  1 
ATOM 1030 C CE2  . PHE A 1 63 ? 8.338   -8.366  -3.420  1.00 1.20  ? 63 PHE A CE2  1 
ATOM 1031 C CZ   . PHE A 1 63 ? 8.894   -8.409  -4.703  1.00 0.53  ? 63 PHE A CZ   1 
ATOM 1032 H H    . PHE A 1 63 ? 9.804   -4.916  -0.893  1.00 0.30  ? 63 PHE A H    1 
ATOM 1033 H HA   . PHE A 1 63 ? 10.120  -4.021  -3.608  1.00 0.36  ? 63 PHE A HA   1 
ATOM 1034 H HB2  . PHE A 1 63 ? 7.858   -4.772  -1.776  1.00 0.27  ? 63 PHE A HB2  1 
ATOM 1035 H HB3  . PHE A 1 63 ? 7.477   -4.060  -3.324  1.00 0.32  ? 63 PHE A HB3  1 
ATOM 1036 H HD1  . PHE A 1 63 ? 9.270   -5.070  -5.241  1.00 2.06  ? 63 PHE A HD1  1 
ATOM 1037 H HD2  . PHE A 1 63 ? 7.681   -7.099  -1.807  1.00 2.03  ? 63 PHE A HD2  1 
ATOM 1038 H HE1  . PHE A 1 63 ? 9.663   -7.252  -6.348  1.00 2.12  ? 63 PHE A HE1  1 
ATOM 1039 H HE2  . PHE A 1 63 ? 8.076   -9.283  -2.914  1.00 2.04  ? 63 PHE A HE2  1 
ATOM 1040 H HZ   . PHE A 1 63 ? 9.069   -9.361  -5.184  1.00 0.61  ? 63 PHE A HZ   1 
ATOM 1041 N N    . MET A 1 64 ? 8.906   -1.864  -1.418  1.00 0.29  ? 64 MET A N    1 
ATOM 1042 C CA   . MET A 1 64 ? 8.631   -0.404  -1.231  1.00 0.33  ? 64 MET A CA   1 
ATOM 1043 C C    . MET A 1 64 ? 9.864   0.419   -1.620  1.00 0.37  ? 64 MET A C    1 
ATOM 1044 O O    . MET A 1 64 ? 9.745   1.459   -2.243  1.00 0.42  ? 64 MET A O    1 
ATOM 1045 C CB   . MET A 1 64 ? 8.301   -0.232  0.258   1.00 0.34  ? 64 MET A CB   1 
ATOM 1046 C CG   . MET A 1 64 ? 6.935   -0.860  0.556   1.00 0.37  ? 64 MET A CG   1 
ATOM 1047 S SD   . MET A 1 64 ? 6.553   -0.673  2.317   1.00 0.56  ? 64 MET A SD   1 
ATOM 1048 C CE   . MET A 1 64 ? 4.960   -1.539  2.309   1.00 0.39  ? 64 MET A CE   1 
ATOM 1049 H H    . MET A 1 64 ? 8.828   -2.481  -0.661  1.00 0.28  ? 64 MET A H    1 
ATOM 1050 H HA   . MET A 1 64 ? 7.784   -0.106  -1.827  1.00 0.35  ? 64 MET A HA   1 
ATOM 1051 H HB2  . MET A 1 64 ? 9.060   -0.720  0.854   1.00 0.36  ? 64 MET A HB2  1 
ATOM 1052 H HB3  . MET A 1 64 ? 8.272   0.818   0.500   1.00 0.40  ? 64 MET A HB3  1 
ATOM 1053 H HG2  . MET A 1 64 ? 6.176   -0.362  -0.031  1.00 0.54  ? 64 MET A HG2  1 
ATOM 1054 H HG3  . MET A 1 64 ? 6.954   -1.905  0.300   1.00 0.65  ? 64 MET A HG3  1 
ATOM 1055 H HE1  . MET A 1 64 ? 4.673   -1.754  1.289   1.00 1.01  ? 64 MET A HE1  1 
ATOM 1056 H HE2  . MET A 1 64 ? 5.051   -2.463  2.865   1.00 1.07  ? 64 MET A HE2  1 
ATOM 1057 H HE3  . MET A 1 64 ? 4.208   -0.919  2.768   1.00 1.18  ? 64 MET A HE3  1 
ATOM 1058 N N    . LYS A 1 65 ? 11.047  -0.041  -1.279  1.00 0.39  ? 65 LYS A N    1 
ATOM 1059 C CA   . LYS A 1 65 ? 12.277  0.715   -1.664  1.00 0.45  ? 65 LYS A CA   1 
ATOM 1060 C C    . LYS A 1 65 ? 12.380  0.761   -3.190  1.00 0.46  ? 65 LYS A C    1 
ATOM 1061 O O    . LYS A 1 65 ? 12.602  1.801   -3.778  1.00 0.53  ? 65 LYS A O    1 
ATOM 1062 C CB   . LYS A 1 65 ? 13.449  -0.069  -1.064  1.00 0.50  ? 65 LYS A CB   1 
ATOM 1063 C CG   . LYS A 1 65 ? 13.428  0.063   0.459   1.00 0.56  ? 65 LYS A CG   1 
ATOM 1064 C CD   . LYS A 1 65 ? 14.596  -0.724  1.059   1.00 0.97  ? 65 LYS A CD   1 
ATOM 1065 C CE   . LYS A 1 65 ? 14.568  -0.600  2.584   1.00 1.31  ? 65 LYS A CE   1 
ATOM 1066 N NZ   . LYS A 1 65 ? 15.420  -1.721  3.074   1.00 2.04  ? 65 LYS A NZ   1 
ATOM 1067 H H    . LYS A 1 65 ? 11.122  -0.890  -0.793  1.00 0.38  ? 65 LYS A H    1 
ATOM 1068 H HA   . LYS A 1 65 ? 12.248  1.714   -1.260  1.00 0.50  ? 65 LYS A HA   1 
ATOM 1069 H HB2  . LYS A 1 65 ? 13.363  -1.111  -1.337  1.00 0.48  ? 65 LYS A HB2  1 
ATOM 1070 H HB3  . LYS A 1 65 ? 14.378  0.326   -1.444  1.00 0.56  ? 65 LYS A HB3  1 
ATOM 1071 H HG2  . LYS A 1 65 ? 13.518  1.107   0.729   1.00 0.92  ? 65 LYS A HG2  1 
ATOM 1072 H HG3  . LYS A 1 65 ? 12.498  -0.329  0.843   1.00 0.95  ? 65 LYS A HG3  1 
ATOM 1073 H HD2  . LYS A 1 65 ? 14.511  -1.763  0.780   1.00 1.58  ? 65 LYS A HD2  1 
ATOM 1074 H HD3  . LYS A 1 65 ? 15.528  -0.326  0.686   1.00 1.66  ? 65 LYS A HD3  1 
ATOM 1075 H HE2  . LYS A 1 65 ? 14.978  0.352   2.892   1.00 1.71  ? 65 LYS A HE2  1 
ATOM 1076 H HE3  . LYS A 1 65 ? 13.560  -0.716  2.951   1.00 1.88  ? 65 LYS A HE3  1 
ATOM 1077 H HZ1  . LYS A 1 65 ? 16.345  -1.686  2.602   1.00 2.45  ? 65 LYS A HZ1  1 
ATOM 1078 H HZ2  . LYS A 1 65 ? 15.554  -1.631  4.102   1.00 2.55  ? 65 LYS A HZ2  1 
ATOM 1079 H HZ3  . LYS A 1 65 ? 14.955  -2.628  2.862   1.00 2.42  ? 65 LYS A HZ3  1 
ATOM 1080 N N    . HIS A 1 66 ? 12.193  -0.367  -3.829  1.00 0.42  ? 66 HIS A N    1 
ATOM 1081 C CA   . HIS A 1 66 ? 12.247  -0.410  -5.320  1.00 0.47  ? 66 HIS A CA   1 
ATOM 1082 C C    . HIS A 1 66 ? 11.076  0.392   -5.892  1.00 0.53  ? 66 HIS A C    1 
ATOM 1083 O O    . HIS A 1 66 ? 11.205  1.097   -6.871  1.00 0.64  ? 66 HIS A O    1 
ATOM 1084 C CB   . HIS A 1 66 ? 12.105  -1.890  -5.685  1.00 0.47  ? 66 HIS A CB   1 
ATOM 1085 C CG   . HIS A 1 66 ? 12.241  -2.057  -7.174  1.00 0.61  ? 66 HIS A CG   1 
ATOM 1086 N ND1  . HIS A 1 66 ? 11.147  -2.282  -7.995  1.00 1.12  ? 66 HIS A ND1  1 
ATOM 1087 C CD2  . HIS A 1 66 ? 13.334  -2.034  -8.002  1.00 1.42  ? 66 HIS A CD2  1 
ATOM 1088 C CE1  . HIS A 1 66 ? 11.603  -2.385  -9.257  1.00 0.96  ? 66 HIS A CE1  1 
ATOM 1089 N NE2  . HIS A 1 66 ? 12.929  -2.241  -9.318  1.00 1.17  ? 66 HIS A NE2  1 
ATOM 1090 H H    . HIS A 1 66 ? 11.999  -1.184  -3.324  1.00 0.39  ? 66 HIS A H    1 
ATOM 1091 H HA   . HIS A 1 66 ? 13.189  -0.023  -5.681  1.00 0.54  ? 66 HIS A HA   1 
ATOM 1092 H HB2  . HIS A 1 66 ? 12.872  -2.463  -5.184  1.00 0.48  ? 66 HIS A HB2  1 
ATOM 1093 H HB3  . HIS A 1 66 ? 11.134  -2.243  -5.373  1.00 0.46  ? 66 HIS A HB3  1 
ATOM 1094 H HD1  . HIS A 1 66 ? 10.213  -2.352  -7.709  1.00 1.92  ? 66 HIS A HD1  1 
ATOM 1095 H HD2  . HIS A 1 66 ? 14.353  -1.879  -7.682  1.00 2.35  ? 66 HIS A HD2  1 
ATOM 1096 H HE1  . HIS A 1 66 ? 10.973  -2.564  -10.116 1.00 1.47  ? 66 HIS A HE1  1 
ATOM 1097 N N    . LEU A 1 67 ? 9.930   0.274   -5.275  1.00 0.49  ? 67 LEU A N    1 
ATOM 1098 C CA   . LEU A 1 67 ? 8.721   1.012   -5.757  1.00 0.61  ? 67 LEU A CA   1 
ATOM 1099 C C    . LEU A 1 67 ? 8.913   2.524   -5.603  1.00 0.69  ? 67 LEU A C    1 
ATOM 1100 O O    . LEU A 1 67 ? 8.490   3.300   -6.440  1.00 0.85  ? 67 LEU A O    1 
ATOM 1101 C CB   . LEU A 1 67 ? 7.579   0.525   -4.858  1.00 0.57  ? 67 LEU A CB   1 
ATOM 1102 C CG   . LEU A 1 67 ? 7.239   -0.930  -5.195  1.00 0.77  ? 67 LEU A CG   1 
ATOM 1103 C CD1  . LEU A 1 67 ? 6.433   -1.549  -4.048  1.00 1.91  ? 67 LEU A CD1  1 
ATOM 1104 C CD2  . LEU A 1 67 ? 6.411   -0.987  -6.478  1.00 1.05  ? 67 LEU A CD2  1 
ATOM 1105 H H    . LEU A 1 67 ? 9.864   -0.308  -4.490  1.00 0.42  ? 67 LEU A H    1 
ATOM 1106 H HA   . LEU A 1 67 ? 8.511   0.760   -6.786  1.00 0.71  ? 67 LEU A HA   1 
ATOM 1107 H HB2  . LEU A 1 67 ? 7.888   0.590   -3.825  1.00 0.49  ? 67 LEU A HB2  1 
ATOM 1108 H HB3  . LEU A 1 67 ? 6.710   1.144   -5.011  1.00 0.67  ? 67 LEU A HB3  1 
ATOM 1109 H HG   . LEU A 1 67 ? 8.148   -1.490  -5.338  1.00 1.40  ? 67 LEU A HG   1 
ATOM 1110 H HD11 . LEU A 1 67 ? 6.906   -1.313  -3.109  1.00 2.50  ? 67 LEU A HD11 1 
ATOM 1111 H HD12 . LEU A 1 67 ? 5.430   -1.150  -4.056  1.00 2.37  ? 67 LEU A HD12 1 
ATOM 1112 H HD13 . LEU A 1 67 ? 6.396   -2.620  -4.174  1.00 2.45  ? 67 LEU A HD13 1 
ATOM 1113 H HD21 . LEU A 1 67 ? 6.503   -0.053  -7.013  1.00 1.71  ? 67 LEU A HD21 1 
ATOM 1114 H HD22 . LEU A 1 67 ? 6.775   -1.793  -7.095  1.00 1.66  ? 67 LEU A HD22 1 
ATOM 1115 H HD23 . LEU A 1 67 ? 5.373   -1.163  -6.234  1.00 1.54  ? 67 LEU A HD23 1 
ATOM 1116 N N    . ASP A 1 68 ? 9.526   2.948   -4.525  1.00 0.65  ? 68 ASP A N    1 
ATOM 1117 C CA   . ASP A 1 68 ? 9.722   4.415   -4.296  1.00 0.80  ? 68 ASP A CA   1 
ATOM 1118 C C    . ASP A 1 68 ? 10.574  5.055   -5.398  1.00 0.96  ? 68 ASP A C    1 
ATOM 1119 O O    . ASP A 1 68 ? 10.283  6.146   -5.839  1.00 1.21  ? 68 ASP A O    1 
ATOM 1120 C CB   . ASP A 1 68 ? 10.433  4.523   -2.942  1.00 0.81  ? 68 ASP A CB   1 
ATOM 1121 C CG   . ASP A 1 68 ? 9.464   4.157   -1.809  1.00 0.77  ? 68 ASP A CG   1 
ATOM 1122 O OD1  . ASP A 1 68 ? 8.264   4.211   -2.030  1.00 1.19  ? 68 ASP A OD1  1 
ATOM 1123 O OD2  . ASP A 1 68 ? 9.942   3.835   -0.735  1.00 1.33  ? 68 ASP A OD2  1 
ATOM 1124 H H    . ASP A 1 68 ? 9.843   2.300   -3.858  1.00 0.55  ? 68 ASP A H    1 
ATOM 1125 H HA   . ASP A 1 68 ? 8.768   4.909   -4.237  1.00 0.85  ? 68 ASP A HA   1 
ATOM 1126 H HB2  . ASP A 1 68 ? 11.277  3.849   -2.924  1.00 0.80  ? 68 ASP A HB2  1 
ATOM 1127 H HB3  . ASP A 1 68 ? 10.780  5.535   -2.800  1.00 0.94  ? 68 ASP A HB3  1 
ATOM 1128 N N    . LYS A 1 69 ? 11.622  4.389   -5.835  1.00 0.93  ? 69 LYS A N    1 
ATOM 1129 C CA   . LYS A 1 69 ? 12.533  4.952   -6.900  1.00 1.12  ? 69 LYS A CA   1 
ATOM 1130 C C    . LYS A 1 69 ? 12.857  6.442   -6.640  1.00 1.62  ? 69 LYS A C    1 
ATOM 1131 O O    . LYS A 1 69 ? 13.812  6.751   -5.949  1.00 2.22  ? 69 LYS A O    1 
ATOM 1132 C CB   . LYS A 1 69 ? 11.779  4.765   -8.227  1.00 1.37  ? 69 LYS A CB   1 
ATOM 1133 C CG   . LYS A 1 69 ? 12.188  3.435   -8.871  1.00 1.86  ? 69 LYS A CG   1 
ATOM 1134 C CD   . LYS A 1 69 ? 11.233  3.115   -10.022 1.00 2.45  ? 69 LYS A CD   1 
ATOM 1135 C CE   . LYS A 1 69 ? 11.433  4.133   -11.146 1.00 3.26  ? 69 LYS A CE   1 
ATOM 1136 N NZ   . LYS A 1 69 ? 10.392  3.802   -12.161 1.00 4.01  ? 69 LYS A NZ   1 
ATOM 1137 H H    . LYS A 1 69 ? 11.828  3.515   -5.443  1.00 0.88  ? 69 LYS A H    1 
ATOM 1138 H HA   . LYS A 1 69 ? 13.447  4.384   -6.930  1.00 1.30  ? 69 LYS A HA   1 
ATOM 1139 H HB2  . LYS A 1 69 ? 10.714  4.765   -8.042  1.00 1.77  ? 69 LYS A HB2  1 
ATOM 1140 H HB3  . LYS A 1 69 ? 12.027  5.575   -8.896  1.00 1.76  ? 69 LYS A HB3  1 
ATOM 1141 H HG2  . LYS A 1 69 ? 13.197  3.513   -9.251  1.00 2.23  ? 69 LYS A HG2  1 
ATOM 1142 H HG3  . LYS A 1 69 ? 12.141  2.649   -8.137  1.00 2.30  ? 69 LYS A HG3  1 
ATOM 1143 H HD2  . LYS A 1 69 ? 11.438  2.120   -10.393 1.00 2.85  ? 69 LYS A HD2  1 
ATOM 1144 H HD3  . LYS A 1 69 ? 10.215  3.165   -9.668  1.00 2.63  ? 69 LYS A HD3  1 
ATOM 1145 H HE2  . LYS A 1 69 ? 11.290  5.136   -10.770 1.00 3.49  ? 69 LYS A HE2  1 
ATOM 1146 H HE3  . LYS A 1 69 ? 12.415  4.027   -11.578 1.00 3.61  ? 69 LYS A HE3  1 
ATOM 1147 H HZ1  . LYS A 1 69 ? 10.453  2.795   -12.407 1.00 4.48  ? 69 LYS A HZ1  1 
ATOM 1148 H HZ2  . LYS A 1 69 ? 9.449   4.008   -11.769 1.00 4.16  ? 69 LYS A HZ2  1 
ATOM 1149 H HZ3  . LYS A 1 69 ? 10.545  4.375   -13.014 1.00 4.37  ? 69 LYS A HZ3  1 
ATOM 1150 N N    . LYS A 1 70 ? 12.072  7.358   -7.162  1.00 2.20  ? 70 LYS A N    1 
ATOM 1151 C CA   . LYS A 1 70 ? 12.334  8.810   -6.919  1.00 2.93  ? 70 LYS A CA   1 
ATOM 1152 C C    . LYS A 1 70 ? 11.817  9.203   -5.532  1.00 3.53  ? 70 LYS A C    1 
ATOM 1153 O O    . LYS A 1 70 ? 10.720  8.837   -5.147  1.00 4.13  ? 70 LYS A O    1 
ATOM 1154 C CB   . LYS A 1 70 ? 11.550  9.540   -8.010  1.00 3.70  ? 70 LYS A CB   1 
ATOM 1155 C CG   . LYS A 1 70 ? 12.193  9.263   -9.368  1.00 4.27  ? 70 LYS A CG   1 
ATOM 1156 C CD   . LYS A 1 70 ? 11.415  9.992   -10.466 1.00 5.29  ? 70 LYS A CD   1 
ATOM 1157 C CE   . LYS A 1 70 ? 10.094  9.270   -10.724 1.00 6.08  ? 70 LYS A CE   1 
ATOM 1158 N NZ   . LYS A 1 70 ? 10.451  8.108   -11.584 1.00 6.95  ? 70 LYS A NZ   1 
ATOM 1159 H H    . LYS A 1 70 ? 11.301  7.090   -7.699  1.00 2.53  ? 70 LYS A H    1 
ATOM 1160 H HA   . LYS A 1 70 ? 13.387  9.026   -7.008  1.00 3.10  ? 70 LYS A HA   1 
ATOM 1161 H HB2  . LYS A 1 70 ? 10.530  9.188   -8.014  1.00 4.08  ? 70 LYS A HB2  1 
ATOM 1162 H HB3  . LYS A 1 70 ? 11.564  10.600  -7.814  1.00 4.02  ? 70 LYS A HB3  1 
ATOM 1163 H HG2  . LYS A 1 70 ? 13.217  9.611   -9.357  1.00 4.38  ? 70 LYS A HG2  1 
ATOM 1164 H HG3  . LYS A 1 70 ? 12.176  8.202   -9.563  1.00 4.33  ? 70 LYS A HG3  1 
ATOM 1165 H HD2  . LYS A 1 70 ? 11.215  11.006  -10.154 1.00 5.55  ? 70 LYS A HD2  1 
ATOM 1166 H HD3  . LYS A 1 70 ? 11.998  10.002  -11.375 1.00 5.54  ? 70 LYS A HD3  1 
ATOM 1167 H HE2  . LYS A 1 70 ? 9.665   8.933   -9.791  1.00 6.36  ? 70 LYS A HE2  1 
ATOM 1168 H HE3  . LYS A 1 70 ? 9.407   9.918   -11.245 1.00 6.06  ? 70 LYS A HE3  1 
ATOM 1169 H HZ1  . LYS A 1 70 ? 11.019  8.436   -12.393 1.00 7.33  ? 70 LYS A HZ1  1 
ATOM 1170 H HZ2  . LYS A 1 70 ? 11.000  7.421   -11.029 1.00 7.26  ? 70 LYS A HZ2  1 
ATOM 1171 H HZ3  . LYS A 1 70 ? 9.583   7.654   -11.932 1.00 7.12  ? 70 LYS A HZ3  1 
ATOM 1172 N N    . THR A 1 71 ? 12.595  9.940   -4.778  1.00 3.95  ? 71 THR A N    1 
ATOM 1173 C CA   . THR A 1 71 ? 12.144  10.351  -3.413  1.00 5.01  ? 71 THR A CA   1 
ATOM 1174 C C    . THR A 1 71 ? 12.774  11.693  -3.008  1.00 5.61  ? 71 THR A C    1 
ATOM 1175 O O    . THR A 1 71 ? 12.110  12.712  -2.981  1.00 6.47  ? 71 THR A O    1 
ATOM 1176 C CB   . THR A 1 71 ? 12.606  9.217   -2.486  1.00 5.44  ? 71 THR A CB   1 
ATOM 1177 O OG1  . THR A 1 71 ? 12.004  7.998   -2.902  1.00 5.42  ? 71 THR A OG1  1 
ATOM 1178 C CG2  . THR A 1 71 ? 12.188  9.524   -1.045  1.00 5.93  ? 71 THR A CG2  1 
ATOM 1179 H H    . THR A 1 71 ? 13.473  10.220  -5.109  1.00 3.90  ? 71 THR A H    1 
ATOM 1180 H HA   . THR A 1 71 ? 11.071  10.427  -3.384  1.00 5.35  ? 71 THR A HA   1 
ATOM 1181 H HB   . THR A 1 71 ? 13.679  9.121   -2.534  1.00 5.89  ? 71 THR A HB   1 
ATOM 1182 H HG1  . THR A 1 71 ? 12.690  7.328   -2.953  1.00 5.71  ? 71 THR A HG1  1 
ATOM 1183 H HG21 . THR A 1 71 ? 11.129  9.732   -1.015  1.00 6.26  ? 71 THR A HG21 1 
ATOM 1184 H HG22 . THR A 1 71 ? 12.406  8.674   -0.417  1.00 6.21  ? 71 THR A HG22 1 
ATOM 1185 H HG23 . THR A 1 71 ? 12.733  10.385  -0.689  1.00 6.03  ? 71 THR A HG23 1 
ATOM 1186 N N    . GLN A 1 72 ? 14.042  11.695  -2.685  1.00 5.42  ? 72 GLN A N    1 
ATOM 1187 C CA   . GLN A 1 72 ? 14.715  12.964  -2.270  1.00 6.19  ? 72 GLN A CA   1 
ATOM 1188 C C    . GLN A 1 72 ? 15.266  13.702  -3.495  1.00 6.29  ? 72 GLN A C    1 
ATOM 1189 O O    . GLN A 1 72 ? 15.776  13.096  -4.417  1.00 6.47  ? 72 GLN A O    1 
ATOM 1190 C CB   . GLN A 1 72 ? 15.847  12.511  -1.345  1.00 6.54  ? 72 GLN A CB   1 
ATOM 1191 C CG   . GLN A 1 72 ? 15.245  11.971  -0.048  1.00 6.95  ? 72 GLN A CG   1 
ATOM 1192 C CD   . GLN A 1 72 ? 16.340  11.341  0.816   1.00 7.58  ? 72 GLN A CD   1 
ATOM 1193 O OE1  . GLN A 1 72 ? 17.390  10.978  0.323   1.00 7.79  ? 72 GLN A OE1  1 
ATOM 1194 N NE2  . GLN A 1 72 ? 16.135  11.195  2.096   1.00 8.18  ? 72 GLN A NE2  1 
ATOM 1195 H H    . GLN A 1 72 ? 14.550  10.861  -2.709  1.00 4.96  ? 72 GLN A H    1 
ATOM 1196 H HA   . GLN A 1 72 ? 14.028  13.594  -1.728  1.00 6.73  ? 72 GLN A HA   1 
ATOM 1197 H HB2  . GLN A 1 72 ? 16.421  11.734  -1.831  1.00 6.20  ? 72 GLN A HB2  1 
ATOM 1198 H HB3  . GLN A 1 72 ? 16.490  13.350  -1.120  1.00 7.12  ? 72 GLN A HB3  1 
ATOM 1199 H HG2  . GLN A 1 72 ? 14.778  12.778  0.496   1.00 7.42  ? 72 GLN A HG2  1 
ATOM 1200 H HG3  . GLN A 1 72 ? 14.502  11.222  -0.284  1.00 6.61  ? 72 GLN A HG3  1 
ATOM 1201 H HE21 . GLN A 1 72 ? 15.287  11.487  2.492   1.00 8.22  ? 72 GLN A HE21 1 
ATOM 1202 H HE22 . GLN A 1 72 ? 16.827  10.794  2.661   1.00 8.74  ? 72 GLN A HE22 1 
ATOM 1203 N N    . THR A 1 73 ? 15.154  15.009  -3.512  1.00 6.50  ? 73 THR A N    1 
ATOM 1204 C CA   . THR A 1 73 ? 15.659  15.800  -4.677  1.00 6.91  ? 73 THR A CA   1 
ATOM 1205 C C    . THR A 1 73 ? 17.109  16.263  -4.424  1.00 6.82  ? 73 THR A C    1 
ATOM 1206 O O    . THR A 1 73 ? 17.352  17.016  -3.500  1.00 6.89  ? 73 THR A O    1 
ATOM 1207 C CB   . THR A 1 73 ? 14.727  17.015  -4.780  1.00 7.60  ? 73 THR A CB   1 
ATOM 1208 O OG1  . THR A 1 73 ? 14.866  17.825  -3.617  1.00 7.83  ? 73 THR A OG1  1 
ATOM 1209 C CG2  . THR A 1 73 ? 13.267  16.561  -4.930  1.00 8.06  ? 73 THR A CG2  1 
ATOM 1210 H H    . THR A 1 73 ? 14.733  15.471  -2.758  1.00 6.61  ? 73 THR A H    1 
ATOM 1211 H HA   . THR A 1 73 ? 15.596  15.214  -5.578  1.00 7.11  ? 73 THR A HA   1 
ATOM 1212 H HB   . THR A 1 73 ? 15.003  17.593  -5.646  1.00 7.90  ? 73 THR A HB   1 
ATOM 1213 H HG1  . THR A 1 73 ? 14.374  17.415  -2.902  1.00 8.19  ? 73 THR A HG1  1 
ATOM 1214 H HG21 . THR A 1 73 ? 13.086  15.702  -4.303  1.00 8.10  ? 73 THR A HG21 1 
ATOM 1215 H HG22 . THR A 1 73 ? 12.609  17.367  -4.636  1.00 8.29  ? 73 THR A HG22 1 
ATOM 1216 H HG23 . THR A 1 73 ? 13.077  16.301  -5.961  1.00 8.37  ? 73 THR A HG23 1 
ATOM 1217 N N    . PRO A 1 74 ? 18.038  15.808  -5.247  1.00 6.98  ? 74 PRO A N    1 
ATOM 1218 C CA   . PRO A 1 74 ? 19.457  16.207  -5.068  1.00 7.22  ? 74 PRO A CA   1 
ATOM 1219 C C    . PRO A 1 74 ? 19.699  17.624  -5.603  1.00 7.89  ? 74 PRO A C    1 
ATOM 1220 O O    . PRO A 1 74 ? 20.443  17.823  -6.545  1.00 8.39  ? 74 PRO A O    1 
ATOM 1221 C CB   . PRO A 1 74 ? 20.228  15.185  -5.896  1.00 7.57  ? 74 PRO A CB   1 
ATOM 1222 C CG   . PRO A 1 74 ? 19.265  14.711  -6.939  1.00 7.81  ? 74 PRO A CG   1 
ATOM 1223 C CD   . PRO A 1 74 ? 17.870  14.897  -6.393  1.00 7.32  ? 74 PRO A CD   1 
ATOM 1224 H HA   . PRO A 1 74 ? 19.746  16.135  -4.033  1.00 6.96  ? 74 PRO A HA   1 
ATOM 1225 H HB2  . PRO A 1 74 ? 21.086  15.654  -6.360  1.00 8.12  ? 74 PRO A HB2  1 
ATOM 1226 H HB3  . PRO A 1 74 ? 20.539  14.358  -5.278  1.00 7.35  ? 74 PRO A HB3  1 
ATOM 1227 H HG2  . PRO A 1 74 ? 19.389  15.291  -7.842  1.00 8.41  ? 74 PRO A HG2  1 
ATOM 1228 H HG3  . PRO A 1 74 ? 19.435  13.666  -7.146  1.00 7.96  ? 74 PRO A HG3  1 
ATOM 1229 H HD2  . PRO A 1 74 ? 17.229  15.342  -7.143  1.00 7.77  ? 74 PRO A HD2  1 
ATOM 1230 H HD3  . PRO A 1 74 ? 17.466  13.954  -6.060  1.00 7.02  ? 74 PRO A HD3  1 
ATOM 1231 N N    . LYS A 1 75 ? 19.081  18.608  -5.001  1.00 8.14  ? 75 LYS A N    1 
ATOM 1232 C CA   . LYS A 1 75 ? 19.281  20.017  -5.466  1.00 8.96  ? 75 LYS A CA   1 
ATOM 1233 C C    . LYS A 1 75 ? 20.654  20.522  -5.009  1.00 9.45  ? 75 LYS A C    1 
ATOM 1234 O O    . LYS A 1 75 ? 21.161  20.110  -3.982  1.00 10.09 ? 75 LYS A O    1 
ATOM 1235 C CB   . LYS A 1 75 ? 18.158  20.819  -4.797  1.00 9.33  ? 75 LYS A CB   1 
ATOM 1236 C CG   . LYS A 1 75 ? 16.800  20.268  -5.241  1.00 9.55  ? 75 LYS A CG   1 
ATOM 1237 C CD   . LYS A 1 75 ? 15.675  21.061  -4.569  1.00 10.22 ? 75 LYS A CD   1 
ATOM 1238 C CE   . LYS A 1 75 ? 14.323  20.503  -5.019  1.00 10.92 ? 75 LYS A CE   1 
ATOM 1239 N NZ   . LYS A 1 75 ? 13.430  20.634  -3.833  1.00 11.38 ? 75 LYS A NZ   1 
ATOM 1240 H H    . LYS A 1 75 ? 18.492  18.421  -4.242  1.00 7.94  ? 75 LYS A H    1 
ATOM 1241 H HA   . LYS A 1 75 ? 19.192  20.076  -6.539  1.00 9.17  ? 75 LYS A HA   1 
ATOM 1242 H HB2  . LYS A 1 75 ? 18.245  20.737  -3.725  1.00 9.36  ? 75 LYS A HB2  1 
ATOM 1243 H HB3  . LYS A 1 75 ? 18.235  21.857  -5.087  1.00 9.68  ? 75 LYS A HB3  1 
ATOM 1244 H HG2  . LYS A 1 75 ? 16.711  20.360  -6.316  1.00 9.65  ? 75 LYS A HG2  1 
ATOM 1245 H HG3  . LYS A 1 75 ? 16.726  19.230  -4.962  1.00 9.39  ? 75 LYS A HG3  1 
ATOM 1246 H HD2  . LYS A 1 75 ? 15.763  20.966  -3.494  1.00 10.34 ? 75 LYS A HD2  1 
ATOM 1247 H HD3  . LYS A 1 75 ? 15.746  22.100  -4.847  1.00 10.31 ? 75 LYS A HD3  1 
ATOM 1248 H HE2  . LYS A 1 75 ? 13.936  21.081  -5.847  1.00 11.21 ? 75 LYS A HE2  1 
ATOM 1249 H HE3  . LYS A 1 75 ? 14.418  19.465  -5.297  1.00 10.99 ? 75 LYS A HE3  1 
ATOM 1250 H HZ1  . LYS A 1 75 ? 13.423  21.622  -3.513  1.00 11.41 ? 75 LYS A HZ1  1 
ATOM 1251 H HZ2  . LYS A 1 75 ? 12.466  20.349  -4.094  1.00 11.80 ? 75 LYS A HZ2  1 
ATOM 1252 H HZ3  . LYS A 1 75 ? 13.779  20.022  -3.067  1.00 11.42 ? 75 LYS A HZ3  1 
ATOM 1253 N N    . LEU A 1 76 ? 21.259  21.407  -5.762  1.00 9.37  ? 76 LEU A N    1 
ATOM 1254 C CA   . LEU A 1 76 ? 22.598  21.935  -5.368  1.00 10.06 ? 76 LEU A CA   1 
ATOM 1255 C C    . LEU A 1 76 ? 22.640  23.456  -5.549  1.00 9.95  ? 76 LEU A C    1 
ATOM 1256 O O    . LEU A 1 76 ? 22.497  24.154  -4.559  1.00 10.02 ? 76 LEU A O    1 
ATOM 1257 C CB   . LEU A 1 76 ? 23.595  21.245  -6.308  1.00 10.44 ? 76 LEU A CB   1 
ATOM 1258 C CG   . LEU A 1 76 ? 25.021  21.715  -5.994  1.00 11.27 ? 76 LEU A CG   1 
ATOM 1259 C CD1  . LEU A 1 76 ? 25.453  21.192  -4.620  1.00 11.87 ? 76 LEU A CD1  1 
ATOM 1260 C CD2  . LEU A 1 76 ? 25.980  21.178  -7.059  1.00 11.70 ? 76 LEU A CD2  1 
ATOM 1261 O OXT  . LEU A 1 76 ? 22.815  23.894  -6.674  1.00 10.02 ? 76 LEU A OXT  1 
ATOM 1262 H H    . LEU A 1 76 ? 20.831  21.723  -6.585  1.00 9.00  ? 76 LEU A H    1 
ATOM 1263 H HA   . LEU A 1 76 ? 22.814  21.673  -4.346  1.00 10.58 ? 76 LEU A HA   1 
ATOM 1264 H HB2  . LEU A 1 76 ? 23.531  20.175  -6.175  1.00 10.28 ? 76 LEU A HB2  1 
ATOM 1265 H HB3  . LEU A 1 76 ? 23.353  21.494  -7.331  1.00 10.52 ? 76 LEU A HB3  1 
ATOM 1266 H HG   . LEU A 1 76 ? 25.051  22.795  -5.993  1.00 11.36 ? 76 LEU A HG   1 
ATOM 1267 H HD11 . LEU A 1 76 ? 24.694  21.421  -3.889  1.00 12.15 ? 76 LEU A HD11 1 
ATOM 1268 H HD12 . LEU A 1 76 ? 25.592  20.123  -4.669  1.00 12.10 ? 76 LEU A HD12 1 
ATOM 1269 H HD13 . LEU A 1 76 ? 26.382  21.661  -4.332  1.00 11.98 ? 76 LEU A HD13 1 
ATOM 1270 H HD21 . LEU A 1 76 ? 25.504  21.221  -8.028  1.00 11.85 ? 76 LEU A HD21 1 
ATOM 1271 H HD22 . LEU A 1 76 ? 26.877  21.779  -7.072  1.00 11.89 ? 76 LEU A HD22 1 
ATOM 1272 H HD23 . LEU A 1 76 ? 26.236  20.154  -6.829  1.00 11.87 ? 76 LEU A HD23 1 
# 
